data_2X7O
#
_entry.id   2X7O
#
_cell.length_a   179.929
_cell.length_b   246.561
_cell.length_c   131.617
_cell.angle_alpha   90.00
_cell.angle_beta   90.00
_cell.angle_gamma   90.00
#
_symmetry.space_group_name_H-M   'C 2 2 21'
#
loop_
_entity.id
_entity.type
_entity.pdbx_description
1 polymer 'TGF-BETA RECEPTOR TYPE I'
2 non-polymer (3Z)-N-ETHYL-N-METHYL-2-OXO-3-(PHENYL{[4-(PIPERIDIN-1-YLMETHYL)PHENYL]AMINO}METHYLIDENE)-2,3-DIHYDRO-1H-INDOLE-6-CARBOXAMIDE
#
_entity_poly.entity_id   1
_entity_poly.type   'polypeptide(L)'
_entity_poly.pdbx_seq_one_letter_code
;EDPSLDRPFISEGTTLKDLIYDMTTSGSGSGLPLLVQRTIARTIVLQESIGKGRFGEVWRGKWRGEEVAVKIFSSREERS
WFREAEIYQTVMLRHENILGFIAADNKDNGTWTQLWLVSDYHEHGSLFDYLNRYTVTVEGMIKLALSTASGLAHLHMEIV
GTQGKPAIAHRDLKSKNILVKKNGTCCIADLGLAVRHDSATDTIDIAPNHRVGTKRYMAPEVLDDSINMKHFESFKRADI
YAMGLVFWEIARRCSIGGIHEDYQLPYYDLVPSDPSVEEMRKVVCEQKLRPNIPNRWQSCEALRVMAKIMRECWYANGAA
RLTALRIKKTLSQLSQQEGIKM
;
_entity_poly.pdbx_strand_id   A,B,C,D,E
#
# COMPACT_ATOMS: atom_id res chain seq x y z
N ILE A 10 5.96 0.39 27.17
CA ILE A 10 4.67 0.09 27.79
C ILE A 10 4.32 1.18 28.82
N SER A 11 3.16 1.83 28.63
CA SER A 11 2.67 2.91 29.49
C SER A 11 2.15 2.41 30.85
N GLU A 12 1.99 3.33 31.82
CA GLU A 12 1.51 3.06 33.17
C GLU A 12 0.04 2.64 33.18
N GLY A 13 -0.27 1.64 34.00
CA GLY A 13 -1.63 1.11 34.14
C GLY A 13 -1.95 -0.07 33.25
N THR A 14 -1.06 -0.37 32.28
CA THR A 14 -1.23 -1.47 31.32
C THR A 14 -1.01 -2.82 32.01
N THR A 15 -1.95 -3.76 31.81
CA THR A 15 -1.90 -5.11 32.38
C THR A 15 -1.74 -6.18 31.30
N LEU A 16 -1.34 -7.41 31.69
CA LEU A 16 -1.15 -8.55 30.79
C LEU A 16 -2.45 -8.94 30.08
N LYS A 17 -3.60 -8.86 30.79
CA LYS A 17 -4.93 -9.17 30.26
C LYS A 17 -5.33 -8.19 29.15
N ASP A 18 -4.90 -6.92 29.26
CA ASP A 18 -5.14 -5.88 28.25
C ASP A 18 -4.27 -6.10 27.02
N LEU A 19 -3.03 -6.60 27.22
CA LEU A 19 -2.05 -6.88 26.15
C LEU A 19 -2.50 -8.04 25.26
N ILE A 20 -3.22 -9.03 25.83
CA ILE A 20 -3.76 -10.20 25.11
C ILE A 20 -4.80 -9.71 24.09
N TYR A 21 -5.66 -8.75 24.50
CA TYR A 21 -6.70 -8.13 23.67
C TYR A 21 -6.08 -7.31 22.53
N ASP A 22 -4.95 -6.62 22.80
CA ASP A 22 -4.23 -5.78 21.84
C ASP A 22 -3.65 -6.53 20.64
N MET A 23 -3.29 -7.81 20.83
CA MET A 23 -2.73 -8.66 19.77
C MET A 23 -3.75 -9.59 19.07
N THR A 24 -4.77 -10.04 19.81
CA THR A 24 -5.82 -10.94 19.29
C THR A 24 -6.80 -10.20 18.36
N THR A 25 -7.28 -9.01 18.78
CA THR A 25 -8.24 -8.21 18.02
C THR A 25 -7.57 -7.23 17.02
N SER A 26 -6.24 -7.32 16.86
CA SER A 26 -5.46 -6.47 15.95
C SER A 26 -5.71 -6.84 14.47
N GLY A 27 -5.28 -5.97 13.56
CA GLY A 27 -5.40 -6.15 12.11
C GLY A 27 -4.75 -7.42 11.63
N SER A 28 -3.53 -7.69 12.12
CA SER A 28 -2.76 -8.90 11.85
C SER A 28 -2.76 -9.76 13.11
N GLY A 29 -3.17 -11.02 12.96
CA GLY A 29 -3.26 -11.99 14.06
C GLY A 29 -1.94 -12.49 14.62
N SER A 30 -0.84 -11.77 14.36
CA SER A 30 0.50 -12.10 14.84
C SER A 30 0.73 -11.61 16.29
N GLY A 31 1.91 -11.91 16.84
CA GLY A 31 2.29 -11.53 18.19
C GLY A 31 2.55 -10.05 18.41
N LEU A 32 2.87 -9.68 19.66
CA LEU A 32 3.17 -8.32 20.10
C LEU A 32 4.47 -7.77 19.43
N PRO A 33 4.63 -6.44 19.26
CA PRO A 33 5.87 -5.92 18.61
C PRO A 33 7.17 -6.33 19.30
N LEU A 34 8.26 -6.45 18.51
CA LEU A 34 9.60 -6.86 18.94
C LEU A 34 10.16 -6.07 20.12
N LEU A 35 9.91 -4.74 20.16
CA LEU A 35 10.35 -3.86 21.24
C LEU A 35 9.52 -4.10 22.51
N VAL A 36 8.21 -4.38 22.34
CA VAL A 36 7.26 -4.65 23.43
C VAL A 36 7.59 -6.01 24.06
N GLN A 37 7.89 -7.04 23.22
CA GLN A 37 8.27 -8.39 23.64
C GLN A 37 9.55 -8.39 24.49
N ARG A 38 10.52 -7.53 24.13
CA ARG A 38 11.79 -7.36 24.82
C ARG A 38 11.58 -6.72 26.20
N THR A 39 10.60 -5.79 26.30
CA THR A 39 10.25 -5.07 27.53
C THR A 39 9.58 -6.01 28.54
N ILE A 40 8.61 -6.85 28.10
CA ILE A 40 7.87 -7.80 28.94
C ILE A 40 8.81 -8.78 29.64
N ALA A 41 9.67 -9.48 28.87
CA ALA A 41 10.64 -10.48 29.35
C ALA A 41 11.64 -9.94 30.39
N ARG A 42 12.02 -8.66 30.27
CA ARG A 42 12.97 -8.00 31.18
C ARG A 42 12.28 -7.33 32.38
N THR A 43 10.95 -7.52 32.52
CA THR A 43 10.13 -6.96 33.61
C THR A 43 9.52 -8.08 34.48
N ILE A 44 9.46 -9.33 33.96
CA ILE A 44 8.91 -10.50 34.64
C ILE A 44 9.73 -10.86 35.90
N VAL A 45 9.05 -10.91 37.05
CA VAL A 45 9.65 -11.26 38.34
C VAL A 45 9.46 -12.77 38.53
N LEU A 46 10.58 -13.54 38.50
CA LEU A 46 10.57 -14.99 38.65
C LEU A 46 10.24 -15.39 40.09
N GLN A 47 9.24 -16.26 40.26
CA GLN A 47 8.78 -16.71 41.58
C GLN A 47 9.39 -18.05 41.98
N GLU A 48 9.14 -19.13 41.19
CA GLU A 48 9.63 -20.49 41.45
C GLU A 48 9.67 -21.36 40.19
N SER A 49 10.49 -22.42 40.21
CA SER A 49 10.61 -23.38 39.11
C SER A 49 9.40 -24.32 39.15
N ILE A 50 8.58 -24.29 38.10
CA ILE A 50 7.33 -25.07 38.01
C ILE A 50 7.49 -26.51 37.47
N GLY A 51 8.39 -26.69 36.51
CA GLY A 51 8.65 -28.00 35.90
C GLY A 51 9.77 -28.02 34.88
N LYS A 52 9.99 -29.20 34.26
CA LYS A 52 11.03 -29.42 33.25
C LYS A 52 10.63 -30.50 32.24
N GLY A 53 11.05 -30.31 30.98
CA GLY A 53 10.80 -31.23 29.89
C GLY A 53 12.08 -31.69 29.23
N ARG A 54 12.07 -31.87 27.90
CA ARG A 54 13.26 -32.30 27.14
C ARG A 54 14.18 -31.13 26.77
N PHE A 55 13.61 -29.93 26.58
CA PHE A 55 14.35 -28.72 26.25
C PHE A 55 13.99 -27.57 27.21
N GLY A 56 15.00 -27.03 27.88
CA GLY A 56 14.86 -25.93 28.83
C GLY A 56 14.14 -26.28 30.11
N GLU A 57 13.82 -25.25 30.91
CA GLU A 57 13.12 -25.38 32.19
C GLU A 57 12.00 -24.34 32.31
N VAL A 58 10.80 -24.77 32.69
CA VAL A 58 9.64 -23.90 32.84
C VAL A 58 9.60 -23.31 34.26
N TRP A 59 9.45 -21.98 34.34
CA TRP A 59 9.42 -21.21 35.58
C TRP A 59 8.14 -20.36 35.69
N ARG A 60 7.65 -20.17 36.93
CA ARG A 60 6.47 -19.35 37.21
C ARG A 60 6.93 -17.92 37.46
N GLY A 61 6.48 -17.01 36.60
CA GLY A 61 6.82 -15.59 36.68
C GLY A 61 5.62 -14.69 36.95
N LYS A 62 5.88 -13.41 37.26
CA LYS A 62 4.84 -12.42 37.54
C LYS A 62 5.13 -11.07 36.88
N TRP A 63 4.30 -10.71 35.89
CA TRP A 63 4.41 -9.43 35.18
C TRP A 63 3.31 -8.50 35.66
N ARG A 64 3.69 -7.45 36.41
CA ARG A 64 2.81 -6.44 37.00
C ARG A 64 1.71 -7.03 37.91
N GLY A 65 2.08 -8.03 38.71
CA GLY A 65 1.20 -8.72 39.64
C GLY A 65 0.57 -10.00 39.09
N GLU A 66 0.17 -9.98 37.80
CA GLU A 66 -0.46 -11.11 37.11
C GLU A 66 0.52 -12.27 36.89
N GLU A 67 0.03 -13.51 37.10
CA GLU A 67 0.81 -14.74 36.92
C GLU A 67 1.09 -15.03 35.45
N VAL A 68 2.33 -15.46 35.15
CA VAL A 68 2.78 -15.76 33.79
C VAL A 68 3.76 -16.98 33.75
N ALA A 69 3.84 -17.67 32.60
CA ALA A 69 4.72 -18.82 32.41
C ALA A 69 5.93 -18.45 31.56
N VAL A 70 7.15 -18.79 32.03
CA VAL A 70 8.42 -18.49 31.37
C VAL A 70 9.25 -19.76 31.17
N LYS A 71 9.69 -20.03 29.92
CA LYS A 71 10.51 -21.18 29.57
C LYS A 71 11.94 -20.72 29.28
N ILE A 72 12.87 -20.98 30.22
CA ILE A 72 14.27 -20.59 30.10
C ILE A 72 15.09 -21.70 29.43
N PHE A 73 15.53 -21.44 28.19
CA PHE A 73 16.33 -22.37 27.38
C PHE A 73 17.82 -22.16 27.60
N SER A 74 18.60 -23.25 27.54
CA SER A 74 20.06 -23.21 27.68
C SER A 74 20.70 -22.70 26.38
N SER A 75 21.96 -22.23 26.46
CA SER A 75 22.72 -21.71 25.31
C SER A 75 22.98 -22.77 24.23
N ARG A 76 23.12 -24.04 24.65
CA ARG A 76 23.37 -25.19 23.77
C ARG A 76 22.14 -25.55 22.94
N GLU A 77 20.93 -25.47 23.53
CA GLU A 77 19.66 -25.79 22.87
C GLU A 77 18.98 -24.56 22.23
N GLU A 78 19.74 -23.83 21.39
CA GLU A 78 19.27 -22.65 20.66
C GLU A 78 18.30 -23.01 19.53
N ARG A 79 18.43 -24.23 18.97
CA ARG A 79 17.61 -24.77 17.88
C ARG A 79 16.15 -24.95 18.33
N SER A 80 15.95 -25.45 19.56
CA SER A 80 14.63 -25.69 20.16
C SER A 80 13.91 -24.39 20.50
N TRP A 81 14.68 -23.36 20.91
CA TRP A 81 14.15 -22.03 21.25
C TRP A 81 13.66 -21.29 20.01
N PHE A 82 14.47 -21.25 18.94
CA PHE A 82 14.13 -20.57 17.68
C PHE A 82 12.95 -21.21 16.96
N ARG A 83 12.92 -22.56 16.87
CA ARG A 83 11.86 -23.31 16.21
C ARG A 83 10.48 -23.03 16.82
N GLU A 84 10.40 -22.97 18.16
CA GLU A 84 9.16 -22.67 18.89
C GLU A 84 8.77 -21.21 18.71
N ALA A 85 9.75 -20.28 18.80
CA ALA A 85 9.54 -18.83 18.64
C ALA A 85 9.07 -18.45 17.24
N GLU A 86 9.62 -19.10 16.19
CA GLU A 86 9.26 -18.85 14.79
C GLU A 86 7.86 -19.36 14.47
N ILE A 87 7.48 -20.52 15.05
CA ILE A 87 6.16 -21.13 14.88
C ILE A 87 5.07 -20.34 15.62
N TYR A 88 5.37 -19.86 16.84
CA TYR A 88 4.42 -19.07 17.63
C TYR A 88 4.21 -17.63 17.12
N GLN A 89 5.20 -17.07 16.39
CA GLN A 89 5.13 -15.70 15.88
C GLN A 89 4.64 -15.56 14.43
N THR A 90 5.57 -15.64 13.46
CA THR A 90 5.37 -15.45 12.01
C THR A 90 4.54 -16.53 11.28
N VAL A 91 3.24 -16.68 11.65
CA VAL A 91 2.28 -17.61 11.00
C VAL A 91 0.85 -17.09 11.01
N MET A 92 0.42 -16.51 12.16
CA MET A 92 -0.94 -16.05 12.48
C MET A 92 -1.77 -17.32 12.84
N LEU A 93 -1.68 -17.74 14.13
CA LEU A 93 -2.30 -18.98 14.61
C LEU A 93 -3.14 -18.87 15.91
N ARG A 94 -3.29 -17.64 16.46
CA ARG A 94 -4.01 -17.32 17.70
C ARG A 94 -5.40 -17.98 17.80
N HIS A 95 -5.44 -19.15 18.47
CA HIS A 95 -6.64 -19.95 18.68
C HIS A 95 -6.87 -20.21 20.17
N GLU A 96 -8.15 -20.41 20.57
CA GLU A 96 -8.59 -20.67 21.95
C GLU A 96 -7.97 -21.96 22.51
N ASN A 97 -7.82 -23.00 21.67
CA ASN A 97 -7.26 -24.29 22.05
C ASN A 97 -5.75 -24.44 21.74
N ILE A 98 -5.05 -23.29 21.59
CA ILE A 98 -3.60 -23.21 21.36
C ILE A 98 -3.01 -22.29 22.43
N LEU A 99 -1.87 -22.70 23.03
CA LEU A 99 -1.15 -21.98 24.09
C LEU A 99 -0.90 -20.51 23.71
N GLY A 100 -1.44 -19.62 24.53
CA GLY A 100 -1.34 -18.18 24.35
C GLY A 100 0.05 -17.62 24.54
N PHE A 101 0.79 -17.47 23.42
CA PHE A 101 2.14 -16.94 23.39
C PHE A 101 2.16 -15.43 23.67
N ILE A 102 3.16 -14.96 24.43
CA ILE A 102 3.32 -13.55 24.80
C ILE A 102 4.61 -12.93 24.25
N ALA A 103 5.79 -13.46 24.64
CA ALA A 103 7.08 -12.92 24.21
C ALA A 103 8.21 -13.95 24.04
N ALA A 104 9.25 -13.57 23.28
CA ALA A 104 10.47 -14.34 23.01
C ALA A 104 11.64 -13.35 22.99
N ASP A 105 12.66 -13.60 23.85
CA ASP A 105 13.80 -12.68 23.96
C ASP A 105 15.14 -13.37 24.26
N ASN A 106 16.22 -12.83 23.67
CA ASN A 106 17.60 -13.25 23.87
C ASN A 106 18.33 -12.14 24.65
N LYS A 107 18.78 -12.45 25.88
CA LYS A 107 19.42 -11.49 26.78
C LYS A 107 20.91 -11.26 26.54
N ASP A 108 21.75 -12.30 26.73
CA ASP A 108 23.20 -12.20 26.57
C ASP A 108 23.74 -12.84 25.28
N ASN A 109 25.08 -13.01 25.17
CA ASN A 109 25.77 -13.58 24.01
C ASN A 109 26.89 -14.55 24.42
N GLY A 110 27.08 -15.59 23.60
CA GLY A 110 28.11 -16.60 23.80
C GLY A 110 27.65 -17.84 24.53
N THR A 111 28.44 -18.28 25.54
CA THR A 111 28.18 -19.47 26.35
C THR A 111 27.13 -19.17 27.45
N TRP A 112 27.05 -17.90 27.89
CA TRP A 112 26.12 -17.45 28.93
C TRP A 112 24.87 -16.77 28.36
N THR A 113 24.43 -17.21 27.17
CA THR A 113 23.25 -16.69 26.47
C THR A 113 21.96 -17.15 27.17
N GLN A 114 21.07 -16.19 27.48
CA GLN A 114 19.78 -16.45 28.11
C GLN A 114 18.68 -16.39 27.05
N LEU A 115 17.99 -17.51 26.84
CA LEU A 115 16.91 -17.62 25.86
C LEU A 115 15.59 -17.80 26.60
N TRP A 116 14.70 -16.81 26.50
CA TRP A 116 13.40 -16.79 27.17
C TRP A 116 12.21 -16.94 26.23
N LEU A 117 11.17 -17.64 26.70
CA LEU A 117 9.92 -17.89 25.96
C LEU A 117 8.76 -17.73 26.93
N VAL A 118 7.95 -16.68 26.72
CA VAL A 118 6.82 -16.30 27.58
C VAL A 118 5.47 -16.74 26.98
N SER A 119 4.62 -17.35 27.83
CA SER A 119 3.27 -17.82 27.49
C SER A 119 2.33 -17.75 28.71
N ASP A 120 1.02 -18.04 28.51
CA ASP A 120 0.00 -18.01 29.55
C ASP A 120 0.20 -19.09 30.62
N TYR A 121 -0.07 -18.75 31.89
CA TYR A 121 0.05 -19.65 33.03
C TYR A 121 -1.26 -20.34 33.36
N HIS A 122 -1.20 -21.66 33.63
CA HIS A 122 -2.37 -22.48 33.99
C HIS A 122 -2.08 -23.25 35.28
N GLU A 123 -2.88 -22.97 36.33
CA GLU A 123 -2.75 -23.54 37.67
C GLU A 123 -2.88 -25.06 37.75
N HIS A 124 -3.78 -25.64 36.92
CA HIS A 124 -4.04 -27.09 36.87
C HIS A 124 -2.85 -27.88 36.30
N GLY A 125 -2.10 -27.25 35.40
CA GLY A 125 -0.94 -27.86 34.76
C GLY A 125 -1.26 -28.70 33.55
N SER A 126 -0.38 -29.67 33.24
CA SER A 126 -0.53 -30.58 32.10
C SER A 126 -1.62 -31.62 32.35
N LEU A 127 -2.09 -32.28 31.26
CA LEU A 127 -3.11 -33.33 31.29
C LEU A 127 -2.64 -34.56 32.07
N PHE A 128 -1.31 -34.84 32.06
CA PHE A 128 -0.67 -35.94 32.77
C PHE A 128 -0.81 -35.76 34.28
N ASP A 129 -0.55 -34.55 34.79
CA ASP A 129 -0.64 -34.19 36.22
C ASP A 129 -2.10 -34.08 36.68
N TYR A 130 -2.99 -33.60 35.80
CA TYR A 130 -4.42 -33.40 36.09
C TYR A 130 -5.18 -34.72 36.21
N LEU A 131 -4.94 -35.66 35.26
CA LEU A 131 -5.60 -36.97 35.22
C LEU A 131 -5.15 -37.91 36.34
N ASN A 132 -3.86 -37.82 36.74
CA ASN A 132 -3.29 -38.62 37.82
C ASN A 132 -3.79 -38.17 39.19
N ARG A 133 -4.31 -36.93 39.29
CA ARG A 133 -4.81 -36.32 40.52
C ARG A 133 -6.34 -36.26 40.61
N TYR A 134 -7.03 -35.99 39.48
CA TYR A 134 -8.48 -35.85 39.43
C TYR A 134 -9.20 -36.85 38.54
N THR A 135 -10.50 -37.08 38.82
CA THR A 135 -11.41 -37.97 38.08
C THR A 135 -12.43 -37.11 37.33
N VAL A 136 -12.51 -37.27 36.00
CA VAL A 136 -13.40 -36.48 35.14
C VAL A 136 -14.83 -37.03 35.03
N THR A 137 -15.80 -36.15 34.76
CA THR A 137 -17.23 -36.45 34.57
C THR A 137 -17.50 -36.67 33.08
N VAL A 138 -18.72 -37.14 32.71
CA VAL A 138 -19.16 -37.40 31.33
C VAL A 138 -19.05 -36.14 30.46
N GLU A 139 -19.59 -34.99 30.95
CA GLU A 139 -19.57 -33.69 30.26
C GLU A 139 -18.13 -33.15 30.16
N GLY A 140 -17.34 -33.35 31.22
CA GLY A 140 -15.96 -32.92 31.31
C GLY A 140 -15.03 -33.64 30.35
N MET A 141 -15.26 -34.96 30.17
CA MET A 141 -14.50 -35.84 29.28
C MET A 141 -14.61 -35.38 27.81
N ILE A 142 -15.82 -34.96 27.39
CA ILE A 142 -16.09 -34.47 26.04
C ILE A 142 -15.38 -33.12 25.81
N LYS A 143 -15.44 -32.21 26.83
CA LYS A 143 -14.80 -30.89 26.79
C LYS A 143 -13.28 -30.95 26.58
N LEU A 144 -12.61 -31.93 27.22
CA LEU A 144 -11.15 -32.13 27.09
C LEU A 144 -10.81 -32.71 25.72
N ALA A 145 -11.63 -33.66 25.23
CA ALA A 145 -11.46 -34.32 23.93
C ALA A 145 -11.73 -33.39 22.75
N LEU A 146 -12.80 -32.57 22.83
CA LEU A 146 -13.20 -31.61 21.79
C LEU A 146 -12.13 -30.55 21.56
N SER A 147 -11.56 -30.02 22.67
CA SER A 147 -10.51 -29.00 22.67
C SER A 147 -9.20 -29.52 22.06
N THR A 148 -8.84 -30.79 22.34
CA THR A 148 -7.64 -31.45 21.81
C THR A 148 -7.82 -31.69 20.31
N ALA A 149 -9.05 -32.05 19.88
CA ALA A 149 -9.41 -32.28 18.49
C ALA A 149 -9.45 -30.96 17.69
N SER A 150 -10.01 -29.89 18.30
CA SER A 150 -10.11 -28.56 17.69
C SER A 150 -8.74 -27.87 17.59
N GLY A 151 -7.85 -28.17 18.53
CA GLY A 151 -6.50 -27.63 18.59
C GLY A 151 -5.64 -28.09 17.43
N LEU A 152 -5.62 -29.42 17.17
CA LEU A 152 -4.87 -30.01 16.06
C LEU A 152 -5.54 -29.73 14.71
N ALA A 153 -6.88 -29.45 14.71
CA ALA A 153 -7.65 -29.12 13.52
C ALA A 153 -7.21 -27.75 12.97
N HIS A 154 -6.87 -26.81 13.88
CA HIS A 154 -6.41 -25.47 13.54
C HIS A 154 -4.96 -25.53 13.03
N LEU A 155 -4.13 -26.41 13.63
CA LEU A 155 -2.72 -26.61 13.25
C LEU A 155 -2.59 -27.20 11.84
N HIS A 156 -3.41 -28.23 11.53
CA HIS A 156 -3.41 -28.89 10.22
C HIS A 156 -4.08 -28.06 9.12
N MET A 157 -4.95 -27.10 9.50
CA MET A 157 -5.67 -26.21 8.57
C MET A 157 -4.69 -25.23 7.92
N GLU A 158 -4.75 -25.13 6.58
CA GLU A 158 -3.90 -24.24 5.80
C GLU A 158 -4.75 -23.23 5.03
N ILE A 159 -4.50 -21.93 5.27
CA ILE A 159 -5.21 -20.83 4.61
C ILE A 159 -4.24 -20.23 3.58
N VAL A 160 -4.55 -20.39 2.29
CA VAL A 160 -3.72 -19.92 1.17
C VAL A 160 -4.15 -18.52 0.72
N GLY A 161 -3.18 -17.62 0.58
CA GLY A 161 -3.39 -16.25 0.15
C GLY A 161 -2.55 -15.22 0.88
N THR A 162 -1.30 -15.61 1.27
CA THR A 162 -0.31 -14.79 1.99
C THR A 162 -0.73 -14.42 3.42
N GLN A 163 -1.93 -13.84 3.59
CA GLN A 163 -2.50 -13.43 4.88
C GLN A 163 -2.85 -14.58 5.83
N GLY A 164 -2.97 -15.79 5.29
CA GLY A 164 -3.32 -16.99 6.05
C GLY A 164 -2.18 -17.62 6.82
N LYS A 165 -2.31 -18.92 7.14
CA LYS A 165 -1.31 -19.68 7.90
C LYS A 165 -0.90 -21.02 7.25
N PRO A 166 0.38 -21.44 7.36
CA PRO A 166 0.78 -22.73 6.76
C PRO A 166 0.35 -23.92 7.62
N ALA A 167 0.27 -25.12 7.01
CA ALA A 167 -0.11 -26.36 7.71
C ALA A 167 1.02 -26.83 8.61
N ILE A 168 0.73 -27.00 9.92
CA ILE A 168 1.72 -27.41 10.93
C ILE A 168 1.36 -28.76 11.57
N ALA A 169 2.34 -29.69 11.57
CA ALA A 169 2.23 -31.01 12.19
C ALA A 169 3.06 -31.01 13.48
N HIS A 170 2.44 -31.45 14.59
CA HIS A 170 3.06 -31.46 15.93
C HIS A 170 4.26 -32.39 16.10
N ARG A 171 4.20 -33.61 15.51
CA ARG A 171 5.23 -34.67 15.55
C ARG A 171 5.44 -35.36 16.92
N ASP A 172 5.14 -34.66 18.03
CA ASP A 172 5.28 -35.19 19.39
C ASP A 172 4.08 -34.82 20.27
N LEU A 173 2.98 -35.58 20.14
CA LEU A 173 1.77 -35.37 20.92
C LEU A 173 1.68 -36.35 22.10
N LYS A 174 1.52 -35.80 23.31
CA LYS A 174 1.41 -36.55 24.56
C LYS A 174 0.64 -35.77 25.63
N SER A 175 0.25 -36.47 26.73
CA SER A 175 -0.49 -35.89 27.86
C SER A 175 0.32 -34.80 28.57
N LYS A 176 1.66 -34.94 28.60
CA LYS A 176 2.59 -33.99 29.21
C LYS A 176 2.67 -32.68 28.42
N ASN A 177 2.51 -32.76 27.08
CA ASN A 177 2.57 -31.61 26.16
C ASN A 177 1.25 -30.84 26.05
N ILE A 178 0.12 -31.43 26.52
CA ILE A 178 -1.19 -30.79 26.49
C ILE A 178 -1.54 -30.25 27.88
N LEU A 179 -1.78 -28.93 27.97
CA LEU A 179 -2.13 -28.23 29.21
C LEU A 179 -3.63 -28.00 29.33
N VAL A 180 -4.15 -27.99 30.57
CA VAL A 180 -5.57 -27.78 30.85
C VAL A 180 -5.83 -26.41 31.53
N LYS A 181 -6.78 -25.64 30.97
CA LYS A 181 -7.18 -24.31 31.44
C LYS A 181 -8.03 -24.38 32.72
N LYS A 182 -8.34 -23.20 33.30
CA LYS A 182 -9.14 -23.03 34.52
C LYS A 182 -10.58 -23.52 34.38
N ASN A 183 -11.17 -23.40 33.17
CA ASN A 183 -12.54 -23.82 32.87
C ASN A 183 -12.66 -25.27 32.34
N GLY A 184 -11.59 -26.04 32.46
CA GLY A 184 -11.53 -27.44 32.03
C GLY A 184 -11.46 -27.60 30.52
N THR A 185 -10.66 -26.76 29.85
CA THR A 185 -10.46 -26.76 28.41
C THR A 185 -8.97 -27.00 28.10
N CYS A 186 -8.67 -27.80 27.07
CA CYS A 186 -7.30 -28.12 26.69
C CYS A 186 -6.67 -27.16 25.68
N CYS A 187 -5.36 -26.94 25.80
CA CYS A 187 -4.56 -26.10 24.92
C CYS A 187 -3.24 -26.80 24.56
N ILE A 188 -2.96 -26.89 23.25
CA ILE A 188 -1.75 -27.54 22.72
C ILE A 188 -0.51 -26.68 22.96
N ALA A 189 0.54 -27.28 23.55
CA ALA A 189 1.80 -26.61 23.86
C ALA A 189 3.04 -27.36 23.33
N ASP A 190 4.22 -26.70 23.39
CA ASP A 190 5.53 -27.19 22.95
C ASP A 190 5.57 -27.54 21.45
N LEU A 191 5.89 -26.54 20.62
CA LEU A 191 5.98 -26.68 19.16
C LEU A 191 7.43 -26.63 18.65
N GLY A 192 8.37 -27.05 19.51
CA GLY A 192 9.79 -27.09 19.20
C GLY A 192 10.20 -28.12 18.17
N LEU A 193 9.45 -29.24 18.11
CA LEU A 193 9.69 -30.35 17.19
C LEU A 193 8.73 -30.32 15.98
N ALA A 194 7.84 -29.31 15.91
CA ALA A 194 6.85 -29.14 14.86
C ALA A 194 7.43 -28.80 13.47
N VAL A 195 6.65 -29.08 12.40
CA VAL A 195 7.03 -28.87 11.00
C VAL A 195 5.97 -28.05 10.23
N ARG A 196 6.41 -26.95 9.56
CA ARG A 196 5.55 -26.07 8.75
C ARG A 196 5.50 -26.58 7.30
N HIS A 197 4.38 -26.31 6.60
CA HIS A 197 4.18 -26.73 5.20
C HIS A 197 3.28 -25.78 4.41
N ASP A 198 3.72 -25.41 3.20
CA ASP A 198 2.97 -24.54 2.28
C ASP A 198 2.64 -25.33 1.00
N SER A 199 1.34 -25.48 0.71
CA SER A 199 0.82 -26.23 -0.44
C SER A 199 1.10 -25.56 -1.80
N ALA A 200 1.25 -24.21 -1.81
CA ALA A 200 1.51 -23.42 -3.02
C ALA A 200 2.85 -23.73 -3.70
N THR A 201 3.87 -24.13 -2.91
CA THR A 201 5.22 -24.43 -3.40
C THR A 201 5.71 -25.86 -3.06
N ASP A 202 5.01 -26.55 -2.14
CA ASP A 202 5.32 -27.91 -1.65
C ASP A 202 6.74 -28.00 -1.07
N THR A 203 6.93 -27.36 0.09
CA THR A 203 8.21 -27.30 0.81
C THR A 203 8.01 -27.45 2.32
N ILE A 204 8.98 -28.10 2.99
CA ILE A 204 8.99 -28.32 4.44
C ILE A 204 10.30 -27.82 5.05
N ASP A 205 10.19 -26.92 6.05
CA ASP A 205 11.30 -26.25 6.74
C ASP A 205 12.37 -27.13 7.40
N ILE A 206 11.95 -28.27 8.00
CA ILE A 206 12.88 -29.18 8.68
C ILE A 206 13.70 -30.07 7.73
N ALA A 207 14.64 -30.84 8.31
CA ALA A 207 15.49 -31.81 7.61
C ALA A 207 14.91 -33.22 7.89
N PRO A 208 14.13 -33.81 6.95
CA PRO A 208 13.53 -35.13 7.25
C PRO A 208 14.43 -36.32 6.90
N ASN A 209 14.90 -37.03 7.95
CA ASN A 209 15.77 -38.21 7.85
C ASN A 209 15.75 -39.08 9.12
N HIS A 210 15.58 -38.45 10.29
CA HIS A 210 15.57 -39.13 11.59
C HIS A 210 14.23 -39.05 12.35
N ARG A 211 14.03 -39.97 13.31
CA ARG A 211 12.85 -40.07 14.17
C ARG A 211 12.88 -39.01 15.29
N VAL A 212 11.73 -38.38 15.56
CA VAL A 212 11.60 -37.34 16.60
C VAL A 212 10.43 -37.56 17.55
N GLY A 213 10.58 -37.11 18.80
CA GLY A 213 9.57 -37.20 19.84
C GLY A 213 9.72 -38.38 20.78
N THR A 214 8.69 -38.59 21.63
CA THR A 214 8.63 -39.67 22.61
C THR A 214 8.34 -41.00 21.89
N LYS A 215 9.13 -42.04 22.20
CA LYS A 215 9.03 -43.39 21.62
C LYS A 215 7.69 -44.07 21.92
N ARG A 216 7.10 -43.78 23.10
CA ARG A 216 5.83 -44.32 23.59
C ARG A 216 4.64 -43.89 22.72
N TYR A 217 4.69 -42.65 22.19
CA TYR A 217 3.62 -42.07 21.37
C TYR A 217 3.92 -42.09 19.85
N MET A 218 5.03 -42.74 19.45
CA MET A 218 5.45 -42.87 18.05
C MET A 218 4.55 -43.79 17.23
N ALA A 219 4.26 -43.37 15.98
CA ALA A 219 3.43 -44.11 15.02
C ALA A 219 4.15 -45.35 14.49
N PRO A 220 3.44 -46.46 14.12
CA PRO A 220 4.13 -47.65 13.61
C PRO A 220 4.97 -47.42 12.35
N GLU A 221 4.51 -46.52 11.44
CA GLU A 221 5.20 -46.16 10.20
C GLU A 221 6.56 -45.53 10.49
N VAL A 222 6.64 -44.73 11.58
CA VAL A 222 7.85 -44.05 12.06
C VAL A 222 8.81 -45.08 12.67
N LEU A 223 8.27 -46.02 13.47
CA LEU A 223 9.03 -47.08 14.16
C LEU A 223 9.73 -48.07 13.23
N ASP A 224 9.06 -48.52 12.15
CA ASP A 224 9.64 -49.48 11.20
C ASP A 224 10.23 -48.86 9.92
N ASP A 225 10.44 -47.52 9.92
CA ASP A 225 11.02 -46.71 8.82
C ASP A 225 10.27 -46.73 7.46
N SER A 226 8.99 -47.19 7.46
CA SER A 226 8.17 -47.24 6.24
C SER A 226 7.54 -45.88 5.89
N ILE A 227 7.60 -44.91 6.81
CA ILE A 227 7.05 -43.56 6.66
C ILE A 227 7.73 -42.76 5.53
N ASN A 228 6.93 -42.18 4.62
CA ASN A 228 7.43 -41.37 3.53
C ASN A 228 7.58 -39.93 4.04
N MET A 229 8.83 -39.55 4.36
CA MET A 229 9.18 -38.23 4.90
C MET A 229 9.05 -37.08 3.89
N LYS A 230 8.93 -37.41 2.58
CA LYS A 230 8.73 -36.44 1.50
C LYS A 230 7.28 -35.92 1.57
N HIS A 231 6.34 -36.83 1.88
CA HIS A 231 4.91 -36.56 2.03
C HIS A 231 4.65 -35.86 3.37
N PHE A 232 3.89 -34.75 3.36
CA PHE A 232 3.56 -34.04 4.59
C PHE A 232 2.35 -34.67 5.29
N GLU A 233 1.44 -35.30 4.53
CA GLU A 233 0.24 -35.97 5.05
C GLU A 233 0.57 -37.10 6.01
N SER A 234 1.74 -37.76 5.82
CA SER A 234 2.25 -38.83 6.67
C SER A 234 2.55 -38.33 8.09
N PHE A 235 3.02 -37.07 8.21
CA PHE A 235 3.30 -36.40 9.49
C PHE A 235 1.99 -36.01 10.17
N LYS A 236 0.98 -35.59 9.38
CA LYS A 236 -0.36 -35.21 9.84
C LYS A 236 -1.08 -36.44 10.44
N ARG A 237 -1.03 -37.57 9.72
CA ARG A 237 -1.63 -38.86 10.10
C ARG A 237 -0.97 -39.48 11.33
N ALA A 238 0.34 -39.20 11.53
CA ALA A 238 1.14 -39.70 12.67
C ALA A 238 0.67 -39.05 13.98
N ASP A 239 0.23 -37.77 13.89
CA ASP A 239 -0.28 -36.99 15.02
C ASP A 239 -1.66 -37.50 15.46
N ILE A 240 -2.46 -38.01 14.50
CA ILE A 240 -3.80 -38.57 14.71
C ILE A 240 -3.71 -39.83 15.61
N TYR A 241 -2.71 -40.69 15.33
CA TYR A 241 -2.44 -41.92 16.10
C TYR A 241 -2.02 -41.55 17.53
N ALA A 242 -1.18 -40.51 17.67
CA ALA A 242 -0.69 -40.00 18.96
C ALA A 242 -1.82 -39.35 19.75
N MET A 243 -2.79 -38.72 19.06
CA MET A 243 -3.97 -38.09 19.66
C MET A 243 -4.94 -39.15 20.18
N GLY A 244 -4.97 -40.30 19.50
CA GLY A 244 -5.80 -41.46 19.86
C GLY A 244 -5.35 -42.11 21.16
N LEU A 245 -4.02 -42.10 21.42
CA LEU A 245 -3.41 -42.64 22.63
C LEU A 245 -3.73 -41.74 23.83
N VAL A 246 -3.81 -40.42 23.57
CA VAL A 246 -4.15 -39.38 24.55
C VAL A 246 -5.66 -39.51 24.88
N PHE A 247 -6.48 -39.79 23.85
CA PHE A 247 -7.93 -40.00 23.96
C PHE A 247 -8.28 -41.25 24.79
N TRP A 248 -7.38 -42.25 24.80
CA TRP A 248 -7.50 -43.51 25.54
C TRP A 248 -7.44 -43.28 27.06
N GLU A 249 -6.48 -42.44 27.51
CA GLU A 249 -6.29 -42.14 28.94
C GLU A 249 -7.32 -41.15 29.53
N ILE A 250 -7.91 -40.26 28.69
CA ILE A 250 -8.93 -39.28 29.10
C ILE A 250 -10.22 -40.01 29.50
N ALA A 251 -10.72 -40.90 28.61
CA ALA A 251 -11.93 -41.69 28.82
C ALA A 251 -11.76 -42.77 29.90
N ARG A 252 -10.50 -43.17 30.19
CA ARG A 252 -10.17 -44.16 31.21
C ARG A 252 -10.42 -43.64 32.62
N ARG A 253 -10.21 -42.32 32.84
CA ARG A 253 -10.43 -41.67 34.14
C ARG A 253 -11.86 -41.12 34.31
N CYS A 254 -12.72 -41.33 33.29
CA CYS A 254 -14.12 -40.91 33.31
C CYS A 254 -14.94 -41.84 34.23
N SER A 255 -15.53 -41.27 35.28
CA SER A 255 -16.32 -42.02 36.27
C SER A 255 -17.82 -41.80 36.10
N ILE A 256 -18.57 -42.91 35.93
CA ILE A 256 -20.03 -42.91 35.78
C ILE A 256 -20.63 -43.69 36.95
N GLY A 257 -20.68 -43.06 38.11
CA GLY A 257 -21.20 -43.63 39.34
C GLY A 257 -20.20 -44.46 40.12
N GLY A 258 -18.99 -43.93 40.27
CA GLY A 258 -17.90 -44.58 41.01
C GLY A 258 -16.94 -45.41 40.18
N ILE A 259 -17.43 -46.02 39.09
CA ILE A 259 -16.63 -46.87 38.20
C ILE A 259 -15.62 -46.11 37.32
N HIS A 260 -14.31 -46.22 37.68
CA HIS A 260 -13.19 -45.60 36.98
C HIS A 260 -11.89 -46.38 37.20
N GLU A 261 -10.97 -46.32 36.22
CA GLU A 261 -9.69 -47.03 36.25
C GLU A 261 -8.54 -46.10 36.68
N ASP A 262 -7.47 -46.70 37.24
CA ASP A 262 -6.26 -45.98 37.69
C ASP A 262 -5.49 -45.44 36.48
N TYR A 263 -4.99 -44.19 36.57
CA TYR A 263 -4.25 -43.53 35.49
C TYR A 263 -2.92 -44.20 35.17
N GLN A 264 -2.77 -44.62 33.91
CA GLN A 264 -1.57 -45.26 33.37
C GLN A 264 -1.32 -44.80 31.94
N LEU A 265 -0.04 -44.68 31.55
CA LEU A 265 0.39 -44.24 30.22
C LEU A 265 0.15 -45.36 29.17
N PRO A 266 -0.02 -45.05 27.86
CA PRO A 266 -0.24 -46.11 26.87
C PRO A 266 0.91 -47.12 26.79
N TYR A 267 0.57 -48.42 26.66
CA TYR A 267 1.50 -49.57 26.61
C TYR A 267 2.29 -49.72 27.92
N TYR A 268 1.64 -49.46 29.08
CA TYR A 268 2.24 -49.57 30.41
C TYR A 268 2.51 -51.03 30.79
N ASP A 269 1.63 -51.93 30.34
CA ASP A 269 1.70 -53.38 30.60
C ASP A 269 2.50 -54.12 29.51
N LEU A 270 2.80 -53.43 28.39
CA LEU A 270 3.54 -53.98 27.25
C LEU A 270 4.95 -53.40 27.07
N VAL A 271 5.21 -52.22 27.67
CA VAL A 271 6.50 -51.52 27.62
C VAL A 271 6.83 -50.82 28.96
N PRO A 272 8.09 -50.83 29.46
CA PRO A 272 8.40 -50.17 30.73
C PRO A 272 8.71 -48.67 30.60
N SER A 273 9.06 -48.01 31.72
CA SER A 273 9.40 -46.57 31.75
C SER A 273 10.68 -46.29 30.95
N ASP A 274 10.63 -45.25 30.10
CA ASP A 274 11.70 -44.83 29.17
C ASP A 274 12.06 -45.99 28.20
N PRO A 275 11.21 -46.25 27.16
CA PRO A 275 11.50 -47.38 26.26
C PRO A 275 12.40 -47.05 25.08
N SER A 276 13.06 -48.09 24.54
CA SER A 276 13.94 -47.99 23.37
C SER A 276 13.12 -48.16 22.07
N VAL A 277 13.76 -47.86 20.92
CA VAL A 277 13.14 -47.95 19.58
C VAL A 277 12.80 -49.41 19.24
N GLU A 278 13.72 -50.35 19.54
CA GLU A 278 13.57 -51.78 19.29
C GLU A 278 12.45 -52.43 20.13
N GLU A 279 12.31 -52.01 21.40
CA GLU A 279 11.29 -52.52 22.33
C GLU A 279 9.87 -52.12 21.92
N MET A 280 9.68 -50.87 21.48
CA MET A 280 8.38 -50.34 21.04
C MET A 280 7.96 -50.91 19.68
N ARG A 281 8.95 -51.30 18.84
CA ARG A 281 8.74 -51.87 17.51
C ARG A 281 8.14 -53.28 17.59
N LYS A 282 8.53 -54.06 18.62
CA LYS A 282 8.08 -55.43 18.85
C LYS A 282 6.59 -55.51 19.24
N VAL A 283 6.06 -54.45 19.88
CA VAL A 283 4.68 -54.37 20.36
C VAL A 283 3.73 -53.80 19.29
N VAL A 284 4.08 -52.63 18.72
CA VAL A 284 3.27 -51.92 17.73
C VAL A 284 3.37 -52.49 16.30
N CYS A 285 4.59 -52.73 15.80
CA CYS A 285 4.82 -53.21 14.43
C CYS A 285 4.79 -54.73 14.27
N GLU A 286 5.56 -55.47 15.10
CA GLU A 286 5.67 -56.93 15.02
C GLU A 286 4.41 -57.68 15.47
N GLN A 287 3.98 -57.48 16.72
CA GLN A 287 2.81 -58.15 17.31
C GLN A 287 1.47 -57.48 17.00
N LYS A 288 1.50 -56.21 16.50
CA LYS A 288 0.33 -55.39 16.16
C LYS A 288 -0.62 -55.12 17.34
N LEU A 289 -0.04 -55.05 18.57
CA LEU A 289 -0.78 -54.80 19.80
C LEU A 289 -1.09 -53.32 19.99
N ARG A 290 -2.31 -53.03 20.47
CA ARG A 290 -2.82 -51.67 20.72
C ARG A 290 -3.37 -51.54 22.16
N PRO A 291 -3.51 -50.31 22.74
CA PRO A 291 -4.03 -50.21 24.13
C PRO A 291 -5.41 -50.85 24.32
N ASN A 292 -5.56 -51.59 25.43
CA ASN A 292 -6.77 -52.32 25.79
C ASN A 292 -7.96 -51.42 26.08
N ILE A 293 -9.11 -51.72 25.46
CA ILE A 293 -10.37 -51.00 25.63
C ILE A 293 -11.30 -51.85 26.53
N PRO A 294 -11.48 -51.46 27.82
CA PRO A 294 -12.32 -52.27 28.73
C PRO A 294 -13.79 -52.41 28.34
N ASN A 295 -14.44 -53.47 28.86
CA ASN A 295 -15.83 -53.84 28.60
C ASN A 295 -16.87 -52.85 29.16
N ARG A 296 -16.52 -52.11 30.23
CA ARG A 296 -17.41 -51.13 30.88
C ARG A 296 -17.71 -49.89 30.00
N TRP A 297 -16.90 -49.66 28.96
CA TRP A 297 -16.99 -48.54 28.02
C TRP A 297 -18.20 -48.67 27.08
N GLN A 298 -18.80 -49.87 26.98
CA GLN A 298 -19.96 -50.15 26.13
C GLN A 298 -21.30 -49.76 26.80
N SER A 299 -21.26 -49.28 28.07
CA SER A 299 -22.43 -48.89 28.86
C SER A 299 -23.11 -47.61 28.36
N CYS A 300 -22.36 -46.48 28.28
CA CYS A 300 -22.89 -45.19 27.84
C CYS A 300 -22.43 -44.78 26.43
N GLU A 301 -23.16 -43.82 25.83
CA GLU A 301 -22.93 -43.28 24.48
C GLU A 301 -21.57 -42.60 24.31
N ALA A 302 -21.20 -41.71 25.26
CA ALA A 302 -19.95 -40.94 25.26
C ALA A 302 -18.69 -41.80 25.24
N LEU A 303 -18.66 -42.87 26.08
CA LEU A 303 -17.53 -43.79 26.18
C LEU A 303 -17.43 -44.72 24.95
N ARG A 304 -18.59 -45.03 24.33
CA ARG A 304 -18.68 -45.90 23.15
C ARG A 304 -18.21 -45.19 21.87
N VAL A 305 -18.54 -43.90 21.71
CA VAL A 305 -18.16 -43.07 20.56
C VAL A 305 -16.64 -42.83 20.57
N MET A 306 -16.06 -42.54 21.76
CA MET A 306 -14.63 -42.31 21.97
C MET A 306 -13.81 -43.55 21.60
N ALA A 307 -14.32 -44.76 21.95
CA ALA A 307 -13.70 -46.04 21.65
C ALA A 307 -13.71 -46.36 20.15
N LYS A 308 -14.76 -45.88 19.43
CA LYS A 308 -14.92 -46.06 17.98
C LYS A 308 -13.88 -45.22 17.22
N ILE A 309 -13.63 -43.98 17.71
CA ILE A 309 -12.65 -43.05 17.13
C ILE A 309 -11.23 -43.60 17.36
N MET A 310 -10.93 -44.09 18.58
CA MET A 310 -9.65 -44.67 19.01
C MET A 310 -9.17 -45.78 18.08
N ARG A 311 -10.06 -46.73 17.74
CA ARG A 311 -9.75 -47.86 16.84
C ARG A 311 -9.61 -47.40 15.39
N GLU A 312 -10.26 -46.27 15.03
CA GLU A 312 -10.18 -45.65 13.70
C GLU A 312 -8.96 -44.72 13.56
N CYS A 313 -8.19 -44.56 14.66
CA CYS A 313 -6.98 -43.73 14.72
C CYS A 313 -5.73 -44.62 14.88
N TRP A 314 -5.92 -45.87 15.36
CA TRP A 314 -4.84 -46.83 15.60
C TRP A 314 -4.60 -47.81 14.42
N TYR A 315 -4.95 -47.40 13.19
CA TYR A 315 -4.75 -48.22 11.99
C TYR A 315 -3.27 -48.42 11.64
N ALA A 316 -2.95 -49.57 11.02
CA ALA A 316 -1.58 -49.89 10.58
C ALA A 316 -1.21 -49.01 9.37
N ASN A 317 -2.21 -48.70 8.51
CA ASN A 317 -2.06 -47.85 7.34
C ASN A 317 -2.42 -46.41 7.72
N GLY A 318 -1.61 -45.46 7.24
CA GLY A 318 -1.77 -44.04 7.51
C GLY A 318 -3.01 -43.40 6.91
N ALA A 319 -3.23 -43.62 5.59
CA ALA A 319 -4.34 -43.07 4.81
C ALA A 319 -5.74 -43.45 5.32
N ALA A 320 -5.87 -44.65 5.93
CA ALA A 320 -7.14 -45.18 6.47
C ALA A 320 -7.64 -44.41 7.70
N ARG A 321 -6.72 -43.77 8.46
CA ARG A 321 -7.00 -43.00 9.69
C ARG A 321 -7.90 -41.78 9.45
N LEU A 322 -8.60 -41.33 10.51
CA LEU A 322 -9.49 -40.17 10.49
C LEU A 322 -8.69 -38.87 10.38
N THR A 323 -9.37 -37.79 9.97
CA THR A 323 -8.75 -36.46 9.85
C THR A 323 -9.05 -35.64 11.11
N ALA A 324 -8.21 -34.62 11.39
CA ALA A 324 -8.33 -33.74 12.56
C ALA A 324 -9.67 -32.99 12.62
N LEU A 325 -10.24 -32.64 11.45
CA LEU A 325 -11.52 -31.94 11.35
C LEU A 325 -12.70 -32.90 11.54
N ARG A 326 -12.52 -34.19 11.20
CA ARG A 326 -13.53 -35.25 11.33
C ARG A 326 -13.79 -35.58 12.80
N ILE A 327 -12.71 -35.66 13.62
CA ILE A 327 -12.76 -35.95 15.06
C ILE A 327 -13.40 -34.74 15.78
N LYS A 328 -13.11 -33.52 15.29
CA LYS A 328 -13.65 -32.25 15.81
C LYS A 328 -15.17 -32.16 15.56
N LYS A 329 -15.64 -32.55 14.37
CA LYS A 329 -17.05 -32.51 13.98
C LYS A 329 -17.91 -33.55 14.71
N THR A 330 -17.37 -34.78 14.90
CA THR A 330 -18.06 -35.87 15.59
C THR A 330 -18.25 -35.59 17.09
N LEU A 331 -17.23 -34.97 17.72
CA LEU A 331 -17.23 -34.60 19.14
C LEU A 331 -18.17 -33.43 19.41
N SER A 332 -18.32 -32.51 18.42
CA SER A 332 -19.20 -31.35 18.50
C SER A 332 -20.68 -31.78 18.51
N GLN A 333 -21.01 -32.86 17.78
CA GLN A 333 -22.35 -33.43 17.70
C GLN A 333 -22.68 -34.16 19.00
N LEU A 334 -21.67 -34.82 19.61
CA LEU A 334 -21.78 -35.56 20.87
C LEU A 334 -21.98 -34.63 22.06
N SER A 335 -21.34 -33.44 22.03
CA SER A 335 -21.44 -32.42 23.07
C SER A 335 -22.83 -31.78 23.13
N GLN A 336 -23.49 -31.65 21.96
CA GLN A 336 -24.83 -31.08 21.81
C GLN A 336 -25.93 -31.95 22.43
N GLN A 337 -25.66 -33.24 22.64
CA GLN A 337 -26.58 -34.23 23.23
C GLN A 337 -26.85 -33.93 24.71
N GLU A 338 -25.83 -33.43 25.43
CA GLU A 338 -25.92 -33.09 26.87
C GLU A 338 -25.69 -31.58 27.16
N GLY A 339 -25.71 -30.77 26.10
CA GLY A 339 -25.52 -29.32 26.20
C GLY A 339 -24.09 -28.89 25.97
N ILE B 10 20.75 -12.19 11.50
CA ILE B 10 20.28 -13.57 11.67
C ILE B 10 20.33 -13.95 13.16
N SER B 11 19.18 -14.33 13.72
CA SER B 11 19.02 -14.72 15.12
C SER B 11 19.61 -16.10 15.44
N GLU B 12 19.81 -16.40 16.74
CA GLU B 12 20.37 -17.66 17.25
C GLU B 12 19.41 -18.83 17.01
N GLY B 13 19.96 -19.97 16.60
CA GLY B 13 19.20 -21.19 16.34
C GLY B 13 18.76 -21.37 14.90
N THR B 14 18.92 -20.32 14.06
CA THR B 14 18.54 -20.33 12.65
C THR B 14 19.52 -21.18 11.84
N THR B 15 19.00 -22.09 11.02
CA THR B 15 19.80 -22.98 10.17
C THR B 15 19.60 -22.69 8.67
N LEU B 16 20.50 -23.20 7.82
CA LEU B 16 20.49 -23.04 6.36
C LEU B 16 19.21 -23.63 5.76
N LYS B 17 18.77 -24.79 6.27
CA LYS B 17 17.55 -25.49 5.83
C LYS B 17 16.29 -24.68 6.10
N ASP B 18 16.27 -23.90 7.21
CA ASP B 18 15.17 -23.03 7.58
C ASP B 18 15.14 -21.79 6.68
N LEU B 19 16.33 -21.29 6.27
CA LEU B 19 16.49 -20.12 5.39
C LEU B 19 15.98 -20.38 3.97
N ILE B 20 16.10 -21.64 3.49
CA ILE B 20 15.63 -22.08 2.16
C ILE B 20 14.10 -21.96 2.11
N TYR B 21 13.42 -22.36 3.21
CA TYR B 21 11.97 -22.29 3.37
C TYR B 21 11.48 -20.84 3.42
N ASP B 22 12.27 -19.95 4.06
CA ASP B 22 11.96 -18.52 4.21
C ASP B 22 11.89 -17.74 2.89
N MET B 23 12.67 -18.17 1.87
CA MET B 23 12.70 -17.52 0.56
C MET B 23 11.83 -18.19 -0.51
N THR B 24 11.64 -19.52 -0.43
CA THR B 24 10.84 -20.30 -1.38
C THR B 24 9.33 -20.09 -1.16
N THR B 25 8.87 -20.14 0.11
CA THR B 25 7.45 -19.98 0.47
C THR B 25 7.04 -18.52 0.72
N SER B 26 7.95 -17.56 0.46
CA SER B 26 7.72 -16.11 0.61
C SER B 26 6.76 -15.56 -0.44
N GLY B 27 6.26 -14.34 -0.22
CA GLY B 27 5.36 -13.63 -1.13
C GLY B 27 5.94 -13.46 -2.52
N SER B 28 7.22 -13.07 -2.58
CA SER B 28 7.98 -12.91 -3.82
C SER B 28 9.00 -14.06 -3.88
N GLY B 29 9.00 -14.80 -4.99
CA GLY B 29 9.87 -15.95 -5.22
C GLY B 29 11.34 -15.63 -5.45
N SER B 30 11.79 -14.42 -5.08
CA SER B 30 13.17 -13.95 -5.21
C SER B 30 14.05 -14.44 -4.05
N GLY B 31 15.34 -14.10 -4.10
CA GLY B 31 16.32 -14.48 -3.10
C GLY B 31 16.19 -13.78 -1.77
N LEU B 32 17.07 -14.15 -0.81
CA LEU B 32 17.13 -13.61 0.56
C LEU B 32 17.51 -12.11 0.56
N PRO B 33 17.11 -11.31 1.59
CA PRO B 33 17.47 -9.87 1.59
C PRO B 33 18.97 -9.59 1.53
N LEU B 34 19.34 -8.44 0.92
CA LEU B 34 20.72 -7.97 0.70
C LEU B 34 21.59 -7.97 1.97
N LEU B 35 21.01 -7.57 3.12
CA LEU B 35 21.70 -7.54 4.41
C LEU B 35 21.92 -8.96 4.94
N VAL B 36 20.94 -9.86 4.71
CA VAL B 36 20.99 -11.27 5.13
C VAL B 36 22.04 -12.02 4.29
N GLN B 37 22.07 -11.76 2.96
CA GLN B 37 23.02 -12.34 2.01
C GLN B 37 24.48 -12.00 2.37
N ARG B 38 24.70 -10.76 2.83
CA ARG B 38 26.01 -10.24 3.26
C ARG B 38 26.47 -10.93 4.55
N THR B 39 25.53 -11.25 5.45
CA THR B 39 25.79 -11.91 6.73
C THR B 39 26.19 -13.38 6.53
N ILE B 40 25.47 -14.12 5.65
CA ILE B 40 25.72 -15.54 5.34
C ILE B 40 27.14 -15.77 4.81
N ALA B 41 27.53 -15.01 3.76
CA ALA B 41 28.85 -15.09 3.09
C ALA B 41 30.03 -14.81 4.03
N ARG B 42 29.84 -13.92 5.02
CA ARG B 42 30.88 -13.55 5.99
C ARG B 42 30.89 -14.45 7.25
N THR B 43 30.05 -15.50 7.26
CA THR B 43 29.92 -16.48 8.36
C THR B 43 30.34 -17.89 7.91
N ILE B 44 30.37 -18.15 6.58
CA ILE B 44 30.76 -19.45 5.99
C ILE B 44 32.22 -19.80 6.30
N VAL B 45 32.42 -20.98 6.91
CA VAL B 45 33.74 -21.51 7.26
C VAL B 45 34.20 -22.39 6.09
N LEU B 46 35.25 -21.95 5.37
CA LEU B 46 35.80 -22.66 4.21
C LEU B 46 36.54 -23.92 4.67
N GLN B 47 36.18 -25.07 4.08
CA GLN B 47 36.77 -26.37 4.43
C GLN B 47 37.89 -26.77 3.47
N GLU B 48 37.58 -26.94 2.17
CA GLU B 48 38.52 -27.34 1.12
C GLU B 48 38.08 -26.93 -0.29
N SER B 49 39.03 -26.83 -1.23
CA SER B 49 38.78 -26.50 -2.63
C SER B 49 38.26 -27.75 -3.34
N ILE B 50 37.09 -27.65 -4.01
CA ILE B 50 36.52 -28.80 -4.73
C ILE B 50 37.15 -28.95 -6.13
N GLY B 51 36.82 -28.02 -7.04
CA GLY B 51 37.32 -28.04 -8.41
C GLY B 51 37.44 -26.66 -9.04
N LYS B 52 37.78 -26.63 -10.34
CA LYS B 52 37.95 -25.41 -11.12
C LYS B 52 37.25 -25.47 -12.47
N GLY B 53 36.72 -24.33 -12.89
CA GLY B 53 36.05 -24.16 -14.18
C GLY B 53 36.74 -23.10 -15.00
N ARG B 54 35.98 -22.39 -15.84
CA ARG B 54 36.52 -21.29 -16.66
C ARG B 54 36.57 -19.95 -15.93
N PHE B 55 35.64 -19.75 -14.97
CA PHE B 55 35.58 -18.54 -14.16
C PHE B 55 35.53 -18.88 -12.67
N GLY B 56 36.50 -18.37 -11.93
CA GLY B 56 36.63 -18.58 -10.48
C GLY B 56 36.98 -20.00 -10.06
N GLU B 57 36.82 -20.27 -8.76
CA GLU B 57 37.10 -21.58 -8.15
C GLU B 57 36.00 -21.96 -7.16
N VAL B 58 35.52 -23.22 -7.23
CA VAL B 58 34.47 -23.74 -6.35
C VAL B 58 35.10 -24.32 -5.08
N TRP B 59 34.62 -23.85 -3.91
CA TRP B 59 35.09 -24.27 -2.59
C TRP B 59 33.95 -24.84 -1.75
N ARG B 60 34.27 -25.82 -0.89
CA ARG B 60 33.30 -26.44 0.03
C ARG B 60 33.33 -25.67 1.35
N GLY B 61 32.20 -25.06 1.69
CA GLY B 61 32.04 -24.27 2.91
C GLY B 61 31.04 -24.86 3.88
N LYS B 62 31.01 -24.31 5.12
CA LYS B 62 30.10 -24.76 6.16
C LYS B 62 29.49 -23.60 6.95
N TRP B 63 28.17 -23.39 6.77
CA TRP B 63 27.41 -22.35 7.46
C TRP B 63 26.61 -22.99 8.58
N ARG B 64 27.02 -22.72 9.84
CA ARG B 64 26.42 -23.23 11.09
C ARG B 64 26.32 -24.77 11.12
N GLY B 65 27.39 -25.44 10.68
CA GLY B 65 27.50 -26.90 10.65
C GLY B 65 27.12 -27.53 9.32
N GLU B 66 26.05 -27.01 8.68
CA GLU B 66 25.52 -27.50 7.39
C GLU B 66 26.46 -27.22 6.23
N GLU B 67 26.64 -28.20 5.33
CA GLU B 67 27.50 -28.11 4.15
C GLU B 67 26.92 -27.16 3.10
N VAL B 68 27.79 -26.32 2.49
CA VAL B 68 27.41 -25.33 1.48
C VAL B 68 28.49 -25.17 0.39
N ALA B 69 28.08 -24.72 -0.82
CA ALA B 69 28.98 -24.50 -1.96
C ALA B 69 29.24 -23.02 -2.18
N VAL B 70 30.51 -22.62 -2.29
CA VAL B 70 30.96 -21.25 -2.47
C VAL B 70 31.87 -21.12 -3.70
N LYS B 71 31.53 -20.19 -4.62
CA LYS B 71 32.31 -19.93 -5.83
C LYS B 71 33.03 -18.58 -5.69
N ILE B 72 34.36 -18.62 -5.47
CA ILE B 72 35.18 -17.43 -5.29
C ILE B 72 35.74 -16.95 -6.64
N PHE B 73 35.24 -15.79 -7.10
CA PHE B 73 35.64 -15.15 -8.36
C PHE B 73 36.78 -14.17 -8.17
N SER B 74 37.67 -14.08 -9.17
CA SER B 74 38.80 -13.15 -9.18
C SER B 74 38.33 -11.73 -9.50
N SER B 75 39.14 -10.71 -9.15
CA SER B 75 38.82 -9.29 -9.38
C SER B 75 38.68 -8.94 -10.86
N ARG B 76 39.46 -9.62 -11.74
CA ARG B 76 39.45 -9.42 -13.19
C ARG B 76 38.15 -9.92 -13.83
N GLU B 77 37.62 -11.06 -13.35
CA GLU B 77 36.40 -11.67 -13.87
C GLU B 77 35.11 -11.24 -13.12
N GLU B 78 34.93 -9.91 -12.99
CA GLU B 78 33.77 -9.30 -12.34
C GLU B 78 32.49 -9.43 -13.16
N ARG B 79 32.64 -9.52 -14.51
CA ARG B 79 31.55 -9.65 -15.48
C ARG B 79 30.82 -10.98 -15.30
N SER B 80 31.57 -12.07 -15.07
CA SER B 80 31.04 -13.42 -14.87
C SER B 80 30.31 -13.55 -13.52
N TRP B 81 30.77 -12.82 -12.49
CA TRP B 81 30.17 -12.81 -11.15
C TRP B 81 28.82 -12.10 -11.15
N PHE B 82 28.77 -10.87 -11.74
CA PHE B 82 27.55 -10.07 -11.81
C PHE B 82 26.45 -10.71 -12.66
N ARG B 83 26.81 -11.26 -13.84
CA ARG B 83 25.88 -11.92 -14.76
C ARG B 83 25.15 -13.08 -14.10
N GLU B 84 25.88 -13.92 -13.34
CA GLU B 84 25.32 -15.06 -12.62
C GLU B 84 24.44 -14.59 -11.45
N ALA B 85 24.91 -13.58 -10.69
CA ALA B 85 24.19 -13.01 -9.55
C ALA B 85 22.88 -12.32 -9.94
N GLU B 86 22.87 -11.61 -11.09
CA GLU B 86 21.69 -10.92 -11.61
C GLU B 86 20.64 -11.91 -12.12
N ILE B 87 21.08 -13.01 -12.75
CA ILE B 87 20.21 -14.06 -13.28
C ILE B 87 19.61 -14.90 -12.13
N TYR B 88 20.39 -15.21 -11.09
CA TYR B 88 19.92 -15.98 -9.94
C TYR B 88 19.00 -15.20 -8.99
N GLN B 89 19.14 -13.85 -8.93
CA GLN B 89 18.38 -13.01 -8.01
C GLN B 89 17.02 -12.47 -8.50
N THR B 90 17.04 -11.33 -9.23
CA THR B 90 15.88 -10.56 -9.73
C THR B 90 14.76 -11.30 -10.45
N VAL B 91 15.10 -12.22 -11.36
CA VAL B 91 14.14 -12.99 -12.16
C VAL B 91 13.25 -14.00 -11.39
N MET B 92 13.56 -14.21 -10.09
CA MET B 92 12.88 -15.09 -9.12
C MET B 92 13.06 -16.58 -9.42
N LEU B 93 12.22 -17.14 -10.32
CA LEU B 93 12.18 -18.54 -10.74
C LEU B 93 12.02 -19.62 -9.65
N ARG B 94 13.10 -19.94 -8.86
CA ARG B 94 13.19 -20.98 -7.82
C ARG B 94 12.52 -22.30 -8.24
N HIS B 95 13.29 -23.20 -8.86
CA HIS B 95 12.83 -24.49 -9.37
C HIS B 95 13.63 -25.67 -8.81
N GLU B 96 13.01 -26.86 -8.72
CA GLU B 96 13.58 -28.11 -8.20
C GLU B 96 14.80 -28.57 -9.02
N ASN B 97 14.74 -28.41 -10.36
CA ASN B 97 15.81 -28.81 -11.28
C ASN B 97 16.77 -27.66 -11.65
N ILE B 98 16.82 -26.62 -10.80
CA ILE B 98 17.70 -25.45 -10.94
C ILE B 98 18.47 -25.29 -9.62
N LEU B 99 19.79 -25.05 -9.71
CA LEU B 99 20.70 -24.86 -8.57
C LEU B 99 20.17 -23.83 -7.57
N GLY B 100 19.95 -24.28 -6.34
CA GLY B 100 19.43 -23.48 -5.24
C GLY B 100 20.38 -22.42 -4.75
N PHE B 101 20.22 -21.19 -5.26
CA PHE B 101 21.03 -20.02 -4.93
C PHE B 101 20.74 -19.53 -3.51
N ILE B 102 21.80 -19.11 -2.78
CA ILE B 102 21.69 -18.62 -1.40
C ILE B 102 22.11 -17.15 -1.26
N ALA B 103 23.38 -16.81 -1.59
CA ALA B 103 23.91 -15.45 -1.44
C ALA B 103 24.96 -15.04 -2.48
N ALA B 104 25.15 -13.71 -2.62
CA ALA B 104 26.13 -13.06 -3.51
C ALA B 104 26.68 -11.84 -2.77
N ASP B 105 28.01 -11.77 -2.59
CA ASP B 105 28.63 -10.67 -1.84
C ASP B 105 30.01 -10.25 -2.35
N ASN B 106 30.29 -8.93 -2.28
CA ASN B 106 31.56 -8.30 -2.64
C ASN B 106 32.21 -7.80 -1.33
N LYS B 107 33.38 -8.38 -0.98
CA LYS B 107 34.09 -8.07 0.27
C LYS B 107 34.97 -6.82 0.23
N ASP B 108 36.02 -6.82 -0.59
CA ASP B 108 36.98 -5.72 -0.68
C ASP B 108 36.79 -4.83 -1.94
N ASN B 109 37.77 -3.94 -2.22
CA ASN B 109 37.76 -3.01 -3.35
C ASN B 109 39.12 -2.91 -4.05
N GLY B 110 39.09 -2.72 -5.36
CA GLY B 110 40.28 -2.57 -6.20
C GLY B 110 40.76 -3.86 -6.85
N THR B 111 42.07 -4.11 -6.76
CA THR B 111 42.73 -5.28 -7.34
C THR B 111 42.54 -6.52 -6.44
N TRP B 112 42.36 -6.30 -5.11
CA TRP B 112 42.17 -7.39 -4.15
C TRP B 112 40.70 -7.61 -3.76
N THR B 113 39.79 -7.37 -4.73
CA THR B 113 38.34 -7.52 -4.56
C THR B 113 37.96 -9.00 -4.49
N GLN B 114 37.19 -9.38 -3.46
CA GLN B 114 36.70 -10.75 -3.27
C GLN B 114 35.24 -10.83 -3.69
N LEU B 115 34.95 -11.64 -4.71
CA LEU B 115 33.58 -11.82 -5.23
C LEU B 115 33.10 -13.24 -4.94
N TRP B 116 32.11 -13.36 -4.04
CA TRP B 116 31.56 -14.64 -3.58
C TRP B 116 30.16 -14.94 -4.14
N LEU B 117 29.90 -16.24 -4.42
CA LEU B 117 28.63 -16.75 -4.93
C LEU B 117 28.29 -18.05 -4.19
N VAL B 118 27.23 -18.00 -3.36
CA VAL B 118 26.78 -19.11 -2.51
C VAL B 118 25.58 -19.85 -3.10
N SER B 119 25.65 -21.20 -3.10
CA SER B 119 24.60 -22.11 -3.58
C SER B 119 24.64 -23.45 -2.81
N ASP B 120 23.63 -24.32 -3.03
CA ASP B 120 23.51 -25.63 -2.37
C ASP B 120 24.64 -26.59 -2.76
N TYR B 121 25.05 -27.44 -1.79
CA TYR B 121 26.12 -28.42 -1.97
C TYR B 121 25.56 -29.81 -2.26
N HIS B 122 26.16 -30.50 -3.25
CA HIS B 122 25.79 -31.87 -3.65
C HIS B 122 27.04 -32.74 -3.63
N GLU B 123 27.07 -33.74 -2.73
CA GLU B 123 28.20 -34.65 -2.52
C GLU B 123 28.61 -35.48 -3.75
N HIS B 124 27.63 -35.85 -4.61
CA HIS B 124 27.87 -36.61 -5.84
C HIS B 124 28.66 -35.78 -6.86
N GLY B 125 28.39 -34.48 -6.89
CA GLY B 125 29.06 -33.52 -7.77
C GLY B 125 28.42 -33.37 -9.13
N SER B 126 29.23 -33.03 -10.14
CA SER B 126 28.79 -32.85 -11.52
C SER B 126 28.52 -34.19 -12.20
N LEU B 127 27.76 -34.15 -13.31
CA LEU B 127 27.38 -35.32 -14.12
C LEU B 127 28.62 -35.99 -14.74
N PHE B 128 29.66 -35.19 -15.07
CA PHE B 128 30.93 -35.64 -15.64
C PHE B 128 31.68 -36.55 -14.66
N ASP B 129 31.76 -36.14 -13.38
CA ASP B 129 32.44 -36.89 -12.30
C ASP B 129 31.63 -38.11 -11.85
N TYR B 130 30.28 -37.99 -11.86
CA TYR B 130 29.35 -39.05 -11.46
C TYR B 130 29.34 -40.21 -12.45
N LEU B 131 29.26 -39.91 -13.76
CA LEU B 131 29.22 -40.91 -14.83
C LEU B 131 30.54 -41.65 -14.99
N ASN B 132 31.67 -40.96 -14.85
CA ASN B 132 33.02 -41.53 -14.96
C ASN B 132 33.32 -42.51 -13.80
N ARG B 133 32.54 -42.41 -12.71
CA ARG B 133 32.67 -43.25 -11.51
C ARG B 133 31.56 -44.32 -11.38
N TYR B 134 30.29 -43.94 -11.60
CA TYR B 134 29.11 -44.82 -11.46
C TYR B 134 28.47 -45.26 -12.77
N THR B 135 27.75 -46.40 -12.71
CA THR B 135 26.97 -46.98 -13.82
C THR B 135 25.49 -46.88 -13.45
N VAL B 136 24.70 -46.22 -14.31
CA VAL B 136 23.27 -45.97 -14.06
C VAL B 136 22.35 -47.13 -14.51
N THR B 137 21.18 -47.26 -13.84
CA THR B 137 20.15 -48.26 -14.13
C THR B 137 19.12 -47.65 -15.11
N VAL B 138 18.18 -48.48 -15.62
CA VAL B 138 17.12 -48.08 -16.56
C VAL B 138 16.25 -46.95 -15.98
N GLU B 139 15.77 -47.12 -14.73
CA GLU B 139 14.93 -46.14 -14.02
C GLU B 139 15.72 -44.86 -13.69
N GLY B 140 17.00 -45.04 -13.34
CA GLY B 140 17.92 -43.95 -13.00
C GLY B 140 18.25 -43.06 -14.18
N MET B 141 18.43 -43.68 -15.37
CA MET B 141 18.75 -43.01 -16.64
C MET B 141 17.64 -42.02 -17.04
N ILE B 142 16.37 -42.42 -16.85
CA ILE B 142 15.19 -41.60 -17.16
C ILE B 142 15.11 -40.41 -16.18
N LYS B 143 15.38 -40.65 -14.87
CA LYS B 143 15.37 -39.63 -13.81
C LYS B 143 16.37 -38.49 -14.06
N LEU B 144 17.58 -38.83 -14.58
CA LEU B 144 18.62 -37.85 -14.90
C LEU B 144 18.24 -37.04 -16.15
N ALA B 145 17.66 -37.72 -17.17
CA ALA B 145 17.24 -37.12 -18.43
C ALA B 145 16.02 -36.22 -18.28
N LEU B 146 15.02 -36.65 -17.48
CA LEU B 146 13.78 -35.90 -17.21
C LEU B 146 14.07 -34.57 -16.50
N SER B 147 14.96 -34.60 -15.49
CA SER B 147 15.39 -33.45 -14.70
C SER B 147 16.15 -32.41 -15.54
N THR B 148 17.01 -32.89 -16.47
CA THR B 148 17.78 -32.03 -17.39
C THR B 148 16.83 -31.36 -18.39
N ALA B 149 15.80 -32.11 -18.85
CA ALA B 149 14.78 -31.63 -19.78
C ALA B 149 13.83 -30.63 -19.09
N SER B 150 13.43 -30.91 -17.84
CA SER B 150 12.55 -30.05 -17.03
C SER B 150 13.24 -28.76 -16.59
N GLY B 151 14.56 -28.84 -16.39
CA GLY B 151 15.40 -27.71 -15.99
C GLY B 151 15.48 -26.63 -17.04
N LEU B 152 15.78 -27.04 -18.30
CA LEU B 152 15.86 -26.12 -19.44
C LEU B 152 14.46 -25.67 -19.90
N ALA B 153 13.41 -26.46 -19.58
CA ALA B 153 12.01 -26.14 -19.90
C ALA B 153 11.55 -24.94 -19.06
N HIS B 154 12.03 -24.84 -17.81
CA HIS B 154 11.72 -23.74 -16.88
C HIS B 154 12.48 -22.48 -17.30
N LEU B 155 13.73 -22.64 -17.77
CA LEU B 155 14.60 -21.54 -18.23
C LEU B 155 14.05 -20.87 -19.50
N HIS B 156 13.61 -21.69 -20.47
CA HIS B 156 13.04 -21.24 -21.75
C HIS B 156 11.63 -20.64 -21.57
N MET B 157 10.89 -21.08 -20.52
CA MET B 157 9.52 -20.62 -20.22
C MET B 157 9.50 -19.15 -19.81
N GLU B 158 8.62 -18.36 -20.44
CA GLU B 158 8.47 -16.93 -20.15
C GLU B 158 7.05 -16.63 -19.67
N ILE B 159 6.95 -16.05 -18.47
CA ILE B 159 5.67 -15.67 -17.86
C ILE B 159 5.56 -14.14 -17.95
N VAL B 160 4.61 -13.66 -18.77
CA VAL B 160 4.40 -12.23 -19.02
C VAL B 160 3.34 -11.66 -18.07
N GLY B 161 3.66 -10.53 -17.44
CA GLY B 161 2.79 -9.82 -16.52
C GLY B 161 3.50 -9.24 -15.30
N THR B 162 4.76 -8.78 -15.49
CA THR B 162 5.64 -8.19 -14.47
C THR B 162 6.08 -9.16 -13.36
N GLN B 163 5.11 -9.84 -12.72
CA GLN B 163 5.34 -10.82 -11.64
C GLN B 163 6.04 -12.12 -12.09
N GLY B 164 6.02 -12.39 -13.39
CA GLY B 164 6.63 -13.58 -13.97
C GLY B 164 8.14 -13.53 -14.15
N LYS B 165 8.67 -14.35 -15.07
CA LYS B 165 10.11 -14.45 -15.36
C LYS B 165 10.45 -14.35 -16.86
N PRO B 166 11.59 -13.72 -17.24
CA PRO B 166 11.95 -13.66 -18.66
C PRO B 166 12.55 -14.96 -19.18
N ALA B 167 12.53 -15.19 -20.51
CA ALA B 167 13.08 -16.38 -21.15
C ALA B 167 14.61 -16.34 -21.14
N ILE B 168 15.24 -17.38 -20.55
CA ILE B 168 16.70 -17.48 -20.42
C ILE B 168 17.27 -18.67 -21.19
N ALA B 169 18.30 -18.41 -22.03
CA ALA B 169 19.02 -19.41 -22.80
C ALA B 169 20.40 -19.61 -22.15
N HIS B 170 20.78 -20.88 -21.89
CA HIS B 170 22.03 -21.25 -21.22
C HIS B 170 23.31 -20.92 -21.98
N ARG B 171 23.32 -21.14 -23.31
CA ARG B 171 24.44 -20.91 -24.25
C ARG B 171 25.64 -21.86 -24.10
N ASP B 172 25.86 -22.44 -22.90
CA ASP B 172 26.96 -23.37 -22.63
C ASP B 172 26.50 -24.55 -21.77
N LEU B 173 25.88 -25.55 -22.41
CA LEU B 173 25.39 -26.75 -21.73
C LEU B 173 26.35 -27.92 -21.92
N LYS B 174 26.79 -28.51 -20.79
CA LYS B 174 27.72 -29.64 -20.74
C LYS B 174 27.54 -30.48 -19.46
N SER B 175 28.14 -31.68 -19.42
CA SER B 175 28.09 -32.60 -18.28
C SER B 175 28.75 -32.00 -17.02
N LYS B 176 29.78 -31.16 -17.22
CA LYS B 176 30.50 -30.48 -16.13
C LYS B 176 29.65 -29.39 -15.47
N ASN B 177 28.75 -28.75 -16.26
CA ASN B 177 27.87 -27.68 -15.80
C ASN B 177 26.58 -28.19 -15.13
N ILE B 178 26.24 -29.49 -15.30
CA ILE B 178 25.05 -30.09 -14.70
C ILE B 178 25.45 -30.91 -13.46
N LEU B 179 24.87 -30.58 -12.30
CA LEU B 179 25.13 -31.25 -11.02
C LEU B 179 24.03 -32.26 -10.68
N VAL B 180 24.40 -33.35 -9.97
CA VAL B 180 23.48 -34.39 -9.55
C VAL B 180 23.24 -34.41 -8.02
N LYS B 181 21.97 -34.36 -7.61
CA LYS B 181 21.51 -34.35 -6.22
C LYS B 181 21.69 -35.70 -5.51
N LYS B 182 21.36 -35.75 -4.20
CA LYS B 182 21.45 -36.94 -3.35
C LYS B 182 20.47 -38.05 -3.76
N ASN B 183 19.29 -37.70 -4.29
CA ASN B 183 18.25 -38.64 -4.73
C ASN B 183 18.33 -39.03 -6.22
N GLY B 184 19.46 -38.69 -6.86
CA GLY B 184 19.71 -38.99 -8.26
C GLY B 184 18.91 -38.13 -9.23
N THR B 185 18.82 -36.83 -8.93
CA THR B 185 18.10 -35.82 -9.73
C THR B 185 19.09 -34.74 -10.18
N CYS B 186 18.96 -34.27 -11.44
CA CYS B 186 19.85 -33.24 -11.98
C CYS B 186 19.37 -31.81 -11.76
N CYS B 187 20.33 -30.88 -11.58
CA CYS B 187 20.09 -29.46 -11.39
C CYS B 187 21.06 -28.64 -12.25
N ILE B 188 20.53 -27.70 -13.05
CA ILE B 188 21.30 -26.85 -13.96
C ILE B 188 22.06 -25.78 -13.18
N ALA B 189 23.38 -25.67 -13.43
CA ALA B 189 24.26 -24.70 -12.78
C ALA B 189 25.08 -23.87 -13.78
N ASP B 190 25.76 -22.81 -13.26
CA ASP B 190 26.61 -21.86 -14.00
C ASP B 190 25.85 -21.11 -15.11
N LEU B 191 25.25 -19.96 -14.73
CA LEU B 191 24.48 -19.11 -15.63
C LEU B 191 25.22 -17.79 -15.96
N GLY B 192 26.55 -17.84 -15.92
CA GLY B 192 27.43 -16.71 -16.20
C GLY B 192 27.44 -16.27 -17.64
N LEU B 193 27.24 -17.22 -18.58
CA LEU B 193 27.22 -16.96 -20.02
C LEU B 193 25.79 -16.91 -20.59
N ALA B 194 24.77 -17.04 -19.71
CA ALA B 194 23.35 -17.02 -20.08
C ALA B 194 22.84 -15.66 -20.56
N VAL B 195 21.72 -15.69 -21.34
CA VAL B 195 21.08 -14.51 -21.93
C VAL B 195 19.58 -14.43 -21.60
N ARG B 196 19.13 -13.27 -21.06
CA ARG B 196 17.72 -13.00 -20.71
C ARG B 196 16.99 -12.40 -21.90
N HIS B 197 15.66 -12.63 -21.99
CA HIS B 197 14.81 -12.11 -23.09
C HIS B 197 13.37 -11.87 -22.65
N ASP B 198 12.84 -10.70 -23.02
CA ASP B 198 11.46 -10.28 -22.73
C ASP B 198 10.71 -10.11 -24.06
N SER B 199 9.63 -10.88 -24.26
CA SER B 199 8.81 -10.86 -25.48
C SER B 199 7.97 -9.59 -25.65
N ALA B 200 7.63 -8.89 -24.54
CA ALA B 200 6.83 -7.67 -24.53
C ALA B 200 7.51 -6.47 -25.23
N THR B 201 8.85 -6.42 -25.22
CA THR B 201 9.64 -5.35 -25.85
C THR B 201 10.65 -5.83 -26.90
N ASP B 202 10.94 -7.15 -26.93
CA ASP B 202 11.89 -7.82 -27.84
C ASP B 202 13.31 -7.24 -27.71
N THR B 203 13.94 -7.50 -26.55
CA THR B 203 15.28 -7.03 -26.20
C THR B 203 16.10 -8.12 -25.50
N ILE B 204 17.42 -8.13 -25.74
CA ILE B 204 18.37 -9.07 -25.13
C ILE B 204 19.53 -8.31 -24.46
N ASP B 205 19.74 -8.58 -23.16
CA ASP B 205 20.74 -7.93 -22.29
C ASP B 205 22.20 -7.98 -22.74
N ILE B 206 22.65 -9.10 -23.35
CA ILE B 206 24.03 -9.26 -23.80
C ILE B 206 24.35 -8.52 -25.12
N ALA B 207 25.64 -8.53 -25.52
CA ALA B 207 26.14 -7.96 -26.76
C ALA B 207 26.38 -9.12 -27.74
N PRO B 208 25.45 -9.37 -28.70
CA PRO B 208 25.63 -10.51 -29.62
C PRO B 208 26.48 -10.22 -30.85
N ASN B 209 27.69 -10.81 -30.91
CA ASN B 209 28.65 -10.66 -32.00
C ASN B 209 29.69 -11.79 -32.05
N HIS B 210 30.05 -12.35 -30.87
CA HIS B 210 31.06 -13.41 -30.74
C HIS B 210 30.52 -14.73 -30.20
N ARG B 211 31.26 -15.83 -30.45
CA ARG B 211 30.95 -17.18 -29.99
C ARG B 211 31.29 -17.37 -28.51
N VAL B 212 30.41 -18.06 -27.76
CA VAL B 212 30.58 -18.32 -26.32
C VAL B 212 30.38 -19.79 -25.93
N GLY B 213 31.10 -20.22 -24.90
CA GLY B 213 31.01 -21.58 -24.36
C GLY B 213 32.08 -22.54 -24.86
N THR B 214 31.91 -23.82 -24.50
CA THR B 214 32.83 -24.91 -24.88
C THR B 214 32.64 -25.25 -26.36
N LYS B 215 33.75 -25.33 -27.12
CA LYS B 215 33.79 -25.64 -28.55
C LYS B 215 33.22 -27.02 -28.88
N ARG B 216 33.40 -27.99 -27.95
CA ARG B 216 32.95 -29.38 -28.07
C ARG B 216 31.41 -29.50 -28.10
N TYR B 217 30.72 -28.63 -27.36
CA TYR B 217 29.26 -28.62 -27.24
C TYR B 217 28.57 -27.54 -28.10
N MET B 218 29.35 -26.82 -28.93
CA MET B 218 28.86 -25.75 -29.82
C MET B 218 28.01 -26.28 -30.96
N ALA B 219 26.93 -25.56 -31.28
CA ALA B 219 25.99 -25.88 -32.35
C ALA B 219 26.61 -25.60 -33.74
N PRO B 220 26.23 -26.34 -34.82
CA PRO B 220 26.81 -26.07 -36.15
C PRO B 220 26.59 -24.66 -36.67
N GLU B 221 25.41 -24.06 -36.38
CA GLU B 221 25.05 -22.68 -36.79
C GLU B 221 26.01 -21.66 -36.18
N VAL B 222 26.45 -21.92 -34.92
CA VAL B 222 27.39 -21.08 -34.16
C VAL B 222 28.80 -21.22 -34.76
N LEU B 223 29.21 -22.46 -35.09
CA LEU B 223 30.52 -22.80 -35.65
C LEU B 223 30.81 -22.20 -37.03
N ASP B 224 29.82 -22.20 -37.95
CA ASP B 224 29.99 -21.65 -39.30
C ASP B 224 29.43 -20.23 -39.51
N ASP B 225 29.13 -19.51 -38.40
CA ASP B 225 28.62 -18.13 -38.34
C ASP B 225 27.28 -17.85 -39.05
N SER B 226 26.50 -18.91 -39.36
CA SER B 226 25.18 -18.78 -40.01
C SER B 226 24.06 -18.43 -39.02
N ILE B 227 24.33 -18.52 -37.70
CA ILE B 227 23.38 -18.22 -36.62
C ILE B 227 22.94 -16.75 -36.60
N ASN B 228 21.62 -16.52 -36.54
CA ASN B 228 21.04 -15.18 -36.48
C ASN B 228 20.99 -14.76 -35.02
N MET B 229 21.96 -13.94 -34.60
CA MET B 229 22.09 -13.46 -33.21
C MET B 229 21.01 -12.44 -32.78
N LYS B 230 20.25 -11.90 -33.76
CA LYS B 230 19.14 -10.98 -33.52
C LYS B 230 17.95 -11.79 -32.95
N HIS B 231 17.75 -13.01 -33.49
CA HIS B 231 16.72 -13.96 -33.10
C HIS B 231 17.10 -14.62 -31.77
N PHE B 232 16.16 -14.67 -30.80
CA PHE B 232 16.43 -15.32 -29.51
C PHE B 232 16.18 -16.83 -29.58
N GLU B 233 15.27 -17.27 -30.49
CA GLU B 233 14.94 -18.68 -30.70
C GLU B 233 16.15 -19.51 -31.15
N SER B 234 17.10 -18.87 -31.88
CA SER B 234 18.34 -19.49 -32.35
C SER B 234 19.24 -19.91 -31.18
N PHE B 235 19.23 -19.11 -30.09
CA PHE B 235 19.98 -19.40 -28.85
C PHE B 235 19.32 -20.53 -28.08
N LYS B 236 17.97 -20.58 -28.09
CA LYS B 236 17.15 -21.61 -27.43
C LYS B 236 17.39 -22.97 -28.11
N ARG B 237 17.37 -23.00 -29.45
CA ARG B 237 17.59 -24.19 -30.29
C ARG B 237 19.03 -24.71 -30.20
N ALA B 238 20.00 -23.82 -29.94
CA ALA B 238 21.42 -24.17 -29.78
C ALA B 238 21.65 -24.97 -28.50
N ASP B 239 20.86 -24.67 -27.44
CA ASP B 239 20.90 -25.36 -26.15
C ASP B 239 20.34 -26.78 -26.26
N ILE B 240 19.36 -26.98 -27.16
CA ILE B 240 18.70 -28.26 -27.43
C ILE B 240 19.71 -29.26 -28.02
N TYR B 241 20.57 -28.80 -28.95
CA TYR B 241 21.63 -29.58 -29.58
C TYR B 241 22.67 -29.98 -28.53
N ALA B 242 23.03 -29.04 -27.63
CA ALA B 242 23.98 -29.25 -26.54
C ALA B 242 23.42 -30.22 -25.49
N MET B 243 22.08 -30.20 -25.28
CA MET B 243 21.38 -31.09 -24.35
C MET B 243 21.35 -32.52 -24.90
N GLY B 244 21.30 -32.63 -26.24
CA GLY B 244 21.31 -33.90 -26.96
C GLY B 244 22.63 -34.64 -26.83
N LEU B 245 23.74 -33.88 -26.78
CA LEU B 245 25.10 -34.41 -26.60
C LEU B 245 25.28 -34.94 -25.17
N VAL B 246 24.62 -34.28 -24.20
CA VAL B 246 24.62 -34.65 -22.78
C VAL B 246 23.77 -35.93 -22.62
N PHE B 247 22.64 -36.02 -23.36
CA PHE B 247 21.72 -37.16 -23.39
C PHE B 247 22.39 -38.42 -23.97
N TRP B 248 23.39 -38.23 -24.86
CA TRP B 248 24.16 -39.29 -25.51
C TRP B 248 25.05 -40.04 -24.50
N GLU B 249 25.73 -39.30 -23.60
CA GLU B 249 26.61 -39.88 -22.59
C GLU B 249 25.90 -40.51 -21.38
N ILE B 250 24.67 -40.04 -21.06
CA ILE B 250 23.85 -40.55 -19.94
C ILE B 250 23.39 -41.99 -20.27
N ALA B 251 22.80 -42.19 -21.47
CA ALA B 251 22.31 -43.47 -21.95
C ALA B 251 23.44 -44.45 -22.29
N ARG B 252 24.65 -43.94 -22.54
CA ARG B 252 25.84 -44.74 -22.87
C ARG B 252 26.36 -45.51 -21.64
N ARG B 253 26.14 -44.96 -20.44
CA ARG B 253 26.55 -45.55 -19.17
C ARG B 253 25.48 -46.45 -18.55
N CYS B 254 24.28 -46.49 -19.17
CA CYS B 254 23.15 -47.30 -18.72
C CYS B 254 23.42 -48.79 -18.96
N SER B 255 23.43 -49.57 -17.88
CA SER B 255 23.70 -51.01 -17.93
C SER B 255 22.44 -51.85 -17.75
N ILE B 256 22.17 -52.73 -18.73
CA ILE B 256 21.02 -53.65 -18.73
C ILE B 256 21.56 -55.09 -18.73
N GLY B 257 22.01 -55.53 -17.55
CA GLY B 257 22.56 -56.86 -17.34
C GLY B 257 24.03 -56.98 -17.67
N GLY B 258 24.82 -56.01 -17.21
CA GLY B 258 26.27 -55.98 -17.42
C GLY B 258 26.74 -55.18 -18.62
N ILE B 259 25.94 -55.13 -19.69
CA ILE B 259 26.28 -54.42 -20.93
C ILE B 259 26.23 -52.89 -20.83
N HIS B 260 27.43 -52.25 -20.80
CA HIS B 260 27.61 -50.81 -20.72
C HIS B 260 28.94 -50.36 -21.33
N GLU B 261 28.98 -49.13 -21.87
CA GLU B 261 30.16 -48.54 -22.51
C GLU B 261 30.94 -47.63 -21.57
N ASP B 262 32.27 -47.51 -21.81
CA ASP B 262 33.18 -46.65 -21.03
C ASP B 262 32.83 -45.17 -21.26
N TYR B 263 32.87 -44.36 -20.18
CA TYR B 263 32.53 -42.94 -20.25
C TYR B 263 33.51 -42.12 -21.09
N GLN B 264 32.98 -41.46 -22.13
CA GLN B 264 33.73 -40.60 -23.06
C GLN B 264 32.90 -39.38 -23.44
N LEU B 265 33.56 -38.23 -23.63
CA LEU B 265 32.92 -36.97 -24.03
C LEU B 265 32.52 -37.01 -25.52
N PRO B 266 31.54 -36.20 -26.00
CA PRO B 266 31.19 -36.24 -27.44
C PRO B 266 32.36 -35.85 -28.35
N TYR B 267 32.50 -36.58 -29.48
CA TYR B 267 33.57 -36.41 -30.49
C TYR B 267 34.97 -36.65 -29.89
N TYR B 268 35.09 -37.65 -28.99
CA TYR B 268 36.33 -38.03 -28.29
C TYR B 268 37.43 -38.53 -29.22
N ASP B 269 37.05 -39.32 -30.25
CA ASP B 269 37.96 -39.90 -31.23
C ASP B 269 38.23 -38.94 -32.38
N LEU B 270 37.17 -38.30 -32.92
CA LEU B 270 37.23 -37.35 -34.03
C LEU B 270 38.02 -36.08 -33.67
N VAL B 271 37.78 -35.54 -32.46
CA VAL B 271 38.43 -34.32 -31.97
C VAL B 271 39.27 -34.58 -30.69
N PRO B 272 40.49 -34.00 -30.54
CA PRO B 272 41.27 -34.26 -29.32
C PRO B 272 40.91 -33.33 -28.16
N SER B 273 41.63 -33.45 -27.02
CA SER B 273 41.44 -32.64 -25.82
C SER B 273 41.74 -31.16 -26.10
N ASP B 274 40.81 -30.27 -25.67
CA ASP B 274 40.84 -28.81 -25.87
C ASP B 274 40.87 -28.48 -27.38
N PRO B 275 39.73 -28.59 -28.10
CA PRO B 275 39.76 -28.34 -29.55
C PRO B 275 39.56 -26.88 -29.97
N SER B 276 40.06 -26.55 -31.17
CA SER B 276 39.95 -25.21 -31.76
C SER B 276 38.63 -25.08 -32.55
N VAL B 277 38.28 -23.85 -32.95
CA VAL B 277 37.06 -23.54 -33.71
C VAL B 277 37.10 -24.19 -35.11
N GLU B 278 38.26 -24.12 -35.79
CA GLU B 278 38.48 -24.69 -37.12
C GLU B 278 38.40 -26.22 -37.15
N GLU B 279 38.92 -26.89 -36.10
CA GLU B 279 38.92 -28.35 -35.97
C GLU B 279 37.51 -28.93 -35.76
N MET B 280 36.69 -28.27 -34.93
CA MET B 280 35.31 -28.68 -34.66
C MET B 280 34.37 -28.41 -35.84
N ARG B 281 34.71 -27.40 -36.67
CA ARG B 281 33.95 -27.00 -37.86
C ARG B 281 34.04 -28.06 -38.97
N LYS B 282 35.20 -28.73 -39.10
CA LYS B 282 35.46 -29.75 -40.10
C LYS B 282 34.64 -31.04 -39.88
N VAL B 283 34.29 -31.33 -38.62
CA VAL B 283 33.52 -32.51 -38.22
C VAL B 283 32.00 -32.24 -38.23
N VAL B 284 31.56 -31.21 -37.51
CA VAL B 284 30.13 -30.84 -37.37
C VAL B 284 29.52 -30.19 -38.62
N CYS B 285 30.23 -29.21 -39.23
CA CYS B 285 29.72 -28.47 -40.39
C CYS B 285 30.09 -29.05 -41.75
N GLU B 286 31.40 -29.23 -42.02
CA GLU B 286 31.93 -29.73 -43.30
C GLU B 286 31.49 -31.15 -43.66
N GLN B 287 31.80 -32.14 -42.81
CA GLN B 287 31.43 -33.54 -43.08
C GLN B 287 30.05 -33.94 -42.53
N LYS B 288 29.41 -33.04 -41.74
CA LYS B 288 28.09 -33.21 -41.09
C LYS B 288 28.04 -34.50 -40.24
N LEU B 289 28.89 -34.56 -39.20
CA LEU B 289 29.00 -35.72 -38.33
C LEU B 289 28.48 -35.47 -36.92
N ARG B 290 27.74 -36.45 -36.39
CA ARG B 290 27.15 -36.41 -35.05
C ARG B 290 27.59 -37.64 -34.24
N PRO B 291 27.53 -37.65 -32.88
CA PRO B 291 28.00 -38.82 -32.11
C PRO B 291 27.34 -40.14 -32.49
N ASN B 292 28.15 -41.22 -32.47
CA ASN B 292 27.77 -42.59 -32.81
C ASN B 292 26.76 -43.20 -31.83
N ILE B 293 25.71 -43.84 -32.37
CA ILE B 293 24.66 -44.50 -31.58
C ILE B 293 24.82 -46.03 -31.75
N PRO B 294 25.32 -46.74 -30.71
CA PRO B 294 25.53 -48.20 -30.84
C PRO B 294 24.28 -49.04 -31.08
N ASN B 295 24.49 -50.24 -31.66
CA ASN B 295 23.46 -51.22 -32.02
C ASN B 295 22.71 -51.82 -30.83
N ARG B 296 23.35 -51.90 -29.64
CA ARG B 296 22.76 -52.46 -28.42
C ARG B 296 21.59 -51.63 -27.83
N TRP B 297 21.49 -50.36 -28.26
CA TRP B 297 20.47 -49.40 -27.84
C TRP B 297 19.07 -49.72 -28.38
N GLN B 298 18.99 -50.60 -29.40
CA GLN B 298 17.73 -51.02 -30.03
C GLN B 298 17.03 -52.16 -29.27
N SER B 299 17.66 -52.67 -28.19
CA SER B 299 17.15 -53.76 -27.36
C SER B 299 15.93 -53.40 -26.51
N CYS B 300 16.04 -52.36 -25.66
CA CYS B 300 14.95 -51.91 -24.78
C CYS B 300 14.30 -50.59 -25.23
N GLU B 301 13.08 -50.32 -24.71
CA GLU B 301 12.26 -49.15 -25.01
C GLU B 301 12.92 -47.82 -24.60
N ALA B 302 13.45 -47.75 -23.35
CA ALA B 302 14.09 -46.55 -22.78
C ALA B 302 15.30 -46.06 -23.58
N LEU B 303 16.17 -46.98 -24.03
CA LEU B 303 17.37 -46.66 -24.82
C LEU B 303 17.02 -46.27 -26.27
N ARG B 304 15.91 -46.82 -26.80
CA ARG B 304 15.43 -46.57 -28.16
C ARG B 304 14.77 -45.18 -28.29
N VAL B 305 13.99 -44.77 -27.26
CA VAL B 305 13.30 -43.48 -27.21
C VAL B 305 14.33 -42.33 -27.10
N MET B 306 15.35 -42.51 -26.24
CA MET B 306 16.45 -41.56 -26.03
C MET B 306 17.24 -41.31 -27.31
N ALA B 307 17.47 -42.38 -28.10
CA ALA B 307 18.18 -42.33 -29.39
C ALA B 307 17.37 -41.59 -30.45
N LYS B 308 16.03 -41.68 -30.38
CA LYS B 308 15.10 -41.01 -31.30
C LYS B 308 15.11 -39.49 -31.06
N ILE B 309 15.18 -39.07 -29.79
CA ILE B 309 15.23 -37.67 -29.36
C ILE B 309 16.58 -37.06 -29.79
N MET B 310 17.69 -37.79 -29.54
CA MET B 310 19.06 -37.40 -29.88
C MET B 310 19.24 -37.01 -31.36
N ARG B 311 18.71 -37.82 -32.29
CA ARG B 311 18.75 -37.57 -33.73
C ARG B 311 17.84 -36.41 -34.13
N GLU B 312 16.77 -36.16 -33.34
CA GLU B 312 15.82 -35.07 -33.54
C GLU B 312 16.30 -33.75 -32.91
N CYS B 313 17.47 -33.79 -32.22
CA CYS B 313 18.12 -32.65 -31.58
C CYS B 313 19.41 -32.26 -32.31
N TRP B 314 19.98 -33.22 -33.08
CA TRP B 314 21.23 -33.04 -33.83
C TRP B 314 21.02 -32.61 -35.31
N TYR B 315 19.89 -31.92 -35.60
CA TYR B 315 19.59 -31.43 -36.96
C TYR B 315 20.53 -30.30 -37.39
N ALA B 316 20.77 -30.20 -38.71
CA ALA B 316 21.60 -29.15 -39.31
C ALA B 316 20.86 -27.81 -39.24
N ASN B 317 19.52 -27.85 -39.38
CA ASN B 317 18.62 -26.70 -39.31
C ASN B 317 18.11 -26.54 -37.87
N GLY B 318 18.09 -25.30 -37.38
CA GLY B 318 17.67 -24.96 -36.02
C GLY B 318 16.20 -25.17 -35.75
N ALA B 319 15.32 -24.64 -36.63
CA ALA B 319 13.86 -24.72 -36.53
C ALA B 319 13.28 -26.14 -36.49
N ALA B 320 13.95 -27.10 -37.16
CA ALA B 320 13.53 -28.50 -37.23
C ALA B 320 13.65 -29.25 -35.89
N ARG B 321 14.56 -28.79 -35.01
CA ARG B 321 14.83 -29.39 -33.67
C ARG B 321 13.62 -29.33 -32.73
N LEU B 322 13.60 -30.24 -31.74
CA LEU B 322 12.55 -30.33 -30.72
C LEU B 322 12.63 -29.17 -29.72
N THR B 323 11.53 -28.92 -29.00
CA THR B 323 11.47 -27.87 -27.98
C THR B 323 11.73 -28.46 -26.60
N ALA B 324 12.17 -27.62 -25.64
CA ALA B 324 12.49 -28.02 -24.26
C ALA B 324 11.31 -28.65 -23.52
N LEU B 325 10.08 -28.20 -23.81
CA LEU B 325 8.85 -28.72 -23.22
C LEU B 325 8.43 -30.05 -23.85
N ARG B 326 8.79 -30.28 -25.14
CA ARG B 326 8.48 -31.50 -25.88
C ARG B 326 9.30 -32.69 -25.36
N ILE B 327 10.60 -32.47 -25.05
CA ILE B 327 11.52 -33.47 -24.51
C ILE B 327 11.09 -33.82 -23.08
N LYS B 328 10.59 -32.82 -22.32
CA LYS B 328 10.08 -32.94 -20.95
C LYS B 328 8.80 -33.80 -20.91
N LYS B 329 7.88 -33.58 -21.86
CA LYS B 329 6.61 -34.31 -21.96
C LYS B 329 6.77 -35.76 -22.39
N THR B 330 7.68 -36.04 -23.36
CA THR B 330 7.96 -37.40 -23.86
C THR B 330 8.63 -38.28 -22.80
N LEU B 331 9.55 -37.69 -22.01
CA LEU B 331 10.28 -38.37 -20.92
C LEU B 331 9.36 -38.68 -19.74
N SER B 332 8.36 -37.81 -19.49
CA SER B 332 7.38 -37.97 -18.42
C SER B 332 6.44 -39.16 -18.70
N GLN B 333 6.14 -39.41 -19.98
CA GLN B 333 5.31 -40.53 -20.43
C GLN B 333 6.09 -41.84 -20.33
N LEU B 334 7.41 -41.79 -20.60
CA LEU B 334 8.33 -42.93 -20.54
C LEU B 334 8.58 -43.36 -19.10
N SER B 335 8.63 -42.40 -18.15
CA SER B 335 8.84 -42.65 -16.72
C SER B 335 7.65 -43.37 -16.08
N GLN B 336 6.42 -43.07 -16.57
CA GLN B 336 5.17 -43.66 -16.10
C GLN B 336 5.03 -45.15 -16.43
N GLN B 337 5.79 -45.63 -17.43
CA GLN B 337 5.81 -47.03 -17.88
C GLN B 337 6.40 -47.97 -16.82
N GLU B 338 7.40 -47.48 -16.06
CA GLU B 338 8.07 -48.25 -14.99
C GLU B 338 7.90 -47.62 -13.59
N GLY B 339 6.99 -46.67 -13.47
CA GLY B 339 6.69 -45.98 -12.22
C GLY B 339 7.44 -44.67 -12.05
N ILE C 10 26.23 1.37 -7.50
CA ILE C 10 26.37 0.41 -8.59
C ILE C 10 27.46 -0.61 -8.25
N SER C 11 27.09 -1.91 -8.23
CA SER C 11 27.97 -3.03 -7.91
C SER C 11 28.98 -3.34 -9.04
N GLU C 12 30.02 -4.13 -8.72
CA GLU C 12 31.08 -4.55 -9.64
C GLU C 12 30.55 -5.51 -10.70
N GLY C 13 31.00 -5.33 -11.94
CA GLY C 13 30.61 -6.15 -13.07
C GLY C 13 29.42 -5.64 -13.86
N THR C 14 28.72 -4.61 -13.34
CA THR C 14 27.54 -4.00 -13.97
C THR C 14 27.97 -3.17 -15.17
N THR C 15 27.30 -3.37 -16.32
CA THR C 15 27.57 -2.66 -17.57
C THR C 15 26.40 -1.76 -17.98
N LEU C 16 26.65 -0.81 -18.91
CA LEU C 16 25.66 0.13 -19.43
C LEU C 16 24.51 -0.61 -20.14
N LYS C 17 24.83 -1.69 -20.88
CA LYS C 17 23.87 -2.53 -21.60
C LYS C 17 22.90 -3.24 -20.65
N ASP C 18 23.39 -3.62 -19.45
CA ASP C 18 22.60 -4.27 -18.40
C ASP C 18 21.66 -3.25 -17.74
N LEU C 19 22.13 -1.99 -17.58
CA LEU C 19 21.37 -0.88 -16.98
C LEU C 19 20.17 -0.47 -17.83
N ILE C 20 20.29 -0.57 -19.18
CA ILE C 20 19.22 -0.25 -20.13
C ILE C 20 18.06 -1.23 -19.93
N TYR C 21 18.37 -2.52 -19.72
CA TYR C 21 17.40 -3.59 -19.47
C TYR C 21 16.69 -3.40 -18.13
N ASP C 22 17.42 -2.91 -17.10
CA ASP C 22 16.91 -2.66 -15.74
C ASP C 22 15.81 -1.59 -15.67
N MET C 23 15.84 -0.59 -16.58
CA MET C 23 14.85 0.50 -16.62
C MET C 23 13.72 0.29 -17.64
N THR C 24 14.01 -0.40 -18.77
CA THR C 24 13.03 -0.65 -19.83
C THR C 24 12.02 -1.74 -19.42
N THR C 25 12.50 -2.86 -18.85
CA THR C 25 11.66 -3.99 -18.43
C THR C 25 11.12 -3.86 -16.99
N SER C 26 11.35 -2.70 -16.34
CA SER C 26 10.90 -2.42 -14.97
C SER C 26 9.38 -2.20 -14.91
N GLY C 27 8.84 -2.22 -13.69
CA GLY C 27 7.41 -2.01 -13.41
C GLY C 27 6.90 -0.69 -13.95
N SER C 28 7.68 0.39 -13.70
CA SER C 28 7.43 1.74 -14.21
C SER C 28 8.43 2.05 -15.32
N GLY C 29 7.92 2.45 -16.47
CA GLY C 29 8.71 2.76 -17.66
C GLY C 29 9.54 4.04 -17.61
N SER C 30 9.79 4.56 -16.39
CA SER C 30 10.57 5.77 -16.15
C SER C 30 12.08 5.47 -16.13
N GLY C 31 12.89 6.51 -15.95
CA GLY C 31 14.35 6.43 -15.91
C GLY C 31 14.91 5.77 -14.66
N LEU C 32 16.25 5.65 -14.62
CA LEU C 32 17.02 5.05 -13.52
C LEU C 32 16.89 5.89 -12.22
N PRO C 33 17.05 5.30 -11.00
CA PRO C 33 16.93 6.10 -9.76
C PRO C 33 17.89 7.28 -9.67
N LEU C 34 17.45 8.35 -8.96
CA LEU C 34 18.18 9.61 -8.77
C LEU C 34 19.61 9.44 -8.25
N LEU C 35 19.83 8.49 -7.32
CA LEU C 35 21.15 8.19 -6.75
C LEU C 35 22.03 7.46 -7.77
N VAL C 36 21.41 6.57 -8.60
CA VAL C 36 22.09 5.81 -9.65
C VAL C 36 22.51 6.75 -10.78
N GLN C 37 21.62 7.70 -11.17
CA GLN C 37 21.85 8.71 -12.22
C GLN C 37 23.04 9.62 -11.86
N ARG C 38 23.17 9.97 -10.56
CA ARG C 38 24.24 10.80 -10.02
C ARG C 38 25.58 10.07 -10.08
N THR C 39 25.56 8.74 -9.86
CA THR C 39 26.74 7.87 -9.88
C THR C 39 27.29 7.70 -11.30
N ILE C 40 26.41 7.46 -12.30
CA ILE C 40 26.78 7.28 -13.71
C ILE C 40 27.53 8.49 -14.28
N ALA C 41 26.93 9.70 -14.14
CA ALA C 41 27.49 10.98 -14.61
C ALA C 41 28.86 11.33 -14.04
N ARG C 42 29.12 10.93 -12.77
CA ARG C 42 30.39 11.19 -12.08
C ARG C 42 31.43 10.07 -12.30
N THR C 43 31.11 9.09 -13.16
CA THR C 43 31.97 7.95 -13.50
C THR C 43 32.37 7.96 -14.99
N ILE C 44 31.63 8.70 -15.84
CA ILE C 44 31.87 8.82 -17.28
C ILE C 44 33.22 9.49 -17.57
N VAL C 45 34.08 8.81 -18.34
CA VAL C 45 35.39 9.30 -18.75
C VAL C 45 35.21 9.99 -20.11
N LEU C 46 35.38 11.33 -20.14
CA LEU C 46 35.24 12.14 -21.36
C LEU C 46 36.40 11.88 -22.32
N GLN C 47 36.08 11.54 -23.57
CA GLN C 47 37.07 11.24 -24.61
C GLN C 47 37.38 12.45 -25.50
N GLU C 48 36.36 12.97 -26.22
CA GLU C 48 36.49 14.10 -27.14
C GLU C 48 35.15 14.82 -27.40
N SER C 49 35.21 16.10 -27.82
CA SER C 49 34.03 16.90 -28.16
C SER C 49 33.54 16.44 -29.54
N ILE C 50 32.31 15.88 -29.59
CA ILE C 50 31.73 15.34 -30.82
C ILE C 50 30.92 16.33 -31.67
N GLY C 51 30.35 17.35 -31.04
CA GLY C 51 29.56 18.37 -31.74
C GLY C 51 28.96 19.44 -30.85
N LYS C 52 28.25 20.41 -31.47
CA LYS C 52 27.60 21.52 -30.80
C LYS C 52 26.32 21.95 -31.52
N GLY C 53 25.32 22.36 -30.75
CA GLY C 53 24.04 22.84 -31.24
C GLY C 53 23.73 24.25 -30.75
N ARG C 54 22.45 24.53 -30.48
CA ARG C 54 22.02 25.84 -29.97
C ARG C 54 22.15 25.97 -28.46
N PHE C 55 22.03 24.84 -27.72
CA PHE C 55 22.17 24.80 -26.27
C PHE C 55 23.17 23.74 -25.85
N GLY C 56 24.20 24.15 -25.12
CA GLY C 56 25.26 23.28 -24.62
C GLY C 56 26.19 22.72 -25.69
N GLU C 57 27.04 21.75 -25.30
CA GLU C 57 27.99 21.09 -26.17
C GLU C 57 27.96 19.57 -25.95
N VAL C 58 27.87 18.79 -27.05
CA VAL C 58 27.82 17.34 -27.03
C VAL C 58 29.25 16.76 -27.01
N TRP C 59 29.52 15.85 -26.06
CA TRP C 59 30.81 15.20 -25.86
C TRP C 59 30.69 13.69 -25.88
N ARG C 60 31.73 13.00 -26.37
CA ARG C 60 31.80 11.54 -26.43
C ARG C 60 32.45 11.03 -25.13
N GLY C 61 31.68 10.29 -24.34
CA GLY C 61 32.12 9.73 -23.08
C GLY C 61 32.18 8.22 -23.06
N LYS C 62 32.80 7.66 -22.01
CA LYS C 62 32.93 6.21 -21.83
C LYS C 62 32.67 5.77 -20.40
N TRP C 63 31.55 5.04 -20.20
CA TRP C 63 31.16 4.50 -18.89
C TRP C 63 31.47 3.01 -18.87
N ARG C 64 32.51 2.62 -18.08
CA ARG C 64 33.00 1.25 -17.92
C ARG C 64 33.37 0.56 -19.24
N GLY C 65 34.04 1.31 -20.12
CA GLY C 65 34.48 0.83 -21.43
C GLY C 65 33.53 1.15 -22.57
N GLU C 66 32.21 1.01 -22.33
CA GLU C 66 31.14 1.25 -23.31
C GLU C 66 31.01 2.72 -23.68
N GLU C 67 30.83 3.01 -24.99
CA GLU C 67 30.68 4.37 -25.52
C GLU C 67 29.34 4.98 -25.12
N VAL C 68 29.35 6.27 -24.74
CA VAL C 68 28.16 7.01 -24.31
C VAL C 68 28.20 8.49 -24.76
N ALA C 69 27.01 9.13 -24.90
CA ALA C 69 26.88 10.54 -25.31
C ALA C 69 26.51 11.42 -24.10
N VAL C 70 27.28 12.51 -23.90
CA VAL C 70 27.10 13.45 -22.80
C VAL C 70 26.93 14.89 -23.33
N LYS C 71 25.85 15.57 -22.89
CA LYS C 71 25.56 16.95 -23.28
C LYS C 71 25.81 17.88 -22.09
N ILE C 72 26.92 18.64 -22.15
CA ILE C 72 27.31 19.57 -21.09
C ILE C 72 26.71 20.96 -21.34
N PHE C 73 25.74 21.35 -20.50
CA PHE C 73 25.04 22.64 -20.57
C PHE C 73 25.74 23.69 -19.71
N SER C 74 25.68 24.96 -20.15
CA SER C 74 26.26 26.10 -19.44
C SER C 74 25.36 26.51 -18.27
N SER C 75 25.92 27.24 -17.29
CA SER C 75 25.19 27.72 -16.10
C SER C 75 24.03 28.67 -16.44
N ARG C 76 24.19 29.47 -17.51
CA ARG C 76 23.18 30.43 -17.99
C ARG C 76 21.99 29.71 -18.63
N GLU C 77 22.26 28.56 -19.30
CA GLU C 77 21.27 27.73 -20.01
C GLU C 77 20.66 26.63 -19.11
N GLU C 78 20.19 27.02 -17.91
CA GLU C 78 19.59 26.09 -16.93
C GLU C 78 18.16 25.65 -17.32
N ARG C 79 17.43 26.51 -18.05
CA ARG C 79 16.05 26.23 -18.51
C ARG C 79 16.06 25.15 -19.60
N SER C 80 17.06 25.20 -20.51
CA SER C 80 17.24 24.26 -21.62
C SER C 80 17.58 22.86 -21.10
N TRP C 81 18.35 22.79 -20.00
CA TRP C 81 18.76 21.55 -19.34
C TRP C 81 17.58 20.91 -18.60
N PHE C 82 16.79 21.71 -17.86
CA PHE C 82 15.64 21.26 -17.09
C PHE C 82 14.48 20.75 -17.95
N ARG C 83 14.15 21.47 -19.05
CA ARG C 83 13.06 21.12 -19.97
C ARG C 83 13.28 19.75 -20.62
N GLU C 84 14.52 19.45 -21.03
CA GLU C 84 14.88 18.17 -21.64
C GLU C 84 14.88 17.05 -20.61
N ALA C 85 15.43 17.31 -19.39
CA ALA C 85 15.49 16.35 -18.28
C ALA C 85 14.10 15.97 -17.75
N GLU C 86 13.16 16.93 -17.71
CA GLU C 86 11.79 16.70 -17.25
C GLU C 86 10.98 15.88 -18.26
N ILE C 87 11.19 16.16 -19.57
CA ILE C 87 10.52 15.45 -20.67
C ILE C 87 11.05 14.01 -20.80
N TYR C 88 12.37 13.80 -20.66
CA TYR C 88 12.98 12.47 -20.75
C TYR C 88 12.72 11.58 -19.52
N GLN C 89 12.45 12.17 -18.34
CA GLN C 89 12.21 11.42 -17.10
C GLN C 89 10.74 11.13 -16.76
N THR C 90 10.09 12.02 -15.97
CA THR C 90 8.71 11.87 -15.48
C THR C 90 7.64 12.06 -16.57
N VAL C 91 7.65 11.15 -17.58
CA VAL C 91 6.72 11.15 -18.72
C VAL C 91 6.31 9.69 -19.06
N MET C 92 7.31 8.78 -19.19
CA MET C 92 7.19 7.36 -19.57
C MET C 92 7.01 7.28 -21.10
N LEU C 93 8.14 7.40 -21.84
CA LEU C 93 8.17 7.41 -23.30
C LEU C 93 9.24 6.50 -23.92
N ARG C 94 9.82 5.57 -23.13
CA ARG C 94 10.85 4.62 -23.56
C ARG C 94 10.43 3.84 -24.82
N HIS C 95 10.85 4.36 -25.99
CA HIS C 95 10.53 3.82 -27.31
C HIS C 95 11.79 3.57 -28.13
N GLU C 96 11.71 2.61 -29.07
CA GLU C 96 12.76 2.17 -30.00
C GLU C 96 13.28 3.34 -30.86
N ASN C 97 12.36 4.18 -31.39
CA ASN C 97 12.69 5.32 -32.25
C ASN C 97 12.82 6.66 -31.50
N ILE C 98 13.08 6.60 -30.18
CA ILE C 98 13.30 7.76 -29.31
C ILE C 98 14.66 7.55 -28.62
N LEU C 99 15.49 8.62 -28.58
CA LEU C 99 16.83 8.63 -27.98
C LEU C 99 16.82 8.09 -26.55
N GLY C 100 17.57 7.01 -26.34
CA GLY C 100 17.68 6.31 -25.07
C GLY C 100 18.39 7.10 -23.98
N PHE C 101 17.61 7.79 -23.15
CA PHE C 101 18.08 8.61 -22.03
C PHE C 101 18.65 7.73 -20.91
N ILE C 102 19.75 8.18 -20.28
CA ILE C 102 20.42 7.45 -19.20
C ILE C 102 20.42 8.22 -17.88
N ALA C 103 21.04 9.43 -17.84
CA ALA C 103 21.13 10.23 -16.61
C ALA C 103 21.11 11.76 -16.82
N ALA C 104 20.79 12.50 -15.74
CA ALA C 104 20.76 13.96 -15.66
C ALA C 104 21.30 14.36 -14.28
N ASP C 105 22.36 15.19 -14.25
CA ASP C 105 23.00 15.58 -12.98
C ASP C 105 23.55 17.00 -12.96
N ASN C 106 23.44 17.66 -11.78
CA ASN C 106 23.96 18.99 -11.49
C ASN C 106 25.13 18.83 -10.51
N LYS C 107 26.35 19.19 -10.94
CA LYS C 107 27.58 19.03 -10.15
C LYS C 107 27.86 20.14 -9.13
N ASP C 108 28.09 21.37 -9.61
CA ASP C 108 28.44 22.51 -8.75
C ASP C 108 27.26 23.50 -8.54
N ASN C 109 27.55 24.68 -7.97
CA ASN C 109 26.58 25.75 -7.69
C ASN C 109 27.11 27.14 -8.03
N GLY C 110 26.21 28.02 -8.48
CA GLY C 110 26.51 29.40 -8.83
C GLY C 110 26.78 29.63 -10.30
N THR C 111 27.87 30.36 -10.60
CA THR C 111 28.31 30.71 -11.96
C THR C 111 29.06 29.53 -12.61
N TRP C 112 29.70 28.68 -11.79
CA TRP C 112 30.47 27.53 -12.26
C TRP C 112 29.68 26.20 -12.15
N THR C 113 28.35 26.27 -12.31
CA THR C 113 27.44 25.13 -12.26
C THR C 113 27.60 24.25 -13.50
N GLN C 114 27.81 22.94 -13.29
CA GLN C 114 27.95 21.95 -14.37
C GLN C 114 26.64 21.19 -14.52
N LEU C 115 26.01 21.30 -15.69
CA LEU C 115 24.75 20.61 -15.98
C LEU C 115 24.99 19.54 -17.05
N TRP C 116 24.82 18.27 -16.66
CA TRP C 116 25.05 17.12 -17.53
C TRP C 116 23.78 16.39 -17.94
N LEU C 117 23.77 15.88 -19.18
CA LEU C 117 22.66 15.11 -19.75
C LEU C 117 23.23 13.93 -20.54
N VAL C 118 22.99 12.71 -20.03
CA VAL C 118 23.52 11.45 -20.58
C VAL C 118 22.47 10.69 -21.40
N SER C 119 22.88 10.21 -22.60
CA SER C 119 22.04 9.43 -23.52
C SER C 119 22.88 8.46 -24.37
N ASP C 120 22.21 7.54 -25.10
CA ASP C 120 22.85 6.55 -25.96
C ASP C 120 23.57 7.17 -27.16
N TYR C 121 24.81 6.71 -27.42
CA TYR C 121 25.66 7.18 -28.52
C TYR C 121 25.49 6.32 -29.78
N HIS C 122 25.49 6.97 -30.96
CA HIS C 122 25.37 6.33 -32.27
C HIS C 122 26.54 6.77 -33.17
N GLU C 123 27.35 5.79 -33.66
CA GLU C 123 28.53 6.02 -34.50
C GLU C 123 28.21 6.67 -35.87
N HIS C 124 27.03 6.35 -36.45
CA HIS C 124 26.58 6.93 -37.72
C HIS C 124 26.33 8.45 -37.62
N GLY C 125 26.00 8.90 -36.41
CA GLY C 125 25.74 10.30 -36.10
C GLY C 125 24.37 10.80 -36.50
N SER C 126 24.25 12.13 -36.67
CA SER C 126 23.01 12.79 -37.08
C SER C 126 22.72 12.52 -38.55
N LEU C 127 21.44 12.64 -38.95
CA LEU C 127 20.97 12.42 -40.33
C LEU C 127 21.64 13.39 -41.32
N PHE C 128 21.98 14.62 -40.86
CA PHE C 128 22.65 15.66 -41.63
C PHE C 128 24.07 15.21 -42.04
N ASP C 129 24.84 14.64 -41.09
CA ASP C 129 26.20 14.14 -41.32
C ASP C 129 26.21 12.83 -42.10
N TYR C 130 25.21 11.96 -41.88
CA TYR C 130 25.05 10.66 -42.53
C TYR C 130 24.72 10.78 -44.02
N LEU C 131 23.76 11.66 -44.37
CA LEU C 131 23.32 11.88 -45.75
C LEU C 131 24.35 12.62 -46.61
N ASN C 132 25.15 13.52 -46.00
CA ASN C 132 26.19 14.28 -46.68
C ASN C 132 27.42 13.42 -47.02
N ARG C 133 27.59 12.29 -46.30
CA ARG C 133 28.71 11.35 -46.47
C ARG C 133 28.31 10.03 -47.16
N TYR C 134 27.05 9.57 -46.99
CA TYR C 134 26.57 8.30 -47.56
C TYR C 134 25.36 8.44 -48.48
N THR C 135 25.18 7.44 -49.38
CA THR C 135 24.07 7.33 -50.33
C THR C 135 23.23 6.12 -49.92
N VAL C 136 21.92 6.33 -49.69
CA VAL C 136 20.99 5.30 -49.23
C VAL C 136 20.36 4.46 -50.37
N THR C 137 19.99 3.21 -50.07
CA THR C 137 19.34 2.26 -50.99
C THR C 137 17.82 2.38 -50.84
N VAL C 138 17.03 1.71 -51.71
CA VAL C 138 15.56 1.71 -51.72
C VAL C 138 15.00 1.20 -50.38
N GLU C 139 15.50 0.05 -49.88
CA GLU C 139 15.09 -0.57 -48.62
C GLU C 139 15.51 0.29 -47.42
N GLY C 140 16.71 0.89 -47.51
CA GLY C 140 17.27 1.75 -46.48
C GLY C 140 16.52 3.05 -46.29
N MET C 141 16.05 3.65 -47.41
CA MET C 141 15.28 4.90 -47.46
C MET C 141 13.95 4.76 -46.69
N ILE C 142 13.27 3.61 -46.84
CA ILE C 142 12.01 3.30 -46.16
C ILE C 142 12.24 3.14 -44.65
N LYS C 143 13.34 2.44 -44.26
CA LYS C 143 13.73 2.21 -42.86
C LYS C 143 13.96 3.50 -42.08
N LEU C 144 14.59 4.51 -42.72
CA LEU C 144 14.87 5.82 -42.12
C LEU C 144 13.57 6.63 -41.97
N ALA C 145 12.71 6.57 -43.00
CA ALA C 145 11.42 7.29 -43.04
C ALA C 145 10.40 6.70 -42.06
N LEU C 146 10.31 5.35 -41.97
CA LEU C 146 9.38 4.64 -41.08
C LEU C 146 9.68 4.95 -39.61
N SER C 147 10.97 4.94 -39.24
CA SER C 147 11.46 5.22 -37.89
C SER C 147 11.18 6.66 -37.45
N THR C 148 11.34 7.63 -38.38
CA THR C 148 11.07 9.05 -38.13
C THR C 148 9.56 9.26 -37.94
N ALA C 149 8.74 8.54 -38.72
CA ALA C 149 7.28 8.58 -38.65
C ALA C 149 6.77 7.93 -37.37
N SER C 150 7.36 6.77 -36.98
CA SER C 150 7.00 6.02 -35.78
C SER C 150 7.42 6.76 -34.49
N GLY C 151 8.52 7.50 -34.57
CA GLY C 151 9.08 8.29 -33.48
C GLY C 151 8.16 9.42 -33.05
N LEU C 152 7.68 10.22 -34.02
CA LEU C 152 6.75 11.32 -33.77
C LEU C 152 5.34 10.82 -33.47
N ALA C 153 5.01 9.59 -33.91
CA ALA C 153 3.71 8.94 -33.66
C ALA C 153 3.58 8.60 -32.17
N HIS C 154 4.69 8.21 -31.54
CA HIS C 154 4.77 7.88 -30.11
C HIS C 154 4.73 9.16 -29.26
N LEU C 155 5.34 10.25 -29.74
CA LEU C 155 5.38 11.56 -29.07
C LEU C 155 4.00 12.20 -29.04
N HIS C 156 3.27 12.17 -30.18
CA HIS C 156 1.92 12.72 -30.34
C HIS C 156 0.86 11.88 -29.60
N MET C 157 1.11 10.56 -29.41
CA MET C 157 0.21 9.62 -28.75
C MET C 157 0.06 9.94 -27.26
N GLU C 158 -1.20 10.04 -26.79
CA GLU C 158 -1.51 10.33 -25.39
C GLU C 158 -2.29 9.18 -24.77
N ILE C 159 -1.75 8.61 -23.67
CA ILE C 159 -2.37 7.52 -22.93
C ILE C 159 -2.94 8.11 -21.62
N VAL C 160 -4.28 8.13 -21.51
CA VAL C 160 -4.99 8.70 -20.36
C VAL C 160 -5.28 7.62 -19.31
N GLY C 161 -4.96 7.92 -18.06
CA GLY C 161 -5.18 7.03 -16.92
C GLY C 161 -4.05 7.02 -15.90
N THR C 162 -3.40 8.20 -15.70
CA THR C 162 -2.28 8.45 -14.77
C THR C 162 -0.97 7.70 -15.14
N GLN C 163 -1.07 6.37 -15.33
CA GLN C 163 0.06 5.50 -15.70
C GLN C 163 0.63 5.72 -17.11
N GLY C 164 -0.14 6.38 -17.98
CA GLY C 164 0.24 6.69 -19.35
C GLY C 164 1.19 7.85 -19.53
N LYS C 165 1.20 8.44 -20.74
CA LYS C 165 2.07 9.57 -21.09
C LYS C 165 1.33 10.75 -21.74
N PRO C 166 1.74 12.01 -21.48
CA PRO C 166 1.05 13.14 -22.13
C PRO C 166 1.52 13.35 -23.58
N ALA C 167 0.69 14.04 -24.39
CA ALA C 167 1.00 14.33 -25.80
C ALA C 167 2.10 15.39 -25.90
N ILE C 168 3.20 15.06 -26.60
CA ILE C 168 4.37 15.95 -26.74
C ILE C 168 4.61 16.33 -28.21
N ALA C 169 4.74 17.66 -28.47
CA ALA C 169 5.04 18.23 -29.77
C ALA C 169 6.50 18.70 -29.76
N HIS C 170 7.29 18.29 -30.77
CA HIS C 170 8.71 18.61 -30.89
C HIS C 170 9.06 20.09 -31.08
N ARG C 171 8.27 20.81 -31.92
CA ARG C 171 8.41 22.24 -32.26
C ARG C 171 9.63 22.60 -33.14
N ASP C 172 10.71 21.81 -33.08
CA ASP C 172 11.94 22.02 -33.86
C ASP C 172 12.48 20.70 -34.45
N LEU C 173 11.89 20.27 -35.58
CA LEU C 173 12.30 19.05 -36.26
C LEU C 173 13.20 19.36 -37.45
N LYS C 174 14.40 18.73 -37.47
CA LYS C 174 15.41 18.90 -38.53
C LYS C 174 16.32 17.67 -38.63
N SER C 175 17.12 17.59 -39.72
CA SER C 175 18.06 16.50 -39.99
C SER C 175 19.17 16.43 -38.93
N LYS C 176 19.57 17.60 -38.37
CA LYS C 176 20.59 17.71 -37.32
C LYS C 176 20.09 17.16 -35.99
N ASN C 177 18.78 17.27 -35.71
CA ASN C 177 18.13 16.80 -34.48
C ASN C 177 17.79 15.30 -34.49
N ILE C 178 17.79 14.66 -35.67
CA ILE C 178 17.48 13.24 -35.81
C ILE C 178 18.78 12.43 -35.98
N LEU C 179 18.99 11.44 -35.11
CA LEU C 179 20.17 10.56 -35.13
C LEU C 179 19.84 9.20 -35.73
N VAL C 180 20.83 8.57 -36.38
CA VAL C 180 20.69 7.24 -37.00
C VAL C 180 21.52 6.17 -36.28
N LYS C 181 20.86 5.06 -35.88
CA LYS C 181 21.44 3.92 -35.16
C LYS C 181 22.39 3.07 -36.03
N LYS C 182 23.03 2.05 -35.41
CA LYS C 182 23.96 1.12 -36.05
C LYS C 182 23.32 0.25 -37.13
N ASN C 183 22.03 -0.10 -36.96
CA ASN C 183 21.27 -0.94 -37.90
C ASN C 183 20.53 -0.14 -38.99
N GLY C 184 20.81 1.16 -39.09
CA GLY C 184 20.20 2.06 -40.07
C GLY C 184 18.76 2.43 -39.75
N THR C 185 18.50 2.75 -38.47
CA THR C 185 17.19 3.13 -37.94
C THR C 185 17.32 4.49 -37.24
N CYS C 186 16.30 5.37 -37.39
CA CYS C 186 16.32 6.71 -36.81
C CYS C 186 15.73 6.83 -35.41
N CYS C 187 16.27 7.77 -34.60
CA CYS C 187 15.84 8.08 -33.24
C CYS C 187 15.78 9.59 -33.03
N ILE C 188 14.62 10.07 -32.54
CA ILE C 188 14.36 11.50 -32.30
C ILE C 188 15.11 11.99 -31.05
N ALA C 189 15.87 13.09 -31.19
CA ALA C 189 16.66 13.69 -30.11
C ALA C 189 16.39 15.19 -29.93
N ASP C 190 16.91 15.78 -28.82
CA ASP C 190 16.79 17.19 -28.42
C ASP C 190 15.33 17.63 -28.21
N LEU C 191 14.83 17.45 -26.99
CA LEU C 191 13.46 17.80 -26.59
C LEU C 191 13.43 19.04 -25.65
N GLY C 192 14.42 19.91 -25.79
CA GLY C 192 14.56 21.13 -25.01
C GLY C 192 13.52 22.19 -25.31
N LEU C 193 13.04 22.23 -26.57
CA LEU C 193 12.03 23.20 -27.04
C LEU C 193 10.62 22.57 -27.13
N ALA C 194 10.49 21.28 -26.74
CA ALA C 194 9.24 20.53 -26.77
C ALA C 194 8.18 21.00 -25.77
N VAL C 195 6.89 20.70 -26.06
CA VAL C 195 5.73 21.07 -25.25
C VAL C 195 4.84 19.87 -24.89
N ARG C 196 4.55 19.70 -23.58
CA ARG C 196 3.69 18.63 -23.05
C ARG C 196 2.23 19.07 -23.02
N HIS C 197 1.28 18.12 -23.15
CA HIS C 197 -0.16 18.40 -23.15
C HIS C 197 -0.98 17.24 -22.59
N ASP C 198 -1.94 17.56 -21.69
CA ASP C 198 -2.85 16.61 -21.07
C ASP C 198 -4.29 16.95 -21.48
N SER C 199 -4.97 16.01 -22.15
CA SER C 199 -6.35 16.18 -22.65
C SER C 199 -7.41 16.22 -21.54
N ALA C 200 -7.13 15.60 -20.37
CA ALA C 200 -8.03 15.53 -19.23
C ALA C 200 -8.33 16.89 -18.57
N THR C 201 -7.37 17.84 -18.65
CA THR C 201 -7.50 19.19 -18.07
C THR C 201 -7.31 20.33 -19.08
N ASP C 202 -6.78 20.01 -20.29
CA ASP C 202 -6.49 20.95 -21.39
C ASP C 202 -5.54 22.08 -20.94
N THR C 203 -4.27 21.72 -20.68
CA THR C 203 -3.23 22.63 -20.22
C THR C 203 -1.89 22.34 -20.92
N ILE C 204 -1.09 23.39 -21.16
CA ILE C 204 0.24 23.31 -21.77
C ILE C 204 1.29 24.00 -20.90
N ASP C 205 2.36 23.26 -20.53
CA ASP C 205 3.44 23.68 -19.64
C ASP C 205 4.22 24.94 -20.03
N ILE C 206 4.45 25.17 -21.33
CA ILE C 206 5.20 26.34 -21.82
C ILE C 206 4.39 27.65 -21.83
N ALA C 207 5.06 28.77 -22.14
CA ALA C 207 4.46 30.10 -22.28
C ALA C 207 4.32 30.39 -23.79
N PRO C 208 3.12 30.23 -24.38
CA PRO C 208 2.99 30.45 -25.83
C PRO C 208 2.72 31.90 -26.24
N ASN C 209 3.72 32.52 -26.89
CA ASN C 209 3.67 33.92 -27.37
C ASN C 209 4.69 34.21 -28.47
N HIS C 210 5.86 33.53 -28.43
CA HIS C 210 6.95 33.73 -29.39
C HIS C 210 7.28 32.49 -30.24
N ARG C 211 7.95 32.72 -31.38
CA ARG C 211 8.39 31.69 -32.33
C ARG C 211 9.64 30.96 -31.81
N VAL C 212 9.67 29.61 -31.98
CA VAL C 212 10.79 28.77 -31.54
C VAL C 212 11.29 27.80 -32.61
N GLY C 213 12.58 27.50 -32.57
CA GLY C 213 13.24 26.58 -33.48
C GLY C 213 13.95 27.22 -34.65
N THR C 214 14.43 26.38 -35.60
CA THR C 214 15.13 26.82 -36.81
C THR C 214 14.15 27.43 -37.79
N LYS C 215 14.49 28.62 -38.33
CA LYS C 215 13.68 29.38 -39.29
C LYS C 215 13.45 28.64 -40.61
N ARG C 216 14.43 27.82 -41.05
CA ARG C 216 14.39 27.03 -42.28
C ARG C 216 13.31 25.93 -42.25
N TYR C 217 13.06 25.36 -41.06
CA TYR C 217 12.08 24.28 -40.87
C TYR C 217 10.74 24.76 -40.26
N MET C 218 10.57 26.09 -40.10
CA MET C 218 9.36 26.71 -39.55
C MET C 218 8.16 26.61 -40.47
N ALA C 219 6.98 26.32 -39.90
CA ALA C 219 5.70 26.20 -40.60
C ALA C 219 5.19 27.58 -41.08
N PRO C 220 4.43 27.66 -42.21
CA PRO C 220 3.93 28.98 -42.66
C PRO C 220 3.05 29.71 -41.65
N GLU C 221 2.22 28.96 -40.89
CA GLU C 221 1.33 29.50 -39.84
C GLU C 221 2.12 30.20 -38.73
N VAL C 222 3.31 29.66 -38.41
CA VAL C 222 4.24 30.18 -37.40
C VAL C 222 4.90 31.46 -37.93
N LEU C 223 5.33 31.45 -39.21
CA LEU C 223 6.01 32.55 -39.90
C LEU C 223 5.16 33.82 -40.05
N ASP C 224 3.87 33.69 -40.41
CA ASP C 224 2.98 34.84 -40.59
C ASP C 224 2.06 35.15 -39.39
N ASP C 225 2.35 34.56 -38.21
CA ASP C 225 1.64 34.73 -36.93
C ASP C 225 0.15 34.34 -36.89
N SER C 226 -0.32 33.56 -37.90
CA SER C 226 -1.71 33.10 -37.98
C SER C 226 -1.99 31.87 -37.09
N ILE C 227 -0.92 31.23 -36.56
CA ILE C 227 -0.99 30.04 -35.71
C ILE C 227 -1.70 30.31 -34.37
N ASN C 228 -2.67 29.46 -34.03
CA ASN C 228 -3.42 29.56 -32.78
C ASN C 228 -2.63 28.80 -31.70
N MET C 229 -1.90 29.54 -30.87
CA MET C 229 -1.05 29.00 -29.80
C MET C 229 -1.83 28.41 -28.62
N LYS C 230 -3.15 28.68 -28.53
CA LYS C 230 -4.05 28.14 -27.52
C LYS C 230 -4.31 26.65 -27.84
N HIS C 231 -4.47 26.35 -29.15
CA HIS C 231 -4.69 25.01 -29.70
C HIS C 231 -3.39 24.22 -29.68
N PHE C 232 -3.42 22.97 -29.18
CA PHE C 232 -2.24 22.12 -29.16
C PHE C 232 -2.04 21.38 -30.49
N GLU C 233 -3.15 21.12 -31.22
CA GLU C 233 -3.14 20.46 -32.53
C GLU C 233 -2.34 21.23 -33.58
N SER C 234 -2.30 22.57 -33.45
CA SER C 234 -1.54 23.47 -34.33
C SER C 234 -0.04 23.22 -34.22
N PHE C 235 0.45 22.87 -33.00
CA PHE C 235 1.85 22.54 -32.74
C PHE C 235 2.19 21.16 -33.30
N LYS C 236 1.22 20.21 -33.22
CA LYS C 236 1.34 18.85 -33.73
C LYS C 236 1.46 18.86 -35.27
N ARG C 237 0.59 19.66 -35.93
CA ARG C 237 0.53 19.84 -37.39
C ARG C 237 1.76 20.56 -37.94
N ALA C 238 2.39 21.44 -37.12
CA ALA C 238 3.60 22.18 -37.48
C ALA C 238 4.81 21.24 -37.59
N ASP C 239 4.84 20.18 -36.76
CA ASP C 239 5.88 19.16 -36.74
C ASP C 239 5.80 18.27 -37.98
N ILE C 240 4.57 18.05 -38.50
CA ILE C 240 4.27 17.25 -39.69
C ILE C 240 4.91 17.90 -40.94
N TYR C 241 4.79 19.24 -41.06
CA TYR C 241 5.37 20.04 -42.13
C TYR C 241 6.90 19.97 -42.08
N ALA C 242 7.47 20.04 -40.86
CA ALA C 242 8.91 19.96 -40.60
C ALA C 242 9.45 18.56 -40.91
N MET C 243 8.62 17.51 -40.67
CA MET C 243 8.96 16.12 -40.94
C MET C 243 8.97 15.86 -42.45
N GLY C 244 8.11 16.58 -43.18
CA GLY C 244 8.00 16.52 -44.63
C GLY C 244 9.23 17.05 -45.35
N LEU C 245 9.86 18.09 -44.75
CA LEU C 245 11.09 18.72 -45.25
C LEU C 245 12.27 17.77 -45.07
N VAL C 246 12.24 16.99 -43.96
CA VAL C 246 13.25 15.97 -43.60
C VAL C 246 13.10 14.79 -44.57
N PHE C 247 11.84 14.43 -44.90
CA PHE C 247 11.48 13.35 -45.83
C PHE C 247 11.93 13.66 -47.27
N TRP C 248 12.02 14.96 -47.62
CA TRP C 248 12.46 15.46 -48.92
C TRP C 248 13.94 15.16 -49.18
N GLU C 249 14.80 15.39 -48.17
CA GLU C 249 16.26 15.16 -48.29
C GLU C 249 16.67 13.68 -48.20
N ILE C 250 15.88 12.84 -47.49
CA ILE C 250 16.14 11.39 -47.36
C ILE C 250 16.00 10.70 -48.72
N ALA C 251 14.87 10.94 -49.42
CA ALA C 251 14.58 10.39 -50.74
C ALA C 251 15.46 10.99 -51.84
N ARG C 252 16.07 12.17 -51.58
CA ARG C 252 16.96 12.89 -52.50
C ARG C 252 18.29 12.15 -52.68
N ARG C 253 18.82 11.55 -51.61
CA ARG C 253 20.07 10.79 -51.64
C ARG C 253 19.87 9.30 -51.99
N CYS C 254 18.61 8.87 -52.22
CA CYS C 254 18.28 7.49 -52.60
C CYS C 254 18.74 7.23 -54.04
N SER C 255 19.67 6.28 -54.21
CA SER C 255 20.23 5.92 -55.52
C SER C 255 19.66 4.61 -56.06
N ILE C 256 19.10 4.66 -57.28
CA ILE C 256 18.53 3.49 -57.97
C ILE C 256 19.32 3.28 -59.28
N GLY C 257 20.51 2.72 -59.13
CA GLY C 257 21.42 2.45 -60.25
C GLY C 257 22.29 3.62 -60.65
N GLY C 258 22.87 4.28 -59.65
CA GLY C 258 23.76 5.42 -59.85
C GLY C 258 23.12 6.79 -59.76
N ILE C 259 21.83 6.90 -60.17
CA ILE C 259 21.08 8.16 -60.17
C ILE C 259 20.69 8.67 -58.78
N HIS C 260 21.38 9.73 -58.31
CA HIS C 260 21.16 10.39 -57.01
C HIS C 260 21.60 11.87 -57.05
N GLU C 261 20.94 12.73 -56.25
CA GLU C 261 21.23 14.16 -56.15
C GLU C 261 22.12 14.49 -54.95
N ASP C 262 22.86 15.62 -55.04
CA ASP C 262 23.75 16.11 -53.98
C ASP C 262 22.95 16.62 -52.78
N TYR C 263 23.44 16.33 -51.55
CA TYR C 263 22.78 16.73 -50.30
C TYR C 263 22.86 18.23 -50.01
N GLN C 264 21.68 18.85 -49.87
CA GLN C 264 21.48 20.28 -49.56
C GLN C 264 20.21 20.46 -48.71
N LEU C 265 20.23 21.44 -47.79
CA LEU C 265 19.12 21.78 -46.89
C LEU C 265 17.92 22.36 -47.66
N PRO C 266 16.65 22.21 -47.19
CA PRO C 266 15.50 22.77 -47.94
C PRO C 266 15.60 24.27 -48.18
N TYR C 267 15.20 24.72 -49.40
CA TYR C 267 15.26 26.11 -49.89
C TYR C 267 16.72 26.63 -49.93
N TYR C 268 17.64 25.79 -50.47
CA TYR C 268 19.07 26.06 -50.58
C TYR C 268 19.42 27.22 -51.52
N ASP C 269 18.77 27.28 -52.69
CA ASP C 269 18.97 28.34 -53.69
C ASP C 269 18.06 29.54 -53.42
N LEU C 270 16.88 29.30 -52.84
CA LEU C 270 15.87 30.31 -52.51
C LEU C 270 16.27 31.15 -51.29
N VAL C 271 16.79 30.49 -50.24
CA VAL C 271 17.21 31.15 -48.99
C VAL C 271 18.71 30.87 -48.68
N PRO C 272 19.50 31.87 -48.20
CA PRO C 272 20.92 31.59 -47.91
C PRO C 272 21.15 31.01 -46.51
N SER C 273 22.44 30.78 -46.13
CA SER C 273 22.85 30.25 -44.82
C SER C 273 22.47 31.21 -43.70
N ASP C 274 21.85 30.67 -42.63
CA ASP C 274 21.34 31.39 -41.46
C ASP C 274 20.30 32.45 -41.88
N PRO C 275 19.05 32.04 -42.22
CA PRO C 275 18.06 33.03 -42.69
C PRO C 275 17.25 33.73 -41.60
N SER C 276 16.76 34.93 -41.91
CA SER C 276 15.92 35.75 -41.01
C SER C 276 14.45 35.36 -41.15
N VAL C 277 13.60 35.86 -40.23
CA VAL C 277 12.15 35.60 -40.20
C VAL C 277 11.46 36.20 -41.45
N GLU C 278 11.84 37.44 -41.82
CA GLU C 278 11.29 38.17 -42.97
C GLU C 278 11.64 37.52 -44.32
N GLU C 279 12.88 36.98 -44.45
CA GLU C 279 13.36 36.32 -45.67
C GLU C 279 12.65 35.00 -45.94
N MET C 280 12.40 34.19 -44.90
CA MET C 280 11.70 32.91 -45.00
C MET C 280 10.20 33.07 -45.25
N ARG C 281 9.62 34.20 -44.78
CA ARG C 281 8.21 34.56 -44.94
C ARG C 281 7.86 34.86 -46.40
N LYS C 282 8.80 35.47 -47.14
CA LYS C 282 8.63 35.84 -48.56
C LYS C 282 8.56 34.63 -49.50
N VAL C 283 9.20 33.50 -49.12
CA VAL C 283 9.26 32.27 -49.91
C VAL C 283 8.08 31.33 -49.59
N VAL C 284 7.85 31.03 -48.29
CA VAL C 284 6.82 30.11 -47.80
C VAL C 284 5.40 30.71 -47.78
N CYS C 285 5.25 31.92 -47.20
CA CYS C 285 3.94 32.57 -47.05
C CYS C 285 3.50 33.43 -48.24
N GLU C 286 4.36 34.36 -48.69
CA GLU C 286 4.07 35.28 -49.79
C GLU C 286 3.98 34.62 -51.17
N GLN C 287 5.07 33.97 -51.62
CA GLN C 287 5.18 33.33 -52.93
C GLN C 287 4.61 31.90 -52.97
N LYS C 288 4.38 31.28 -51.79
CA LYS C 288 3.86 29.92 -51.60
C LYS C 288 4.75 28.83 -52.24
N LEU C 289 6.08 29.08 -52.27
CA LEU C 289 7.07 28.16 -52.84
C LEU C 289 7.42 27.03 -51.87
N ARG C 290 7.51 25.80 -52.41
CA ARG C 290 7.83 24.57 -51.66
C ARG C 290 9.05 23.86 -52.30
N PRO C 291 9.78 22.96 -51.59
CA PRO C 291 10.95 22.30 -52.21
C PRO C 291 10.67 21.55 -53.50
N ASN C 292 11.59 21.69 -54.49
CA ASN C 292 11.52 21.12 -55.83
C ASN C 292 11.58 19.58 -55.84
N ILE C 293 10.79 18.96 -56.73
CA ILE C 293 10.72 17.51 -56.92
C ILE C 293 11.30 17.13 -58.31
N PRO C 294 12.51 16.51 -58.36
CA PRO C 294 13.14 16.16 -59.66
C PRO C 294 12.42 15.09 -60.49
N ASN C 295 12.95 14.84 -61.72
CA ASN C 295 12.42 13.90 -62.72
C ASN C 295 12.48 12.41 -62.37
N ARG C 296 13.63 11.92 -61.89
CA ARG C 296 13.89 10.52 -61.53
C ARG C 296 12.96 9.91 -60.47
N TRP C 297 12.31 10.76 -59.65
CA TRP C 297 11.40 10.40 -58.56
C TRP C 297 10.12 9.68 -59.00
N GLN C 298 9.70 9.86 -60.26
CA GLN C 298 8.48 9.26 -60.80
C GLN C 298 8.67 7.82 -61.34
N SER C 299 9.93 7.31 -61.31
CA SER C 299 10.29 5.98 -61.80
C SER C 299 9.77 4.81 -60.96
N CYS C 300 10.22 4.69 -59.69
CA CYS C 300 9.85 3.61 -58.77
C CYS C 300 8.71 3.96 -57.79
N GLU C 301 8.09 2.92 -57.18
CA GLU C 301 6.98 3.00 -56.24
C GLU C 301 7.34 3.73 -54.93
N ALA C 302 8.50 3.39 -54.32
CA ALA C 302 8.99 3.97 -53.07
C ALA C 302 9.21 5.48 -53.13
N LEU C 303 9.81 5.98 -54.23
CA LEU C 303 10.08 7.42 -54.45
C LEU C 303 8.80 8.20 -54.76
N ARG C 304 7.80 7.53 -55.38
CA ARG C 304 6.52 8.11 -55.76
C ARG C 304 5.58 8.29 -54.57
N VAL C 305 5.55 7.29 -53.64
CA VAL C 305 4.73 7.30 -52.41
C VAL C 305 5.23 8.39 -51.45
N MET C 306 6.56 8.52 -51.29
CA MET C 306 7.21 9.52 -50.44
C MET C 306 6.89 10.95 -50.91
N ALA C 307 6.85 11.16 -52.25
CA ALA C 307 6.52 12.44 -52.88
C ALA C 307 5.06 12.83 -52.67
N LYS C 308 4.16 11.82 -52.59
CA LYS C 308 2.72 12.00 -52.37
C LYS C 308 2.46 12.46 -50.93
N ILE C 309 3.21 11.91 -49.95
CA ILE C 309 3.13 12.26 -48.53
C ILE C 309 3.67 13.68 -48.32
N MET C 310 4.82 14.02 -48.95
CA MET C 310 5.48 15.33 -48.89
C MET C 310 4.56 16.49 -49.27
N ARG C 311 3.80 16.35 -50.37
CA ARG C 311 2.84 17.37 -50.84
C ARG C 311 1.60 17.44 -49.93
N GLU C 312 1.29 16.33 -49.25
CA GLU C 312 0.16 16.22 -48.30
C GLU C 312 0.56 16.71 -46.89
N CYS C 313 1.85 17.07 -46.71
CA CYS C 313 2.41 17.60 -45.46
C CYS C 313 2.78 19.08 -45.59
N TRP C 314 2.95 19.56 -46.84
CA TRP C 314 3.31 20.95 -47.15
C TRP C 314 2.10 21.88 -47.44
N TYR C 315 0.92 21.54 -46.90
CA TYR C 315 -0.31 22.34 -47.09
C TYR C 315 -0.22 23.69 -46.39
N ALA C 316 -0.92 24.70 -46.94
CA ALA C 316 -0.99 26.06 -46.38
C ALA C 316 -1.85 26.04 -45.11
N ASN C 317 -2.90 25.18 -45.10
CA ASN C 317 -3.80 24.98 -43.97
C ASN C 317 -3.30 23.83 -43.11
N GLY C 318 -3.33 24.02 -41.80
CA GLY C 318 -2.86 23.04 -40.81
C GLY C 318 -3.69 21.77 -40.74
N ALA C 319 -5.02 21.91 -40.61
CA ALA C 319 -5.99 20.80 -40.49
C ALA C 319 -5.99 19.81 -41.66
N ALA C 320 -5.67 20.29 -42.89
CA ALA C 320 -5.63 19.49 -44.11
C ALA C 320 -4.49 18.46 -44.14
N ARG C 321 -3.39 18.74 -43.39
CA ARG C 321 -2.19 17.89 -43.30
C ARG C 321 -2.45 16.51 -42.70
N LEU C 322 -1.59 15.53 -43.03
CA LEU C 322 -1.67 14.16 -42.53
C LEU C 322 -1.30 14.08 -41.05
N THR C 323 -1.69 12.98 -40.38
CA THR C 323 -1.38 12.74 -38.96
C THR C 323 -0.14 11.84 -38.85
N ALA C 324 0.56 11.92 -37.70
CA ALA C 324 1.78 11.15 -37.42
C ALA C 324 1.57 9.62 -37.51
N LEU C 325 0.38 9.13 -37.15
CA LEU C 325 0.02 7.71 -37.21
C LEU C 325 -0.32 7.27 -38.65
N ARG C 326 -0.82 8.21 -39.49
CA ARG C 326 -1.18 7.97 -40.88
C ARG C 326 0.08 7.73 -41.74
N ILE C 327 1.13 8.54 -41.52
CA ILE C 327 2.42 8.45 -42.22
C ILE C 327 3.12 7.14 -41.81
N LYS C 328 2.96 6.74 -40.52
CA LYS C 328 3.51 5.52 -39.93
C LYS C 328 2.86 4.26 -40.56
N LYS C 329 1.53 4.29 -40.74
CA LYS C 329 0.75 3.18 -41.30
C LYS C 329 0.99 2.97 -42.79
N THR C 330 1.12 4.07 -43.57
CA THR C 330 1.36 4.02 -45.02
C THR C 330 2.77 3.50 -45.35
N LEU C 331 3.77 3.89 -44.54
CA LEU C 331 5.17 3.47 -44.68
C LEU C 331 5.36 2.00 -44.31
N SER C 332 4.55 1.50 -43.34
CA SER C 332 4.58 0.11 -42.88
C SER C 332 4.06 -0.84 -43.96
N GLN C 333 3.10 -0.38 -44.78
CA GLN C 333 2.52 -1.13 -45.89
C GLN C 333 3.51 -1.18 -47.06
N LEU C 334 4.27 -0.07 -47.26
CA LEU C 334 5.27 0.08 -48.31
C LEU C 334 6.51 -0.79 -48.04
N SER C 335 6.88 -0.94 -46.74
CA SER C 335 8.02 -1.76 -46.31
C SER C 335 7.77 -3.25 -46.51
N GLN C 336 6.49 -3.69 -46.38
CA GLN C 336 6.06 -5.08 -46.55
C GLN C 336 6.16 -5.57 -48.00
N GLN C 337 6.21 -4.63 -48.98
CA GLN C 337 6.31 -4.91 -50.41
C GLN C 337 7.67 -5.52 -50.77
N GLU C 338 8.75 -5.08 -50.09
CA GLU C 338 10.12 -5.56 -50.29
C GLU C 338 10.73 -6.27 -49.07
N GLY C 339 9.89 -6.60 -48.10
CA GLY C 339 10.29 -7.28 -46.87
C GLY C 339 10.57 -6.35 -45.72
N ILE D 10 14.67 22.62 -4.13
CA ILE D 10 14.32 22.90 -5.52
C ILE D 10 15.60 23.01 -6.37
N SER D 11 15.70 22.17 -7.41
CA SER D 11 16.84 22.10 -8.33
C SER D 11 16.90 23.29 -9.30
N GLU D 12 18.07 23.48 -9.94
CA GLU D 12 18.34 24.57 -10.90
C GLU D 12 17.54 24.37 -12.19
N GLY D 13 17.00 25.47 -12.72
CA GLY D 13 16.20 25.48 -13.94
C GLY D 13 14.71 25.33 -13.75
N THR D 14 14.28 25.00 -12.51
CA THR D 14 12.87 24.81 -12.15
C THR D 14 12.16 26.16 -12.10
N THR D 15 10.99 26.26 -12.77
CA THR D 15 10.17 27.47 -12.81
C THR D 15 8.83 27.27 -12.11
N LEU D 16 8.13 28.39 -11.79
CA LEU D 16 6.83 28.41 -11.12
C LEU D 16 5.75 27.69 -11.95
N LYS D 17 5.80 27.85 -13.29
CA LYS D 17 4.88 27.22 -14.24
C LYS D 17 5.02 25.69 -14.25
N ASP D 18 6.26 25.19 -14.04
CA ASP D 18 6.56 23.76 -13.96
C ASP D 18 6.06 23.17 -12.65
N LEU D 19 6.14 23.96 -11.55
CA LEU D 19 5.69 23.57 -10.21
C LEU D 19 4.17 23.40 -10.11
N ILE D 20 3.41 24.18 -10.90
CA ILE D 20 1.94 24.12 -10.96
C ILE D 20 1.53 22.75 -11.55
N TYR D 21 2.25 22.30 -12.59
CA TYR D 21 2.03 21.00 -13.25
C TYR D 21 2.36 19.84 -12.31
N ASP D 22 3.41 19.99 -11.48
CA ASP D 22 3.87 18.98 -10.52
C ASP D 22 2.85 18.63 -9.42
N MET D 23 2.00 19.59 -9.03
CA MET D 23 0.98 19.41 -7.99
C MET D 23 -0.43 19.09 -8.53
N THR D 24 -0.78 19.62 -9.72
CA THR D 24 -2.09 19.42 -10.36
C THR D 24 -2.23 18.00 -10.94
N THR D 25 -1.19 17.53 -11.68
CA THR D 25 -1.19 16.21 -12.31
C THR D 25 -0.66 15.08 -11.42
N SER D 26 -0.39 15.38 -10.13
CA SER D 26 0.10 14.43 -9.13
C SER D 26 -0.98 13.42 -8.72
N GLY D 27 -0.55 12.34 -8.05
CA GLY D 27 -1.41 11.28 -7.54
C GLY D 27 -2.49 11.80 -6.61
N SER D 28 -2.09 12.69 -5.68
CA SER D 28 -2.97 13.37 -4.73
C SER D 28 -3.09 14.83 -5.16
N GLY D 29 -4.33 15.29 -5.33
CA GLY D 29 -4.64 16.65 -5.76
C GLY D 29 -4.38 17.75 -4.75
N SER D 30 -3.55 17.48 -3.73
CA SER D 30 -3.18 18.42 -2.67
C SER D 30 -2.04 19.35 -3.12
N GLY D 31 -1.64 20.28 -2.26
CA GLY D 31 -0.58 21.24 -2.51
C GLY D 31 0.83 20.65 -2.51
N LEU D 32 1.83 21.52 -2.77
CA LEU D 32 3.25 21.18 -2.83
C LEU D 32 3.77 20.73 -1.44
N PRO D 33 4.86 19.90 -1.36
CA PRO D 33 5.35 19.45 -0.04
C PRO D 33 5.75 20.59 0.90
N LEU D 34 5.61 20.36 2.22
CA LEU D 34 5.90 21.32 3.31
C LEU D 34 7.29 21.95 3.24
N LEU D 35 8.31 21.16 2.86
CA LEU D 35 9.69 21.64 2.72
C LEU D 35 9.83 22.52 1.47
N VAL D 36 9.12 22.17 0.38
CA VAL D 36 9.12 22.90 -0.89
C VAL D 36 8.40 24.24 -0.72
N GLN D 37 7.25 24.24 0.01
CA GLN D 37 6.45 25.44 0.32
C GLN D 37 7.26 26.46 1.13
N ARG D 38 8.09 25.98 2.07
CA ARG D 38 8.96 26.80 2.92
C ARG D 38 10.08 27.44 2.09
N THR D 39 10.58 26.73 1.07
CA THR D 39 11.64 27.19 0.17
C THR D 39 11.16 28.31 -0.76
N ILE D 40 9.95 28.15 -1.36
CA ILE D 40 9.36 29.12 -2.29
C ILE D 40 9.16 30.50 -1.62
N ALA D 41 8.49 30.52 -0.44
CA ALA D 41 8.20 31.74 0.35
C ALA D 41 9.44 32.52 0.77
N ARG D 42 10.57 31.82 1.04
CA ARG D 42 11.82 32.44 1.46
C ARG D 42 12.75 32.81 0.27
N THR D 43 12.24 32.64 -0.97
CA THR D 43 12.98 32.95 -2.21
C THR D 43 12.30 34.11 -2.97
N ILE D 44 10.98 34.32 -2.74
CA ILE D 44 10.18 35.36 -3.39
C ILE D 44 10.73 36.77 -3.12
N VAL D 45 11.03 37.50 -4.21
CA VAL D 45 11.54 38.87 -4.15
C VAL D 45 10.33 39.81 -4.24
N LEU D 46 10.05 40.54 -3.14
CA LEU D 46 8.93 41.47 -3.05
C LEU D 46 9.19 42.71 -3.90
N GLN D 47 8.24 43.05 -4.79
CA GLN D 47 8.35 44.19 -5.70
C GLN D 47 7.64 45.44 -5.16
N GLU D 48 6.30 45.35 -4.96
CA GLU D 48 5.46 46.46 -4.47
C GLU D 48 4.15 45.98 -3.83
N SER D 49 3.55 46.83 -2.97
CA SER D 49 2.28 46.54 -2.32
C SER D 49 1.16 46.77 -3.34
N ILE D 50 0.41 45.70 -3.66
CA ILE D 50 -0.66 45.73 -4.67
C ILE D 50 -2.05 46.14 -4.16
N GLY D 51 -2.35 45.81 -2.90
CA GLY D 51 -3.64 46.14 -2.28
C GLY D 51 -3.79 45.68 -0.85
N LYS D 52 -4.98 45.93 -0.27
CA LYS D 52 -5.31 45.56 1.11
C LYS D 52 -6.82 45.27 1.27
N GLY D 53 -7.12 44.31 2.13
CA GLY D 53 -8.48 43.90 2.46
C GLY D 53 -8.78 44.01 3.95
N ARG D 54 -9.58 43.08 4.49
CA ARG D 54 -9.92 43.06 5.92
C ARG D 54 -8.88 42.36 6.78
N PHE D 55 -8.16 41.37 6.20
CA PHE D 55 -7.09 40.63 6.88
C PHE D 55 -5.81 40.62 6.05
N GLY D 56 -4.73 41.13 6.63
CA GLY D 56 -3.41 41.21 6.00
C GLY D 56 -3.31 42.21 4.87
N GLU D 57 -2.18 42.15 4.14
CA GLU D 57 -1.88 43.02 3.00
C GLU D 57 -1.32 42.20 1.84
N VAL D 58 -1.88 42.40 0.63
CA VAL D 58 -1.46 41.68 -0.58
C VAL D 58 -0.31 42.45 -1.25
N TRP D 59 0.77 41.73 -1.57
CA TRP D 59 1.99 42.24 -2.19
C TRP D 59 2.33 41.50 -3.47
N ARG D 60 2.94 42.20 -4.45
CA ARG D 60 3.36 41.62 -5.71
C ARG D 60 4.81 41.15 -5.57
N GLY D 61 5.01 39.84 -5.71
CA GLY D 61 6.32 39.20 -5.59
C GLY D 61 6.80 38.56 -6.88
N LYS D 62 8.09 38.16 -6.90
CA LYS D 62 8.70 37.53 -8.06
C LYS D 62 9.59 36.33 -7.68
N TRP D 63 9.15 35.12 -8.06
CA TRP D 63 9.89 33.88 -7.81
C TRP D 63 10.54 33.43 -9.12
N ARG D 64 11.88 33.53 -9.18
CA ARG D 64 12.73 33.18 -10.33
C ARG D 64 12.30 33.88 -11.64
N GLY D 65 12.00 35.18 -11.52
CA GLY D 65 11.58 36.03 -12.64
C GLY D 65 10.08 36.14 -12.83
N GLU D 66 9.35 35.01 -12.66
CA GLU D 66 7.89 34.93 -12.82
C GLU D 66 7.14 35.68 -11.72
N GLU D 67 6.09 36.42 -12.12
CA GLU D 67 5.24 37.20 -11.22
C GLU D 67 4.38 36.30 -10.33
N VAL D 68 4.27 36.66 -9.03
CA VAL D 68 3.52 35.91 -8.03
C VAL D 68 2.82 36.82 -7.00
N ALA D 69 1.72 36.35 -6.38
CA ALA D 69 0.97 37.11 -5.39
C ALA D 69 1.24 36.57 -3.98
N VAL D 70 1.57 37.48 -3.04
CA VAL D 70 1.90 37.15 -1.65
C VAL D 70 1.01 37.96 -0.68
N LYS D 71 0.34 37.26 0.25
CA LYS D 71 -0.52 37.88 1.26
C LYS D 71 0.17 37.79 2.64
N ILE D 72 0.69 38.94 3.11
CA ILE D 72 1.40 39.03 4.40
C ILE D 72 0.41 39.37 5.52
N PHE D 73 0.16 38.38 6.41
CA PHE D 73 -0.74 38.49 7.55
C PHE D 73 0.00 38.97 8.80
N SER D 74 -0.69 39.75 9.65
CA SER D 74 -0.14 40.25 10.92
C SER D 74 -0.16 39.14 11.97
N SER D 75 0.67 39.28 13.03
CA SER D 75 0.77 38.31 14.13
C SER D 75 -0.54 38.14 14.91
N ARG D 76 -1.34 39.21 15.02
CA ARG D 76 -2.63 39.24 15.71
C ARG D 76 -3.71 38.44 14.96
N GLU D 77 -3.72 38.52 13.62
CA GLU D 77 -4.69 37.84 12.77
C GLU D 77 -4.20 36.46 12.27
N GLU D 78 -3.76 35.61 13.22
CA GLU D 78 -3.29 34.25 12.94
C GLU D 78 -4.42 33.30 12.56
N ARG D 79 -5.65 33.58 13.06
CA ARG D 79 -6.88 32.81 12.81
C ARG D 79 -7.27 32.86 11.33
N SER D 80 -7.16 34.04 10.71
CA SER D 80 -7.49 34.28 9.30
C SER D 80 -6.47 33.60 8.37
N TRP D 81 -5.19 33.55 8.79
CA TRP D 81 -4.10 32.93 8.05
C TRP D 81 -4.24 31.41 8.03
N PHE D 82 -4.50 30.80 9.20
CA PHE D 82 -4.65 29.35 9.34
C PHE D 82 -5.87 28.81 8.60
N ARG D 83 -7.03 29.47 8.76
CA ARG D 83 -8.30 29.09 8.13
C ARG D 83 -8.19 29.01 6.62
N GLU D 84 -7.52 29.99 5.99
CA GLU D 84 -7.31 30.03 4.54
C GLU D 84 -6.31 28.95 4.10
N ALA D 85 -5.20 28.78 4.87
CA ALA D 85 -4.16 27.78 4.61
C ALA D 85 -4.67 26.34 4.71
N GLU D 86 -5.54 26.05 5.70
CA GLU D 86 -6.13 24.73 5.94
C GLU D 86 -7.13 24.37 4.83
N ILE D 87 -7.92 25.37 4.36
CA ILE D 87 -8.92 25.20 3.30
C ILE D 87 -8.23 25.00 1.93
N TYR D 88 -7.16 25.75 1.66
CA TYR D 88 -6.41 25.65 0.39
C TYR D 88 -5.54 24.39 0.28
N GLN D 89 -5.12 23.80 1.43
CA GLN D 89 -4.25 22.60 1.44
C GLN D 89 -4.97 21.26 1.57
N THR D 90 -5.14 20.75 2.82
CA THR D 90 -5.74 19.45 3.12
C THR D 90 -7.27 19.38 2.89
N VAL D 91 -7.68 19.56 1.61
CA VAL D 91 -9.08 19.53 1.16
C VAL D 91 -9.19 18.79 -0.20
N MET D 92 -8.31 19.15 -1.17
CA MET D 92 -8.24 18.66 -2.56
C MET D 92 -9.36 19.34 -3.38
N LEU D 93 -9.08 20.60 -3.79
CA LEU D 93 -10.04 21.43 -4.53
C LEU D 93 -9.42 22.14 -5.77
N ARG D 94 -8.23 21.69 -6.23
CA ARG D 94 -7.52 22.25 -7.39
C ARG D 94 -8.42 22.30 -8.64
N HIS D 95 -9.05 23.48 -8.83
CA HIS D 95 -9.99 23.76 -9.92
C HIS D 95 -9.57 25.00 -10.72
N GLU D 96 -9.95 25.04 -12.01
CA GLU D 96 -9.67 26.12 -12.96
C GLU D 96 -10.25 27.47 -12.50
N ASN D 97 -11.47 27.44 -11.92
CA ASN D 97 -12.17 28.65 -11.45
C ASN D 97 -11.96 28.93 -9.94
N ILE D 98 -10.89 28.38 -9.36
CA ILE D 98 -10.49 28.56 -7.96
C ILE D 98 -9.02 29.04 -7.95
N LEU D 99 -8.71 30.08 -7.14
CA LEU D 99 -7.38 30.68 -7.00
C LEU D 99 -6.30 29.64 -6.76
N GLY D 100 -5.33 29.62 -7.68
CA GLY D 100 -4.21 28.68 -7.67
C GLY D 100 -3.23 28.92 -6.54
N PHE D 101 -3.43 28.20 -5.42
CA PHE D 101 -2.58 28.27 -4.24
C PHE D 101 -1.21 27.65 -4.49
N ILE D 102 -0.15 28.27 -3.93
CA ILE D 102 1.24 27.81 -4.10
C ILE D 102 1.88 27.41 -2.76
N ALA D 103 1.99 28.35 -1.79
CA ALA D 103 2.63 28.09 -0.50
C ALA D 103 2.05 28.85 0.69
N ALA D 104 2.32 28.35 1.91
CA ALA D 104 1.93 28.92 3.21
C ALA D 104 3.09 28.70 4.16
N ASP D 105 3.63 29.78 4.76
CA ASP D 105 4.79 29.69 5.65
C ASP D 105 4.79 30.68 6.81
N ASN D 106 5.28 30.23 7.97
CA ASN D 106 5.46 31.01 9.20
C ASN D 106 6.96 31.20 9.41
N LYS D 107 7.44 32.46 9.35
CA LYS D 107 8.86 32.81 9.47
C LYS D 107 9.39 32.91 10.89
N ASP D 108 8.88 33.87 11.69
CA ASP D 108 9.34 34.13 13.06
C ASP D 108 8.36 33.62 14.13
N ASN D 109 8.59 34.01 15.41
CA ASN D 109 7.78 33.62 16.57
C ASN D 109 7.51 34.79 17.52
N GLY D 110 6.33 34.79 18.14
CA GLY D 110 5.90 35.80 19.10
C GLY D 110 5.08 36.92 18.52
N THR D 111 5.45 38.17 18.87
CA THR D 111 4.79 39.40 18.43
C THR D 111 5.24 39.79 17.02
N TRP D 112 6.47 39.40 16.62
CA TRP D 112 7.04 39.71 15.31
C TRP D 112 6.94 38.54 14.33
N THR D 113 5.88 37.72 14.46
CA THR D 113 5.60 36.56 13.61
C THR D 113 5.17 36.99 12.21
N GLN D 114 5.83 36.45 11.17
CA GLN D 114 5.52 36.72 9.78
C GLN D 114 4.73 35.55 9.19
N LEU D 115 3.48 35.81 8.78
CA LEU D 115 2.59 34.79 8.21
C LEU D 115 2.36 35.08 6.73
N TRP D 116 2.90 34.22 5.85
CA TRP D 116 2.83 34.37 4.40
C TRP D 116 1.88 33.38 3.73
N LEU D 117 1.20 33.85 2.66
CA LEU D 117 0.27 33.05 1.87
C LEU D 117 0.51 33.38 0.39
N VAL D 118 1.01 32.39 -0.37
CA VAL D 118 1.38 32.52 -1.78
C VAL D 118 0.32 31.92 -2.72
N SER D 119 -0.04 32.67 -3.77
CA SER D 119 -1.01 32.30 -4.80
C SER D 119 -0.64 32.94 -6.16
N ASP D 120 -1.37 32.56 -7.24
CA ASP D 120 -1.17 33.08 -8.60
C ASP D 120 -1.47 34.57 -8.72
N TYR D 121 -0.69 35.28 -9.56
CA TYR D 121 -0.86 36.72 -9.81
C TYR D 121 -1.57 36.97 -11.13
N HIS D 122 -2.55 37.90 -11.12
CA HIS D 122 -3.33 38.29 -12.29
C HIS D 122 -3.23 39.81 -12.46
N GLU D 123 -2.75 40.26 -13.63
CA GLU D 123 -2.53 41.67 -13.97
C GLU D 123 -3.80 42.53 -13.95
N HIS D 124 -4.95 41.95 -14.36
CA HIS D 124 -6.25 42.62 -14.38
C HIS D 124 -6.76 42.95 -12.98
N GLY D 125 -6.48 42.07 -12.02
CA GLY D 125 -6.88 42.22 -10.63
C GLY D 125 -8.27 41.69 -10.34
N SER D 126 -8.94 42.28 -9.33
CA SER D 126 -10.28 41.90 -8.90
C SER D 126 -11.36 42.37 -9.89
N LEU D 127 -12.56 41.78 -9.79
CA LEU D 127 -13.72 42.11 -10.63
C LEU D 127 -14.19 43.55 -10.41
N PHE D 128 -14.03 44.08 -9.17
CA PHE D 128 -14.38 45.44 -8.77
C PHE D 128 -13.53 46.47 -9.55
N ASP D 129 -12.21 46.23 -9.64
CA ASP D 129 -11.25 47.10 -10.34
C ASP D 129 -11.37 46.98 -11.86
N TYR D 130 -11.69 45.76 -12.36
CA TYR D 130 -11.83 45.46 -13.78
C TYR D 130 -13.09 46.09 -14.40
N LEU D 131 -14.25 45.96 -13.71
CA LEU D 131 -15.54 46.49 -14.16
C LEU D 131 -15.61 48.01 -14.11
N ASN D 132 -14.93 48.65 -13.13
CA ASN D 132 -14.88 50.10 -12.98
C ASN D 132 -13.99 50.76 -14.05
N ARG D 133 -13.10 49.96 -14.68
CA ARG D 133 -12.15 50.41 -15.70
C ARG D 133 -12.55 49.99 -17.12
N TYR D 134 -13.05 48.76 -17.30
CA TYR D 134 -13.43 48.21 -18.60
C TYR D 134 -14.93 47.93 -18.79
N THR D 135 -15.36 47.87 -20.07
CA THR D 135 -16.73 47.56 -20.49
C THR D 135 -16.71 46.20 -21.20
N VAL D 136 -17.53 45.24 -20.70
CA VAL D 136 -17.57 43.88 -21.24
C VAL D 136 -18.53 43.69 -22.44
N THR D 137 -18.23 42.70 -23.30
CA THR D 137 -19.01 42.33 -24.48
C THR D 137 -20.01 41.22 -24.09
N VAL D 138 -20.94 40.85 -25.01
CA VAL D 138 -21.97 39.83 -24.80
C VAL D 138 -21.33 38.46 -24.47
N GLU D 139 -20.32 38.03 -25.28
CA GLU D 139 -19.60 36.76 -25.10
C GLU D 139 -18.76 36.79 -23.81
N GLY D 140 -18.16 37.94 -23.51
CA GLY D 140 -17.34 38.16 -22.33
C GLY D 140 -18.11 38.10 -21.03
N MET D 141 -19.34 38.66 -21.03
CA MET D 141 -20.26 38.70 -19.89
C MET D 141 -20.64 37.28 -19.43
N ILE D 142 -20.88 36.37 -20.40
CA ILE D 142 -21.23 34.96 -20.14
C ILE D 142 -20.02 34.23 -19.53
N LYS D 143 -18.80 34.47 -20.07
CA LYS D 143 -17.54 33.86 -19.61
C LYS D 143 -17.23 34.18 -18.14
N LEU D 144 -17.51 35.43 -17.70
CA LEU D 144 -17.28 35.87 -16.32
C LEU D 144 -18.31 35.25 -15.38
N ALA D 145 -19.59 35.17 -15.83
CA ALA D 145 -20.71 34.60 -15.08
C ALA D 145 -20.62 33.08 -14.93
N LEU D 146 -20.24 32.37 -16.01
CA LEU D 146 -20.09 30.91 -16.04
C LEU D 146 -19.01 30.44 -15.07
N SER D 147 -17.86 31.15 -15.06
CA SER D 147 -16.70 30.87 -14.20
C SER D 147 -17.01 31.08 -12.72
N THR D 148 -17.80 32.12 -12.39
CA THR D 148 -18.22 32.43 -11.02
C THR D 148 -19.21 31.36 -10.54
N ALA D 149 -20.09 30.89 -11.45
CA ALA D 149 -21.08 29.85 -11.17
C ALA D 149 -20.41 28.48 -11.01
N SER D 150 -19.41 28.17 -11.88
CA SER D 150 -18.65 26.91 -11.84
C SER D 150 -17.72 26.83 -10.63
N GLY D 151 -17.23 27.99 -10.19
CA GLY D 151 -16.34 28.12 -9.04
C GLY D 151 -17.01 27.72 -7.74
N LEU D 152 -18.21 28.29 -7.49
CA LEU D 152 -19.01 27.99 -6.29
C LEU D 152 -19.65 26.60 -6.37
N ALA D 153 -19.83 26.06 -7.60
CA ALA D 153 -20.38 24.73 -7.84
C ALA D 153 -19.40 23.66 -7.37
N HIS D 154 -18.09 23.91 -7.52
CA HIS D 154 -17.01 23.03 -7.09
C HIS D 154 -16.86 23.08 -5.56
N LEU D 155 -17.03 24.28 -4.97
CA LEU D 155 -16.95 24.52 -3.53
C LEU D 155 -18.07 23.81 -2.77
N HIS D 156 -19.32 23.91 -3.28
CA HIS D 156 -20.52 23.30 -2.71
C HIS D 156 -20.54 21.77 -2.91
N MET D 157 -19.86 21.26 -3.97
CA MET D 157 -19.79 19.83 -4.31
C MET D 157 -19.01 19.05 -3.26
N GLU D 158 -19.60 17.94 -2.78
CA GLU D 158 -18.98 17.07 -1.77
C GLU D 158 -18.79 15.66 -2.33
N ILE D 159 -17.54 15.19 -2.33
CA ILE D 159 -17.18 13.85 -2.80
C ILE D 159 -16.88 13.00 -1.56
N VAL D 160 -17.74 12.01 -1.29
CA VAL D 160 -17.64 11.12 -0.13
C VAL D 160 -16.85 9.85 -0.48
N GLY D 161 -15.88 9.52 0.37
CA GLY D 161 -15.03 8.34 0.22
C GLY D 161 -13.58 8.56 0.58
N THR D 162 -13.32 9.43 1.59
CA THR D 162 -11.99 9.81 2.11
C THR D 162 -11.13 10.59 1.11
N GLN D 163 -10.94 10.05 -0.10
CA GLN D 163 -10.15 10.66 -1.19
C GLN D 163 -10.75 11.95 -1.78
N GLY D 164 -12.04 12.18 -1.56
CA GLY D 164 -12.76 13.34 -2.05
C GLY D 164 -12.54 14.63 -1.27
N LYS D 165 -13.50 15.56 -1.40
CA LYS D 165 -13.45 16.87 -0.73
C LYS D 165 -14.73 17.23 0.05
N PRO D 166 -14.62 17.93 1.20
CA PRO D 166 -15.85 18.31 1.93
C PRO D 166 -16.54 19.54 1.30
N ALA D 167 -17.85 19.72 1.60
CA ALA D 167 -18.63 20.84 1.09
C ALA D 167 -18.23 22.15 1.79
N ILE D 168 -17.82 23.17 1.01
CA ILE D 168 -17.36 24.45 1.52
C ILE D 168 -18.26 25.61 1.08
N ALA D 169 -18.71 26.43 2.06
CA ALA D 169 -19.53 27.63 1.84
C ALA D 169 -18.63 28.86 2.05
N HIS D 170 -18.65 29.80 1.08
CA HIS D 170 -17.81 31.00 1.09
C HIS D 170 -18.12 32.01 2.20
N ARG D 171 -19.41 32.24 2.50
CA ARG D 171 -19.94 33.18 3.52
C ARG D 171 -19.76 34.67 3.23
N ASP D 172 -18.75 35.05 2.42
CA ASP D 172 -18.47 36.44 2.05
C ASP D 172 -18.11 36.56 0.56
N LEU D 173 -19.14 36.58 -0.30
CA LEU D 173 -18.95 36.71 -1.75
C LEU D 173 -19.20 38.13 -2.21
N LYS D 174 -18.22 38.72 -2.91
CA LYS D 174 -18.25 40.08 -3.45
C LYS D 174 -17.34 40.24 -4.67
N SER D 175 -17.48 41.37 -5.40
CA SER D 175 -16.68 41.70 -6.59
C SER D 175 -15.19 41.86 -6.27
N LYS D 176 -14.88 42.34 -5.05
CA LYS D 176 -13.52 42.54 -4.55
C LYS D 176 -12.82 41.20 -4.27
N ASN D 177 -13.59 40.18 -3.86
CA ASN D 177 -13.08 38.84 -3.54
C ASN D 177 -12.91 37.93 -4.77
N ILE D 178 -13.51 38.30 -5.92
CA ILE D 178 -13.41 37.53 -7.16
C ILE D 178 -12.39 38.18 -8.11
N LEU D 179 -11.34 37.43 -8.49
CA LEU D 179 -10.27 37.89 -9.38
C LEU D 179 -10.50 37.42 -10.82
N VAL D 180 -10.04 38.21 -11.80
CA VAL D 180 -10.17 37.90 -13.23
C VAL D 180 -8.80 37.58 -13.88
N LYS D 181 -8.73 36.43 -14.57
CA LYS D 181 -7.53 35.92 -15.26
C LYS D 181 -7.20 36.69 -16.55
N LYS D 182 -6.09 36.31 -17.20
CA LYS D 182 -5.59 36.91 -18.44
C LYS D 182 -6.51 36.67 -19.65
N ASN D 183 -7.19 35.50 -19.68
CA ASN D 183 -8.11 35.12 -20.77
C ASN D 183 -9.58 35.51 -20.51
N GLY D 184 -9.82 36.37 -19.51
CA GLY D 184 -11.14 36.85 -19.14
C GLY D 184 -12.00 35.81 -18.45
N THR D 185 -11.40 35.06 -17.52
CA THR D 185 -12.04 34.01 -16.73
C THR D 185 -11.93 34.34 -15.24
N CYS D 186 -13.01 34.10 -14.46
CA CYS D 186 -13.02 34.39 -13.03
C CYS D 186 -12.54 33.24 -12.15
N CYS D 187 -11.90 33.60 -11.02
CA CYS D 187 -11.40 32.67 -10.02
C CYS D 187 -11.74 33.17 -8.61
N ILE D 188 -12.36 32.30 -7.80
CA ILE D 188 -12.79 32.61 -6.43
C ILE D 188 -11.59 32.67 -5.49
N ALA D 189 -11.46 33.77 -4.72
CA ALA D 189 -10.37 33.99 -3.77
C ALA D 189 -10.86 34.36 -2.36
N ASP D 190 -9.93 34.38 -1.38
CA ASP D 190 -10.14 34.69 0.04
C ASP D 190 -11.14 33.74 0.73
N LEU D 191 -10.63 32.62 1.26
CA LEU D 191 -11.42 31.60 1.94
C LEU D 191 -11.19 31.60 3.46
N GLY D 192 -10.83 32.77 4.00
CA GLY D 192 -10.56 32.97 5.43
C GLY D 192 -11.79 32.87 6.32
N LEU D 193 -12.96 33.25 5.78
CA LEU D 193 -14.25 33.22 6.49
C LEU D 193 -15.11 32.01 6.10
N ALA D 194 -14.58 31.13 5.23
CA ALA D 194 -15.27 29.93 4.73
C ALA D 194 -15.48 28.84 5.79
N VAL D 195 -16.48 27.97 5.57
CA VAL D 195 -16.87 26.87 6.46
C VAL D 195 -16.90 25.50 5.73
N ARG D 196 -16.20 24.49 6.29
CA ARG D 196 -16.15 23.12 5.76
C ARG D 196 -17.28 22.27 6.36
N HIS D 197 -17.76 21.26 5.61
CA HIS D 197 -18.84 20.36 6.05
C HIS D 197 -18.73 18.96 5.46
N ASP D 198 -18.89 17.93 6.31
CA ASP D 198 -18.86 16.53 5.94
C ASP D 198 -20.22 15.90 6.22
N SER D 199 -20.88 15.37 5.18
CA SER D 199 -22.21 14.76 5.25
C SER D 199 -22.25 13.42 5.99
N ALA D 200 -21.11 12.69 6.01
CA ALA D 200 -20.97 11.38 6.66
C ALA D 200 -21.13 11.42 8.19
N THR D 201 -20.78 12.55 8.83
CA THR D 201 -20.87 12.73 10.28
C THR D 201 -21.72 13.94 10.72
N ASP D 202 -22.05 14.85 9.78
CA ASP D 202 -22.84 16.08 9.97
C ASP D 202 -22.20 16.99 11.03
N THR D 203 -21.04 17.58 10.68
CA THR D 203 -20.26 18.46 11.55
C THR D 203 -19.70 19.65 10.76
N ILE D 204 -19.57 20.82 11.43
CA ILE D 204 -19.04 22.06 10.86
C ILE D 204 -17.92 22.62 11.76
N ASP D 205 -16.73 22.84 11.16
CA ASP D 205 -15.50 23.30 11.82
C ASP D 205 -15.57 24.63 12.60
N ILE D 206 -16.33 25.61 12.10
CA ILE D 206 -16.45 26.92 12.75
C ILE D 206 -17.40 26.93 13.96
N ALA D 207 -17.46 28.09 14.66
CA ALA D 207 -18.33 28.34 15.81
C ALA D 207 -19.51 29.20 15.32
N PRO D 208 -20.69 28.61 15.04
CA PRO D 208 -21.80 29.42 14.50
C PRO D 208 -22.67 30.09 15.58
N ASN D 209 -22.58 31.43 15.64
CA ASN D 209 -23.32 32.29 16.57
C ASN D 209 -23.42 33.74 16.13
N HIS D 210 -22.39 34.25 15.43
CA HIS D 210 -22.30 35.63 14.95
C HIS D 210 -22.29 35.79 13.42
N ARG D 211 -22.64 37.00 12.94
CA ARG D 211 -22.67 37.38 11.53
C ARG D 211 -21.25 37.64 10.99
N VAL D 212 -20.95 37.17 9.77
CA VAL D 212 -19.64 37.33 9.12
C VAL D 212 -19.73 37.85 7.69
N GLY D 213 -18.71 38.61 7.29
CA GLY D 213 -18.59 39.17 5.94
C GLY D 213 -19.04 40.61 5.81
N THR D 214 -19.11 41.09 4.55
CA THR D 214 -19.53 42.45 4.19
C THR D 214 -21.05 42.58 4.35
N LYS D 215 -21.51 43.63 5.04
CA LYS D 215 -22.92 43.94 5.31
C LYS D 215 -23.75 44.16 4.05
N ARG D 216 -23.11 44.73 3.00
CA ARG D 216 -23.72 45.04 1.70
C ARG D 216 -24.15 43.78 0.95
N TYR D 217 -23.38 42.68 1.07
CA TYR D 217 -23.62 41.41 0.40
C TYR D 217 -24.30 40.34 1.30
N MET D 218 -24.68 40.73 2.53
CA MET D 218 -25.34 39.84 3.49
C MET D 218 -26.77 39.47 3.10
N ALA D 219 -27.13 38.20 3.32
CA ALA D 219 -28.44 37.63 3.02
C ALA D 219 -29.50 38.14 4.02
N PRO D 220 -30.80 38.27 3.62
CA PRO D 220 -31.82 38.75 4.59
C PRO D 220 -31.98 37.89 5.84
N GLU D 221 -31.83 36.56 5.71
CA GLU D 221 -31.94 35.59 6.81
C GLU D 221 -30.85 35.86 7.87
N VAL D 222 -29.64 36.26 7.40
CA VAL D 222 -28.48 36.59 8.24
C VAL D 222 -28.73 37.92 8.96
N LEU D 223 -29.28 38.93 8.23
CA LEU D 223 -29.57 40.27 8.74
C LEU D 223 -30.62 40.33 9.85
N ASP D 224 -31.72 39.55 9.73
CA ASP D 224 -32.78 39.54 10.75
C ASP D 224 -32.73 38.36 11.75
N ASP D 225 -31.57 37.66 11.81
CA ASP D 225 -31.27 36.52 12.70
C ASP D 225 -32.18 35.28 12.58
N SER D 226 -32.94 35.15 11.48
CA SER D 226 -33.83 34.02 11.24
C SER D 226 -33.10 32.78 10.68
N ILE D 227 -31.83 32.97 10.25
CA ILE D 227 -30.98 31.91 9.69
C ILE D 227 -30.67 30.80 10.70
N ASN D 228 -30.87 29.54 10.28
CA ASN D 228 -30.60 28.36 11.10
C ASN D 228 -29.13 27.98 10.89
N MET D 229 -28.27 28.37 11.85
CA MET D 229 -26.83 28.13 11.81
C MET D 229 -26.42 26.66 12.01
N LYS D 230 -27.37 25.81 12.47
CA LYS D 230 -27.17 24.37 12.65
C LYS D 230 -27.15 23.70 11.26
N HIS D 231 -28.05 24.15 10.36
CA HIS D 231 -28.18 23.64 8.99
C HIS D 231 -27.10 24.26 8.10
N PHE D 232 -26.37 23.43 7.33
CA PHE D 232 -25.30 23.89 6.44
C PHE D 232 -25.84 24.43 5.12
N GLU D 233 -27.02 23.95 4.67
CA GLU D 233 -27.68 24.38 3.44
C GLU D 233 -28.02 25.88 3.46
N SER D 234 -28.30 26.43 4.66
CA SER D 234 -28.60 27.85 4.87
C SER D 234 -27.40 28.73 4.51
N PHE D 235 -26.17 28.24 4.77
CA PHE D 235 -24.92 28.92 4.44
C PHE D 235 -24.65 28.86 2.94
N LYS D 236 -25.03 27.73 2.30
CA LYS D 236 -24.89 27.49 0.85
C LYS D 236 -25.83 28.43 0.09
N ARG D 237 -27.09 28.54 0.54
CA ARG D 237 -28.14 29.39 -0.05
C ARG D 237 -27.85 30.88 0.12
N ALA D 238 -27.11 31.26 1.20
CA ALA D 238 -26.72 32.64 1.49
C ALA D 238 -25.69 33.13 0.47
N ASP D 239 -24.82 32.22 -0.02
CA ASP D 239 -23.79 32.50 -1.02
C ASP D 239 -24.41 32.73 -2.40
N ILE D 240 -25.55 32.05 -2.69
CA ILE D 240 -26.31 32.15 -3.94
C ILE D 240 -26.88 33.57 -4.10
N TYR D 241 -27.41 34.15 -3.00
CA TYR D 241 -27.95 35.52 -2.95
C TYR D 241 -26.82 36.52 -3.19
N ALA D 242 -25.65 36.29 -2.58
CA ALA D 242 -24.45 37.13 -2.72
C ALA D 242 -23.88 37.04 -4.13
N MET D 243 -24.00 35.87 -4.79
CA MET D 243 -23.55 35.64 -6.17
C MET D 243 -24.47 36.36 -7.16
N GLY D 244 -25.74 36.49 -6.79
CA GLY D 244 -26.76 37.18 -7.58
C GLY D 244 -26.52 38.67 -7.64
N LEU D 245 -25.99 39.25 -6.55
CA LEU D 245 -25.65 40.68 -6.44
C LEU D 245 -24.42 40.98 -7.31
N VAL D 246 -23.48 40.01 -7.40
CA VAL D 246 -22.27 40.07 -8.22
C VAL D 246 -22.68 39.97 -9.70
N PHE D 247 -23.67 39.10 -10.00
CA PHE D 247 -24.23 38.89 -11.34
C PHE D 247 -24.95 40.14 -11.88
N TRP D 248 -25.48 40.98 -10.97
CA TRP D 248 -26.18 42.22 -11.26
C TRP D 248 -25.23 43.28 -11.85
N GLU D 249 -24.03 43.42 -11.26
CA GLU D 249 -23.03 44.40 -11.71
C GLU D 249 -22.25 44.00 -12.97
N ILE D 250 -22.11 42.68 -13.24
CA ILE D 250 -21.43 42.13 -14.43
C ILE D 250 -22.23 42.48 -15.69
N ALA D 251 -23.54 42.16 -15.69
CA ALA D 251 -24.46 42.43 -16.80
C ALA D 251 -24.76 43.92 -16.99
N ARG D 252 -24.55 44.74 -15.94
CA ARG D 252 -24.75 46.19 -15.95
C ARG D 252 -23.72 46.90 -16.83
N ARG D 253 -22.47 46.39 -16.84
CA ARG D 253 -21.37 46.95 -17.65
C ARG D 253 -21.30 46.36 -19.07
N CYS D 254 -22.22 45.43 -19.40
CA CYS D 254 -22.30 44.80 -20.72
C CYS D 254 -22.86 45.80 -21.74
N SER D 255 -22.06 46.12 -22.77
CA SER D 255 -22.43 47.07 -23.81
C SER D 255 -22.80 46.39 -25.12
N ILE D 256 -24.02 46.68 -25.63
CA ILE D 256 -24.55 46.13 -26.89
C ILE D 256 -24.81 47.31 -27.85
N GLY D 257 -23.72 47.82 -28.42
CA GLY D 257 -23.74 48.95 -29.35
C GLY D 257 -23.73 50.30 -28.69
N GLY D 258 -22.85 50.47 -27.70
CA GLY D 258 -22.69 51.72 -26.96
C GLY D 258 -23.46 51.84 -25.67
N ILE D 259 -24.65 51.20 -25.60
CA ILE D 259 -25.53 51.24 -24.43
C ILE D 259 -25.02 50.43 -23.22
N HIS D 260 -24.54 51.14 -22.19
CA HIS D 260 -24.02 50.57 -20.93
C HIS D 260 -24.16 51.57 -19.77
N GLU D 261 -24.31 51.04 -18.54
CA GLU D 261 -24.48 51.86 -17.33
C GLU D 261 -23.16 51.99 -16.55
N ASP D 262 -23.04 53.06 -15.75
CA ASP D 262 -21.88 53.35 -14.91
C ASP D 262 -21.79 52.33 -13.76
N TYR D 263 -20.57 51.83 -13.47
CA TYR D 263 -20.33 50.84 -12.42
C TYR D 263 -20.62 51.34 -11.02
N GLN D 264 -21.54 50.66 -10.33
CA GLN D 264 -21.98 50.96 -8.96
C GLN D 264 -22.20 49.66 -8.19
N LEU D 265 -21.89 49.67 -6.88
CA LEU D 265 -22.08 48.53 -5.97
C LEU D 265 -23.57 48.32 -5.65
N PRO D 266 -24.04 47.11 -5.25
CA PRO D 266 -25.48 46.93 -4.95
C PRO D 266 -25.95 47.80 -3.79
N TYR D 267 -27.17 48.39 -3.93
CA TYR D 267 -27.82 49.29 -2.97
C TYR D 267 -27.01 50.59 -2.75
N TYR D 268 -26.41 51.13 -3.84
CA TYR D 268 -25.58 52.34 -3.85
C TYR D 268 -26.33 53.61 -3.45
N ASP D 269 -27.58 53.77 -3.92
CA ASP D 269 -28.43 54.93 -3.64
C ASP D 269 -29.23 54.77 -2.36
N LEU D 270 -29.67 53.54 -2.06
CA LEU D 270 -30.45 53.21 -0.87
C LEU D 270 -29.59 53.22 0.40
N VAL D 271 -28.37 52.66 0.32
CA VAL D 271 -27.42 52.57 1.44
C VAL D 271 -26.09 53.31 1.14
N PRO D 272 -25.48 54.04 2.10
CA PRO D 272 -24.23 54.74 1.79
C PRO D 272 -22.96 53.90 1.99
N SER D 273 -21.77 54.50 1.80
CA SER D 273 -20.46 53.84 1.96
C SER D 273 -20.25 53.36 3.40
N ASP D 274 -19.82 52.08 3.57
CA ASP D 274 -19.60 51.39 4.84
C ASP D 274 -20.91 51.38 5.69
N PRO D 275 -21.88 50.50 5.34
CA PRO D 275 -23.16 50.51 6.08
C PRO D 275 -23.20 49.65 7.34
N SER D 276 -24.10 50.01 8.26
CA SER D 276 -24.32 49.29 9.52
C SER D 276 -25.33 48.16 9.34
N VAL D 277 -25.46 47.27 10.34
CA VAL D 277 -26.37 46.12 10.33
C VAL D 277 -27.84 46.58 10.30
N GLU D 278 -28.18 47.61 11.12
CA GLU D 278 -29.52 48.18 11.22
C GLU D 278 -29.98 48.89 9.94
N GLU D 279 -29.06 49.59 9.24
CA GLU D 279 -29.33 50.31 7.99
C GLU D 279 -29.64 49.37 6.82
N MET D 280 -28.89 48.25 6.71
CA MET D 280 -29.08 47.25 5.66
C MET D 280 -30.34 46.41 5.88
N ARG D 281 -30.75 46.26 7.16
CA ARG D 281 -31.94 45.49 7.57
C ARG D 281 -33.23 46.19 7.13
N LYS D 282 -33.25 47.54 7.14
CA LYS D 282 -34.39 48.37 6.75
C LYS D 282 -34.73 48.29 5.26
N VAL D 283 -33.71 48.03 4.41
CA VAL D 283 -33.84 47.95 2.95
C VAL D 283 -34.17 46.53 2.47
N VAL D 284 -33.40 45.53 2.92
CA VAL D 284 -33.55 44.13 2.52
C VAL D 284 -34.68 43.38 3.24
N CYS D 285 -34.75 43.48 4.59
CA CYS D 285 -35.74 42.78 5.40
C CYS D 285 -37.08 43.50 5.58
N GLU D 286 -37.04 44.77 6.01
CA GLU D 286 -38.23 45.58 6.28
C GLU D 286 -39.02 45.99 5.02
N GLN D 287 -38.36 46.72 4.10
CA GLN D 287 -38.97 47.22 2.86
C GLN D 287 -39.00 46.21 1.71
N LYS D 288 -38.20 45.12 1.82
CA LYS D 288 -38.05 44.05 0.82
C LYS D 288 -37.53 44.54 -0.55
N LEU D 289 -36.71 45.60 -0.53
CA LEU D 289 -36.13 46.20 -1.73
C LEU D 289 -34.91 45.41 -2.23
N ARG D 290 -34.82 45.26 -3.56
CA ARG D 290 -33.75 44.54 -4.24
C ARG D 290 -33.11 45.40 -5.35
N PRO D 291 -31.87 45.11 -5.84
CA PRO D 291 -31.26 45.96 -6.89
C PRO D 291 -32.10 46.08 -8.15
N ASN D 292 -32.20 47.31 -8.68
CA ASN D 292 -32.99 47.67 -9.85
C ASN D 292 -32.49 47.02 -11.14
N ILE D 293 -33.41 46.39 -11.90
CA ILE D 293 -33.12 45.75 -13.17
C ILE D 293 -33.67 46.66 -14.30
N PRO D 294 -32.77 47.38 -15.03
CA PRO D 294 -33.23 48.30 -16.09
C PRO D 294 -34.00 47.66 -17.25
N ASN D 295 -34.81 48.48 -17.94
CA ASN D 295 -35.66 48.09 -19.07
C ASN D 295 -34.91 47.66 -20.34
N ARG D 296 -33.67 48.16 -20.53
CA ARG D 296 -32.83 47.83 -21.70
C ARG D 296 -32.34 46.36 -21.73
N TRP D 297 -32.42 45.67 -20.58
CA TRP D 297 -32.00 44.28 -20.39
C TRP D 297 -32.93 43.28 -21.10
N GLN D 298 -34.14 43.72 -21.48
CA GLN D 298 -35.15 42.92 -22.17
C GLN D 298 -34.91 42.82 -23.68
N SER D 299 -33.89 43.52 -24.21
CA SER D 299 -33.54 43.56 -25.63
C SER D 299 -32.94 42.25 -26.17
N CYS D 300 -31.84 41.75 -25.56
CA CYS D 300 -31.18 40.51 -25.99
C CYS D 300 -31.40 39.34 -25.02
N GLU D 301 -31.17 38.10 -25.50
CA GLU D 301 -31.36 36.87 -24.70
C GLU D 301 -30.40 36.74 -23.52
N ALA D 302 -29.10 37.04 -23.72
CA ALA D 302 -28.07 36.95 -22.68
C ALA D 302 -28.38 37.80 -21.44
N LEU D 303 -28.84 39.05 -21.65
CA LEU D 303 -29.20 39.99 -20.58
C LEU D 303 -30.52 39.60 -19.91
N ARG D 304 -31.42 38.96 -20.66
CA ARG D 304 -32.74 38.51 -20.22
C ARG D 304 -32.65 37.29 -19.31
N VAL D 305 -31.78 36.32 -19.67
CA VAL D 305 -31.55 35.07 -18.91
C VAL D 305 -30.88 35.39 -17.56
N MET D 306 -29.88 36.29 -17.56
CA MET D 306 -29.16 36.74 -16.37
C MET D 306 -30.10 37.40 -15.36
N ALA D 307 -31.06 38.20 -15.85
CA ALA D 307 -32.07 38.89 -15.03
C ALA D 307 -33.07 37.91 -14.40
N LYS D 308 -33.36 36.79 -15.09
CA LYS D 308 -34.26 35.73 -14.63
C LYS D 308 -33.62 34.96 -13.46
N ILE D 309 -32.30 34.71 -13.54
CA ILE D 309 -31.51 34.02 -12.51
C ILE D 309 -31.42 34.91 -11.26
N MET D 310 -31.12 36.21 -11.46
CA MET D 310 -30.99 37.23 -10.42
C MET D 310 -32.21 37.31 -9.48
N ARG D 311 -33.43 37.33 -10.06
CA ARG D 311 -34.69 37.36 -9.31
C ARG D 311 -34.97 36.03 -8.62
N GLU D 312 -34.43 34.92 -9.17
CA GLU D 312 -34.56 33.57 -8.62
C GLU D 312 -33.48 33.28 -7.54
N CYS D 313 -32.58 34.25 -7.32
CA CYS D 313 -31.51 34.18 -6.31
C CYS D 313 -31.76 35.17 -5.16
N TRP D 314 -32.60 36.20 -5.41
CA TRP D 314 -32.95 37.24 -4.45
C TRP D 314 -34.24 36.96 -3.65
N TYR D 315 -34.62 35.69 -3.49
CA TYR D 315 -35.81 35.28 -2.75
C TYR D 315 -35.68 35.56 -1.25
N ALA D 316 -36.83 35.82 -0.58
CA ALA D 316 -36.89 36.06 0.87
C ALA D 316 -36.64 34.75 1.62
N ASN D 317 -37.11 33.63 1.04
CA ASN D 317 -36.95 32.27 1.56
C ASN D 317 -35.70 31.64 0.95
N GLY D 318 -34.91 30.96 1.79
CA GLY D 318 -33.67 30.31 1.39
C GLY D 318 -33.83 29.12 0.46
N ALA D 319 -34.72 28.19 0.83
CA ALA D 319 -35.00 26.94 0.08
C ALA D 319 -35.49 27.16 -1.36
N ALA D 320 -36.22 28.27 -1.62
CA ALA D 320 -36.76 28.62 -2.93
C ALA D 320 -35.70 28.99 -3.97
N ARG D 321 -34.52 29.46 -3.51
CA ARG D 321 -33.39 29.89 -4.33
C ARG D 321 -32.79 28.75 -5.17
N LEU D 322 -32.11 29.10 -6.28
CA LEU D 322 -31.45 28.16 -7.19
C LEU D 322 -30.19 27.56 -6.54
N THR D 323 -29.73 26.42 -7.08
CA THR D 323 -28.51 25.74 -6.61
C THR D 323 -27.32 26.17 -7.48
N ALA D 324 -26.09 26.05 -6.94
CA ALA D 324 -24.84 26.42 -7.62
C ALA D 324 -24.60 25.65 -8.93
N LEU D 325 -25.06 24.39 -9.00
CA LEU D 325 -24.95 23.53 -10.19
C LEU D 325 -25.97 23.93 -11.26
N ARG D 326 -27.17 24.40 -10.84
CA ARG D 326 -28.25 24.82 -11.74
C ARG D 326 -27.88 26.09 -12.51
N ILE D 327 -27.24 27.07 -11.84
CA ILE D 327 -26.78 28.33 -12.45
C ILE D 327 -25.64 28.01 -13.43
N LYS D 328 -24.79 27.02 -13.10
CA LYS D 328 -23.68 26.53 -13.91
C LYS D 328 -24.19 25.86 -15.20
N LYS D 329 -25.25 25.03 -15.08
CA LYS D 329 -25.86 24.28 -16.18
C LYS D 329 -26.59 25.20 -17.18
N THR D 330 -27.34 26.20 -16.67
CA THR D 330 -28.10 27.16 -17.48
C THR D 330 -27.19 28.09 -18.29
N LEU D 331 -26.06 28.53 -17.68
CA LEU D 331 -25.07 29.41 -18.30
C LEU D 331 -24.27 28.67 -19.38
N SER D 332 -24.05 27.35 -19.19
CA SER D 332 -23.33 26.49 -20.15
C SER D 332 -24.13 26.31 -21.44
N GLN D 333 -25.48 26.27 -21.33
CA GLN D 333 -26.40 26.16 -22.46
C GLN D 333 -26.46 27.48 -23.22
N LEU D 334 -26.38 28.62 -22.50
CA LEU D 334 -26.41 29.97 -23.04
C LEU D 334 -25.12 30.30 -23.80
N SER D 335 -23.97 29.77 -23.33
CA SER D 335 -22.65 29.97 -23.95
C SER D 335 -22.54 29.24 -25.29
N GLN D 336 -23.21 28.08 -25.42
CA GLN D 336 -23.25 27.25 -26.63
C GLN D 336 -24.00 27.91 -27.80
N GLN D 337 -24.85 28.91 -27.50
CA GLN D 337 -25.64 29.65 -28.48
C GLN D 337 -24.76 30.53 -29.37
N GLU D 338 -23.67 31.09 -28.80
CA GLU D 338 -22.72 31.96 -29.50
C GLU D 338 -21.28 31.38 -29.56
N GLY D 339 -21.14 30.10 -29.22
CA GLY D 339 -19.86 29.39 -29.23
C GLY D 339 -19.18 29.38 -27.88
N ILE E 10 1.33 21.54 16.42
CA ILE E 10 0.12 22.32 16.15
C ILE E 10 0.51 23.74 15.68
N SER E 11 0.05 24.11 14.48
CA SER E 11 0.33 25.40 13.84
C SER E 11 -0.45 26.56 14.49
N GLU E 12 -0.02 27.81 14.19
CA GLU E 12 -0.63 29.05 14.70
C GLU E 12 -2.02 29.27 14.12
N GLY E 13 -2.95 29.71 14.97
CA GLY E 13 -4.33 29.99 14.58
C GLY E 13 -5.29 28.84 14.79
N THR E 14 -4.76 27.64 15.10
CA THR E 14 -5.55 26.42 15.33
C THR E 14 -6.28 26.51 16.67
N THR E 15 -7.58 26.23 16.68
CA THR E 15 -8.42 26.26 17.88
C THR E 15 -8.95 24.87 18.25
N LEU E 16 -9.43 24.71 19.50
CA LEU E 16 -9.99 23.46 20.03
C LEU E 16 -11.20 23.00 19.22
N LYS E 17 -12.06 23.95 18.79
CA LYS E 17 -13.26 23.69 17.99
C LYS E 17 -12.91 23.13 16.62
N ASP E 18 -11.77 23.56 16.04
CA ASP E 18 -11.27 23.08 14.75
C ASP E 18 -10.71 21.66 14.88
N LEU E 19 -10.07 21.36 16.04
CA LEU E 19 -9.48 20.06 16.35
C LEU E 19 -10.53 18.95 16.51
N ILE E 20 -11.73 19.31 17.01
CA ILE E 20 -12.87 18.39 17.19
C ILE E 20 -13.34 17.91 15.82
N TYR E 21 -13.40 18.83 14.83
CA TYR E 21 -13.78 18.55 13.45
C TYR E 21 -12.75 17.64 12.74
N ASP E 22 -11.45 17.84 13.05
CA ASP E 22 -10.33 17.08 12.48
C ASP E 22 -10.35 15.59 12.82
N MET E 23 -10.90 15.22 14.00
CA MET E 23 -10.97 13.84 14.45
C MET E 23 -12.32 13.15 14.21
N THR E 24 -13.43 13.91 14.23
CA THR E 24 -14.78 13.40 14.03
C THR E 24 -15.05 13.08 12.55
N THR E 25 -14.67 14.00 11.63
CA THR E 25 -14.88 13.83 10.18
C THR E 25 -13.72 13.10 9.46
N SER E 26 -12.75 12.58 10.23
CA SER E 26 -11.59 11.84 9.72
C SER E 26 -11.99 10.45 9.19
N GLY E 27 -11.08 9.81 8.44
CA GLY E 27 -11.27 8.47 7.87
C GLY E 27 -11.57 7.44 8.93
N SER E 28 -10.81 7.47 10.04
CA SER E 28 -10.99 6.61 11.20
C SER E 28 -11.57 7.46 12.34
N GLY E 29 -12.67 7.00 12.91
CA GLY E 29 -13.38 7.69 13.99
C GLY E 29 -12.71 7.70 15.35
N SER E 30 -11.38 7.42 15.38
CA SER E 30 -10.56 7.39 16.59
C SER E 30 -10.11 8.81 17.01
N GLY E 31 -9.39 8.89 18.12
CA GLY E 31 -8.88 10.16 18.66
C GLY E 31 -7.74 10.78 17.88
N LEU E 32 -7.29 11.96 18.35
CA LEU E 32 -6.20 12.76 17.77
C LEU E 32 -4.85 12.02 17.84
N PRO E 33 -3.86 12.29 16.93
CA PRO E 33 -2.57 11.58 17.01
C PRO E 33 -1.82 11.73 18.34
N LEU E 34 -1.05 10.70 18.71
CA LEU E 34 -0.27 10.60 19.96
C LEU E 34 0.63 11.81 20.24
N LEU E 35 1.28 12.36 19.19
CA LEU E 35 2.14 13.53 19.30
C LEU E 35 1.31 14.81 19.53
N VAL E 36 0.13 14.89 18.89
CA VAL E 36 -0.81 16.02 18.99
C VAL E 36 -1.43 16.03 20.41
N GLN E 37 -1.82 14.84 20.92
CA GLN E 37 -2.40 14.65 22.26
C GLN E 37 -1.43 15.10 23.36
N ARG E 38 -0.13 14.82 23.17
CA ARG E 38 0.95 15.18 24.10
C ARG E 38 1.15 16.70 24.12
N THR E 39 0.98 17.36 22.95
CA THR E 39 1.11 18.82 22.79
C THR E 39 -0.03 19.58 23.48
N ILE E 40 -1.29 19.11 23.31
CA ILE E 40 -2.50 19.72 23.90
C ILE E 40 -2.42 19.77 25.43
N ALA E 41 -2.16 18.62 26.08
CA ALA E 41 -2.05 18.47 27.54
C ALA E 41 -0.97 19.34 28.19
N ARG E 42 0.15 19.58 27.48
CA ARG E 42 1.25 20.40 27.96
C ARG E 42 1.10 21.90 27.60
N THR E 43 -0.06 22.27 27.01
CA THR E 43 -0.41 23.65 26.60
C THR E 43 -1.65 24.19 27.35
N ILE E 44 -2.39 23.31 28.05
CA ILE E 44 -3.58 23.67 28.83
C ILE E 44 -3.21 24.47 30.09
N VAL E 45 -3.81 25.66 30.24
CA VAL E 45 -3.60 26.56 31.38
C VAL E 45 -4.69 26.24 32.40
N LEU E 46 -4.30 25.68 33.56
CA LEU E 46 -5.23 25.30 34.63
C LEU E 46 -5.77 26.53 35.33
N GLN E 47 -7.11 26.62 35.44
CA GLN E 47 -7.79 27.77 36.06
C GLN E 47 -8.16 27.52 37.52
N GLU E 48 -9.00 26.49 37.78
CA GLU E 48 -9.48 26.13 39.12
C GLU E 48 -9.96 24.67 39.21
N SER E 49 -9.96 24.11 40.44
CA SER E 49 -10.44 22.75 40.70
C SER E 49 -11.96 22.77 40.70
N ILE E 50 -12.58 22.03 39.77
CA ILE E 50 -14.03 21.99 39.59
C ILE E 50 -14.78 20.94 40.43
N GLY E 51 -14.14 19.80 40.70
CA GLY E 51 -14.73 18.73 41.48
C GLY E 51 -13.83 17.52 41.69
N LYS E 52 -14.38 16.48 42.37
CA LYS E 52 -13.66 15.24 42.68
C LYS E 52 -14.61 14.04 42.77
N GLY E 53 -14.13 12.87 42.34
CA GLY E 53 -14.87 11.61 42.37
C GLY E 53 -14.12 10.54 43.15
N ARG E 54 -14.21 9.28 42.69
CA ARG E 54 -13.52 8.16 43.33
C ARG E 54 -12.07 7.99 42.86
N PHE E 55 -11.78 8.39 41.60
CA PHE E 55 -10.45 8.34 41.02
C PHE E 55 -10.05 9.68 40.43
N GLY E 56 -8.94 10.23 40.92
CA GLY E 56 -8.39 11.51 40.49
C GLY E 56 -9.20 12.72 40.89
N GLU E 57 -8.84 13.89 40.32
CA GLU E 57 -9.50 15.18 40.57
C GLU E 57 -9.72 15.92 39.25
N VAL E 58 -10.94 16.45 39.04
CA VAL E 58 -11.30 17.19 37.83
C VAL E 58 -11.01 18.69 38.01
N TRP E 59 -10.26 19.26 37.05
CA TRP E 59 -9.86 20.66 37.02
C TRP E 59 -10.32 21.35 35.73
N ARG E 60 -10.68 22.65 35.83
CA ARG E 60 -11.11 23.45 34.70
C ARG E 60 -9.87 24.09 34.07
N GLY E 61 -9.61 23.74 32.80
CA GLY E 61 -8.47 24.23 32.05
C GLY E 61 -8.85 25.08 30.85
N LYS E 62 -7.85 25.75 30.24
CA LYS E 62 -8.06 26.61 29.07
C LYS E 62 -6.97 26.41 28.01
N TRP E 63 -7.36 25.85 26.86
CA TRP E 63 -6.46 25.62 25.74
C TRP E 63 -6.74 26.67 24.66
N ARG E 64 -5.81 27.62 24.49
CA ARG E 64 -5.86 28.74 23.54
C ARG E 64 -7.12 29.62 23.70
N GLY E 65 -7.48 29.90 24.95
CA GLY E 65 -8.65 30.71 25.31
C GLY E 65 -9.91 29.92 25.60
N GLU E 66 -10.17 28.86 24.80
CA GLU E 66 -11.34 27.99 24.91
C GLU E 66 -11.31 27.14 26.19
N GLU E 67 -12.47 27.02 26.86
CA GLU E 67 -12.63 26.24 28.10
C GLU E 67 -12.54 24.74 27.83
N VAL E 68 -11.84 24.00 28.72
CA VAL E 68 -11.64 22.56 28.60
C VAL E 68 -11.62 21.86 29.99
N ALA E 69 -11.95 20.56 30.02
CA ALA E 69 -11.97 19.76 31.25
C ALA E 69 -10.75 18.83 31.32
N VAL E 70 -10.06 18.83 32.47
CA VAL E 70 -8.86 18.03 32.70
C VAL E 70 -9.00 17.19 33.99
N LYS E 71 -8.79 15.86 33.88
CA LYS E 71 -8.85 14.93 35.01
C LYS E 71 -7.43 14.48 35.38
N ILE E 72 -6.91 15.00 36.51
CA ILE E 72 -5.55 14.68 36.98
C ILE E 72 -5.61 13.48 37.93
N PHE E 73 -5.06 12.34 37.47
CA PHE E 73 -5.00 11.08 38.22
C PHE E 73 -3.70 10.96 39.02
N SER E 74 -3.77 10.32 40.19
CA SER E 74 -2.63 10.07 41.06
C SER E 74 -1.78 8.91 40.51
N SER E 75 -0.51 8.82 40.93
CA SER E 75 0.43 7.78 40.50
C SER E 75 0.00 6.36 40.92
N ARG E 76 -0.70 6.25 42.07
CA ARG E 76 -1.20 4.98 42.61
C ARG E 76 -2.37 4.42 41.78
N GLU E 77 -3.27 5.31 41.30
CA GLU E 77 -4.43 4.94 40.51
C GLU E 77 -4.19 4.97 38.98
N GLU E 78 -3.11 4.29 38.54
CA GLU E 78 -2.73 4.18 37.13
C GLU E 78 -3.68 3.28 36.33
N ARG E 79 -4.32 2.30 37.01
CA ARG E 79 -5.27 1.34 36.45
C ARG E 79 -6.54 2.05 35.95
N SER E 80 -7.04 3.03 36.73
CA SER E 80 -8.23 3.81 36.40
C SER E 80 -7.99 4.76 35.23
N TRP E 81 -6.75 5.29 35.12
CA TRP E 81 -6.34 6.20 34.05
C TRP E 81 -6.25 5.47 32.70
N PHE E 82 -5.56 4.31 32.67
CA PHE E 82 -5.38 3.50 31.46
C PHE E 82 -6.68 2.92 30.92
N ARG E 83 -7.55 2.39 31.81
CA ARG E 83 -8.84 1.80 31.44
C ARG E 83 -9.75 2.80 30.73
N GLU E 84 -9.81 4.05 31.23
CA GLU E 84 -10.60 5.13 30.64
C GLU E 84 -9.98 5.58 29.31
N ALA E 85 -8.64 5.74 29.26
CA ALA E 85 -7.90 6.15 28.06
C ALA E 85 -8.00 5.13 26.91
N GLU E 86 -7.97 3.82 27.24
CA GLU E 86 -8.07 2.74 26.25
C GLU E 86 -9.49 2.65 25.67
N ILE E 87 -10.52 2.86 26.51
CA ILE E 87 -11.93 2.84 26.11
C ILE E 87 -12.28 4.07 25.26
N TYR E 88 -11.77 5.25 25.61
CA TYR E 88 -12.03 6.49 24.88
C TYR E 88 -11.27 6.58 23.53
N GLN E 89 -10.13 5.87 23.39
CA GLN E 89 -9.30 5.89 22.18
C GLN E 89 -9.57 4.77 21.15
N THR E 90 -8.82 3.65 21.24
CA THR E 90 -8.90 2.52 20.30
C THR E 90 -10.19 1.69 20.44
N VAL E 91 -11.35 2.32 20.15
CA VAL E 91 -12.68 1.71 20.20
C VAL E 91 -13.54 2.20 19.02
N MET E 92 -13.58 3.54 18.79
CA MET E 92 -14.37 4.26 17.77
C MET E 92 -15.82 4.38 18.26
N LEU E 93 -16.06 5.35 19.16
CA LEU E 93 -17.37 5.58 19.80
C LEU E 93 -17.83 7.05 19.81
N ARG E 94 -17.19 7.92 18.98
CA ARG E 94 -17.49 9.35 18.87
C ARG E 94 -18.99 9.61 18.60
N HIS E 95 -19.74 9.84 19.70
CA HIS E 95 -21.20 10.05 19.70
C HIS E 95 -21.58 11.35 20.42
N GLU E 96 -22.73 11.94 20.01
CA GLU E 96 -23.29 13.18 20.55
C GLU E 96 -23.61 13.09 22.06
N ASN E 97 -24.12 11.93 22.50
CA ASN E 97 -24.50 11.69 23.89
C ASN E 97 -23.40 10.98 24.71
N ILE E 98 -22.14 11.05 24.24
CA ILE E 98 -20.95 10.50 24.88
C ILE E 98 -19.92 11.63 25.04
N LEU E 99 -19.29 11.74 26.22
CA LEU E 99 -18.29 12.74 26.55
C LEU E 99 -17.16 12.84 25.49
N GLY E 100 -17.05 14.02 24.89
CA GLY E 100 -16.07 14.30 23.85
C GLY E 100 -14.64 14.32 24.32
N PHE E 101 -13.95 13.18 24.18
CA PHE E 101 -12.55 12.99 24.57
C PHE E 101 -11.60 13.76 23.65
N ILE E 102 -10.54 14.35 24.24
CA ILE E 102 -9.54 15.13 23.50
C ILE E 102 -8.14 14.53 23.58
N ALA E 103 -7.56 14.39 24.79
CA ALA E 103 -6.20 13.87 24.97
C ALA E 103 -5.97 13.07 26.26
N ALA E 104 -4.89 12.25 26.27
CA ALA E 104 -4.43 11.43 27.38
C ALA E 104 -2.89 11.47 27.37
N ASP E 105 -2.28 11.89 28.49
CA ASP E 105 -0.81 12.03 28.57
C ASP E 105 -0.21 11.73 29.95
N ASN E 106 0.98 11.11 29.93
CA ASN E 106 1.79 10.79 31.11
C ASN E 106 3.02 11.71 31.10
N LYS E 107 3.14 12.59 32.10
CA LYS E 107 4.21 13.58 32.20
C LYS E 107 5.53 13.08 32.79
N ASP E 108 5.53 12.68 34.08
CA ASP E 108 6.72 12.22 34.80
C ASP E 108 6.79 10.69 34.98
N ASN E 109 7.73 10.21 35.82
CA ASN E 109 7.95 8.80 36.11
C ASN E 109 8.19 8.53 37.60
N GLY E 110 7.74 7.37 38.07
CA GLY E 110 7.89 6.93 39.45
C GLY E 110 6.71 7.23 40.35
N THR E 111 7.01 7.77 41.55
CA THR E 111 6.02 8.14 42.57
C THR E 111 5.36 9.49 42.25
N TRP E 112 6.08 10.37 41.52
CA TRP E 112 5.59 11.70 41.14
C TRP E 112 5.07 11.75 39.69
N THR E 113 4.50 10.63 39.21
CA THR E 113 3.94 10.49 37.86
C THR E 113 2.63 11.28 37.74
N GLN E 114 2.53 12.12 36.70
CA GLN E 114 1.34 12.93 36.41
C GLN E 114 0.56 12.28 35.27
N LEU E 115 -0.68 11.85 35.56
CA LEU E 115 -1.55 11.21 34.58
C LEU E 115 -2.73 12.13 34.27
N TRP E 116 -2.78 12.64 33.03
CA TRP E 116 -3.79 13.59 32.57
C TRP E 116 -4.79 12.99 31.59
N LEU E 117 -6.05 13.43 31.68
CA LEU E 117 -7.15 13.00 30.82
C LEU E 117 -8.00 14.22 30.45
N VAL E 118 -7.96 14.60 29.16
CA VAL E 118 -8.62 15.78 28.62
C VAL E 118 -9.93 15.45 27.89
N SER E 119 -11.00 16.23 28.17
CA SER E 119 -12.33 16.10 27.57
C SER E 119 -13.03 17.47 27.50
N ASP E 120 -14.21 17.53 26.85
CA ASP E 120 -15.01 18.76 26.70
C ASP E 120 -15.56 19.27 28.04
N TYR E 121 -15.69 20.60 28.17
CA TYR E 121 -16.19 21.26 29.38
C TYR E 121 -17.65 21.69 29.25
N HIS E 122 -18.43 21.48 30.34
CA HIS E 122 -19.85 21.85 30.42
C HIS E 122 -20.07 22.67 31.70
N GLU E 123 -20.57 23.92 31.53
CA GLU E 123 -20.82 24.89 32.60
C GLU E 123 -21.81 24.41 33.67
N HIS E 124 -22.90 23.74 33.24
CA HIS E 124 -23.96 23.22 34.12
C HIS E 124 -23.45 22.12 35.06
N GLY E 125 -22.48 21.34 34.60
CA GLY E 125 -21.87 20.25 35.36
C GLY E 125 -22.63 18.95 35.28
N SER E 126 -22.54 18.14 36.35
CA SER E 126 -23.21 16.84 36.44
C SER E 126 -24.72 16.99 36.69
N LEU E 127 -25.48 15.91 36.42
CA LEU E 127 -26.93 15.84 36.61
C LEU E 127 -27.32 16.00 38.08
N PHE E 128 -26.46 15.54 39.01
CA PHE E 128 -26.64 15.64 40.46
C PHE E 128 -26.65 17.10 40.92
N ASP E 129 -25.70 17.92 40.42
CA ASP E 129 -25.58 19.34 40.73
C ASP E 129 -26.63 20.18 40.04
N TYR E 130 -27.04 19.78 38.82
CA TYR E 130 -28.05 20.48 38.01
C TYR E 130 -29.47 20.33 38.57
N LEU E 131 -29.84 19.10 38.95
CA LEU E 131 -31.17 18.77 39.49
C LEU E 131 -31.41 19.33 40.89
N ASN E 132 -30.34 19.41 41.72
CA ASN E 132 -30.39 19.94 43.08
C ASN E 132 -30.53 21.47 43.08
N ARG E 133 -30.17 22.12 41.95
CA ARG E 133 -30.20 23.58 41.77
C ARG E 133 -31.38 24.05 40.91
N TYR E 134 -31.70 23.33 39.82
CA TYR E 134 -32.76 23.69 38.87
C TYR E 134 -33.96 22.73 38.84
N THR E 135 -35.12 23.25 38.37
CA THR E 135 -36.37 22.51 38.18
C THR E 135 -36.64 22.41 36.68
N VAL E 136 -36.78 21.17 36.17
CA VAL E 136 -37.00 20.90 34.75
C VAL E 136 -38.47 20.99 34.28
N THR E 137 -38.68 21.31 32.99
CA THR E 137 -40.00 21.41 32.34
C THR E 137 -40.33 20.05 31.70
N VAL E 138 -41.57 19.89 31.18
CA VAL E 138 -42.06 18.66 30.53
C VAL E 138 -41.19 18.28 29.31
N GLU E 139 -40.92 19.26 28.42
CA GLU E 139 -40.09 19.08 27.22
C GLU E 139 -38.62 18.80 27.59
N GLY E 140 -38.14 19.49 28.63
CA GLY E 140 -36.78 19.36 29.13
C GLY E 140 -36.49 18.00 29.74
N MET E 141 -37.47 17.44 30.47
CA MET E 141 -37.41 16.14 31.15
C MET E 141 -37.20 15.00 30.12
N ILE E 142 -37.89 15.08 28.97
CA ILE E 142 -37.80 14.10 27.87
C ILE E 142 -36.40 14.18 27.22
N LYS E 143 -35.89 15.41 26.99
CA LYS E 143 -34.57 15.68 26.39
C LYS E 143 -33.42 15.07 27.19
N LEU E 144 -33.49 15.14 28.54
CA LEU E 144 -32.48 14.58 29.44
C LEU E 144 -32.54 13.05 29.45
N ALA E 145 -33.77 12.49 29.44
CA ALA E 145 -34.03 11.05 29.46
C ALA E 145 -33.67 10.37 28.12
N LEU E 146 -34.00 11.01 26.99
CA LEU E 146 -33.72 10.51 25.63
C LEU E 146 -32.21 10.39 25.39
N SER E 147 -31.45 11.41 25.80
CA SER E 147 -29.99 11.50 25.68
C SER E 147 -29.27 10.43 26.52
N THR E 148 -29.78 10.16 27.73
CA THR E 148 -29.24 9.13 28.64
C THR E 148 -29.51 7.74 28.05
N ALA E 149 -30.69 7.56 27.44
CA ALA E 149 -31.11 6.30 26.80
C ALA E 149 -30.33 6.06 25.50
N SER E 150 -30.11 7.12 24.70
CA SER E 150 -29.36 7.06 23.44
C SER E 150 -27.86 6.84 23.66
N GLY E 151 -27.35 7.36 24.79
CA GLY E 151 -25.96 7.24 25.19
C GLY E 151 -25.55 5.81 25.49
N LEU E 152 -26.35 5.12 26.32
CA LEU E 152 -26.11 3.72 26.68
C LEU E 152 -26.46 2.77 25.52
N ALA E 153 -27.33 3.22 24.58
CA ALA E 153 -27.72 2.46 23.39
C ALA E 153 -26.54 2.34 22.44
N HIS E 154 -25.69 3.39 22.36
CA HIS E 154 -24.50 3.45 21.53
C HIS E 154 -23.37 2.62 22.15
N LEU E 155 -23.29 2.58 23.50
CA LEU E 155 -22.29 1.83 24.26
C LEU E 155 -22.53 0.32 24.13
N HIS E 156 -23.81 -0.08 24.21
CA HIS E 156 -24.22 -1.48 24.11
C HIS E 156 -24.22 -2.03 22.69
N MET E 157 -24.32 -1.13 21.70
CA MET E 157 -24.30 -1.47 20.28
C MET E 157 -22.92 -1.98 19.85
N GLU E 158 -22.90 -3.13 19.18
CA GLU E 158 -21.66 -3.75 18.68
C GLU E 158 -21.70 -3.87 17.16
N ILE E 159 -20.69 -3.26 16.50
CA ILE E 159 -20.56 -3.29 15.03
C ILE E 159 -19.41 -4.26 14.72
N VAL E 160 -19.74 -5.40 14.09
CA VAL E 160 -18.78 -6.46 13.74
C VAL E 160 -18.26 -6.26 12.32
N GLY E 161 -16.93 -6.33 12.17
CA GLY E 161 -16.24 -6.19 10.89
C GLY E 161 -14.95 -5.40 10.97
N THR E 162 -14.22 -5.52 12.10
CA THR E 162 -12.94 -4.85 12.41
C THR E 162 -13.05 -3.31 12.54
N GLN E 163 -13.63 -2.64 11.53
CA GLN E 163 -13.83 -1.19 11.49
C GLN E 163 -14.83 -0.64 12.52
N GLY E 164 -15.68 -1.52 13.06
CA GLY E 164 -16.70 -1.17 14.04
C GLY E 164 -16.20 -1.00 15.46
N LYS E 165 -17.13 -1.13 16.44
CA LYS E 165 -16.82 -0.97 17.86
C LYS E 165 -17.33 -2.13 18.75
N PRO E 166 -16.59 -2.51 19.83
CA PRO E 166 -17.08 -3.60 20.69
C PRO E 166 -18.17 -3.12 21.66
N ALA E 167 -18.97 -4.07 22.19
CA ALA E 167 -20.04 -3.77 23.14
C ALA E 167 -19.46 -3.42 24.51
N ILE E 168 -19.81 -2.22 25.03
CA ILE E 168 -19.30 -1.72 26.31
C ILE E 168 -20.41 -1.52 27.35
N ALA E 169 -20.22 -2.09 28.55
CA ALA E 169 -21.13 -1.97 29.69
C ALA E 169 -20.49 -1.02 30.71
N HIS E 170 -21.26 -0.01 31.17
CA HIS E 170 -20.79 1.03 32.10
C HIS E 170 -20.42 0.54 33.50
N ARG E 171 -21.22 -0.38 34.08
CA ARG E 171 -21.08 -0.98 35.42
C ARG E 171 -21.34 -0.05 36.61
N ASP E 172 -21.17 1.27 36.43
CA ASP E 172 -21.39 2.27 37.49
C ASP E 172 -22.12 3.51 36.93
N LEU E 173 -23.46 3.42 36.79
CA LEU E 173 -24.28 4.51 36.31
C LEU E 173 -24.96 5.26 37.45
N LYS E 174 -24.76 6.58 37.49
CA LYS E 174 -25.31 7.48 38.51
C LYS E 174 -25.46 8.91 37.99
N SER E 175 -26.19 9.77 38.74
CA SER E 175 -26.43 11.17 38.41
C SER E 175 -25.13 11.99 38.39
N LYS E 176 -24.16 11.61 39.26
CA LYS E 176 -22.85 12.26 39.37
C LYS E 176 -21.97 11.96 38.15
N ASN E 177 -22.13 10.76 37.54
CA ASN E 177 -21.37 10.32 36.36
C ASN E 177 -21.92 10.84 35.03
N ILE E 178 -23.17 11.35 35.01
CA ILE E 178 -23.81 11.88 33.81
C ILE E 178 -23.76 13.42 33.83
N LEU E 179 -23.13 14.02 32.80
CA LEU E 179 -22.98 15.48 32.65
C LEU E 179 -24.03 16.05 31.70
N VAL E 180 -24.43 17.31 31.93
CA VAL E 180 -25.42 18.01 31.11
C VAL E 180 -24.80 19.17 30.31
N LYS E 181 -25.04 19.18 28.98
CA LYS E 181 -24.55 20.17 28.01
C LYS E 181 -25.25 21.53 28.13
N LYS E 182 -24.80 22.51 27.32
CA LYS E 182 -25.32 23.88 27.27
C LYS E 182 -26.76 23.95 26.76
N ASN E 183 -27.14 23.04 25.83
CA ASN E 183 -28.48 22.99 25.23
C ASN E 183 -29.47 22.05 25.96
N GLY E 184 -29.09 21.62 27.17
CA GLY E 184 -29.90 20.73 28.00
C GLY E 184 -29.94 19.30 27.51
N THR E 185 -28.78 18.77 27.09
CA THR E 185 -28.61 17.41 26.58
C THR E 185 -27.59 16.68 27.46
N CYS E 186 -27.84 15.39 27.75
CA CYS E 186 -26.95 14.58 28.59
C CYS E 186 -25.86 13.84 27.82
N CYS E 187 -24.69 13.69 28.45
CA CYS E 187 -23.52 12.97 27.92
C CYS E 187 -22.92 12.06 28.99
N ILE E 188 -22.73 10.77 28.66
CA ILE E 188 -22.20 9.75 29.57
C ILE E 188 -20.69 9.94 29.77
N ALA E 189 -20.24 9.99 31.03
CA ALA E 189 -18.84 10.18 31.41
C ALA E 189 -18.34 9.12 32.39
N ASP E 190 -17.01 9.09 32.63
CA ASP E 190 -16.29 8.17 33.52
C ASP E 190 -16.46 6.69 33.14
N LEU E 191 -15.58 6.20 32.25
CA LEU E 191 -15.58 4.83 31.76
C LEU E 191 -14.40 4.00 32.33
N GLY E 192 -13.95 4.37 33.52
CA GLY E 192 -12.84 3.72 34.23
C GLY E 192 -13.16 2.33 34.73
N LEU E 193 -14.44 2.07 35.08
CA LEU E 193 -14.91 0.78 35.58
C LEU E 193 -15.64 -0.03 34.50
N ALA E 194 -15.71 0.50 33.26
CA ALA E 194 -16.37 -0.13 32.12
C ALA E 194 -15.69 -1.41 31.60
N VAL E 195 -16.47 -2.27 30.91
CA VAL E 195 -16.02 -3.56 30.36
C VAL E 195 -16.33 -3.69 28.85
N ARG E 196 -15.32 -4.02 28.03
CA ARG E 196 -15.44 -4.22 26.59
C ARG E 196 -15.77 -5.70 26.27
N HIS E 197 -16.48 -5.94 25.16
CA HIS E 197 -16.87 -7.29 24.73
C HIS E 197 -17.00 -7.43 23.21
N ASP E 198 -16.41 -8.51 22.66
CA ASP E 198 -16.44 -8.84 21.24
C ASP E 198 -17.18 -10.17 21.05
N SER E 199 -18.29 -10.14 20.29
CA SER E 199 -19.15 -11.30 20.02
C SER E 199 -18.50 -12.37 19.12
N ALA E 200 -17.54 -11.96 18.26
CA ALA E 200 -16.83 -12.83 17.32
C ALA E 200 -15.96 -13.90 17.99
N THR E 201 -15.43 -13.60 19.19
CA THR E 201 -14.57 -14.51 19.95
C THR E 201 -15.08 -14.83 21.38
N ASP E 202 -16.07 -14.05 21.88
CA ASP E 202 -16.68 -14.17 23.21
C ASP E 202 -15.64 -14.05 24.33
N THR E 203 -15.09 -12.84 24.50
CA THR E 203 -14.06 -12.52 25.48
C THR E 203 -14.32 -11.15 26.14
N ILE E 204 -13.95 -11.02 27.43
CA ILE E 204 -14.10 -9.79 28.22
C ILE E 204 -12.76 -9.41 28.86
N ASP E 205 -12.29 -8.18 28.59
CA ASP E 205 -11.01 -7.63 29.05
C ASP E 205 -10.73 -7.60 30.55
N ILE E 206 -11.76 -7.35 31.39
CA ILE E 206 -11.60 -7.30 32.85
C ILE E 206 -11.51 -8.68 33.51
N ALA E 207 -11.25 -8.69 34.84
CA ALA E 207 -11.17 -9.88 35.68
C ALA E 207 -12.49 -9.95 36.48
N PRO E 208 -13.47 -10.79 36.06
CA PRO E 208 -14.76 -10.82 36.79
C PRO E 208 -14.79 -11.77 37.98
N ASN E 209 -14.87 -11.19 39.20
CA ASN E 209 -14.91 -11.91 40.48
C ASN E 209 -15.48 -11.06 41.62
N HIS E 210 -15.24 -9.74 41.59
CA HIS E 210 -15.68 -8.80 42.63
C HIS E 210 -16.69 -7.75 42.13
N ARG E 211 -17.48 -7.18 43.06
CA ARG E 211 -18.49 -6.14 42.77
C ARG E 211 -17.85 -4.76 42.65
N VAL E 212 -18.28 -3.98 41.64
CA VAL E 212 -17.74 -2.64 41.32
C VAL E 212 -18.82 -1.56 41.24
N GLY E 213 -18.43 -0.32 41.56
CA GLY E 213 -19.29 0.85 41.50
C GLY E 213 -19.92 1.24 42.83
N THR E 214 -20.86 2.21 42.77
CA THR E 214 -21.58 2.73 43.93
C THR E 214 -22.62 1.71 44.40
N LYS E 215 -22.64 1.42 45.71
CA LYS E 215 -23.54 0.47 46.36
C LYS E 215 -25.03 0.85 46.22
N ARG E 216 -25.31 2.17 46.18
CA ARG E 216 -26.65 2.76 46.06
C ARG E 216 -27.31 2.44 44.71
N TYR E 217 -26.50 2.37 43.64
CA TYR E 217 -26.97 2.11 42.27
C TYR E 217 -26.74 0.66 41.80
N MET E 218 -26.27 -0.21 42.71
CA MET E 218 -25.99 -1.63 42.42
C MET E 218 -27.27 -2.45 42.21
N ALA E 219 -27.22 -3.36 41.22
CA ALA E 219 -28.32 -4.25 40.85
C ALA E 219 -28.51 -5.37 41.90
N PRO E 220 -29.76 -5.88 42.11
CA PRO E 220 -29.95 -6.94 43.12
C PRO E 220 -29.13 -8.22 42.88
N GLU E 221 -28.94 -8.60 41.59
CA GLU E 221 -28.15 -9.78 41.19
C GLU E 221 -26.69 -9.65 41.63
N VAL E 222 -26.15 -8.41 41.58
CA VAL E 222 -24.78 -8.06 41.98
C VAL E 222 -24.67 -8.13 43.52
N LEU E 223 -25.68 -7.59 44.24
CA LEU E 223 -25.74 -7.53 45.69
C LEU E 223 -25.80 -8.90 46.39
N ASP E 224 -26.60 -9.86 45.86
CA ASP E 224 -26.72 -11.20 46.45
C ASP E 224 -25.87 -12.30 45.78
N ASP E 225 -24.88 -11.88 44.95
CA ASP E 225 -23.92 -12.74 44.23
C ASP E 225 -24.51 -13.77 43.23
N SER E 226 -25.78 -13.60 42.84
CA SER E 226 -26.46 -14.50 41.88
C SER E 226 -26.11 -14.19 40.41
N ILE E 227 -25.47 -13.02 40.17
CA ILE E 227 -25.06 -12.57 38.84
C ILE E 227 -24.03 -13.48 38.18
N ASN E 228 -24.28 -13.87 36.92
CA ASN E 228 -23.38 -14.71 36.14
C ASN E 228 -22.38 -13.80 35.44
N MET E 229 -21.16 -13.70 36.01
CA MET E 229 -20.08 -12.86 35.50
C MET E 229 -19.45 -13.34 34.19
N LYS E 230 -19.74 -14.58 33.78
CA LYS E 230 -19.28 -15.19 32.52
C LYS E 230 -20.10 -14.56 31.37
N HIS E 231 -21.41 -14.35 31.61
CA HIS E 231 -22.37 -13.73 30.69
C HIS E 231 -22.14 -12.22 30.64
N PHE E 232 -22.07 -11.65 29.43
CA PHE E 232 -21.90 -10.20 29.26
C PHE E 232 -23.23 -9.46 29.34
N GLU E 233 -24.34 -10.14 28.95
CA GLU E 233 -25.70 -9.59 28.97
C GLU E 233 -26.14 -9.20 30.38
N SER E 234 -25.63 -9.92 31.41
CA SER E 234 -25.90 -9.65 32.83
C SER E 234 -25.37 -8.28 33.25
N PHE E 235 -24.22 -7.85 32.68
CA PHE E 235 -23.60 -6.56 32.93
C PHE E 235 -24.40 -5.44 32.23
N LYS E 236 -24.92 -5.75 31.01
CA LYS E 236 -25.74 -4.85 30.21
C LYS E 236 -27.06 -4.55 30.92
N ARG E 237 -27.73 -5.61 31.44
CA ARG E 237 -29.00 -5.55 32.16
C ARG E 237 -28.87 -4.84 33.51
N ALA E 238 -27.68 -4.91 34.14
CA ALA E 238 -27.37 -4.26 35.42
C ALA E 238 -27.34 -2.73 35.27
N ASP E 239 -26.89 -2.25 34.08
CA ASP E 239 -26.82 -0.83 33.73
C ASP E 239 -28.22 -0.25 33.51
N ILE E 240 -29.16 -1.08 33.01
CA ILE E 240 -30.56 -0.73 32.75
C ILE E 240 -31.28 -0.39 34.07
N TYR E 241 -31.03 -1.19 35.13
CA TYR E 241 -31.58 -0.99 36.47
C TYR E 241 -31.04 0.31 37.07
N ALA E 242 -29.73 0.58 36.87
CA ALA E 242 -29.05 1.78 37.34
C ALA E 242 -29.54 3.02 36.59
N MET E 243 -29.91 2.86 35.30
CA MET E 243 -30.45 3.95 34.45
C MET E 243 -31.87 4.29 34.89
N GLY E 244 -32.60 3.29 35.40
CA GLY E 244 -33.96 3.44 35.90
C GLY E 244 -34.03 4.26 37.17
N LEU E 245 -32.98 4.15 38.02
CA LEU E 245 -32.85 4.89 39.27
C LEU E 245 -32.55 6.37 38.97
N VAL E 246 -31.79 6.62 37.88
CA VAL E 246 -31.43 7.94 37.38
C VAL E 246 -32.69 8.59 36.78
N PHE E 247 -33.52 7.79 36.07
CA PHE E 247 -34.79 8.18 35.45
C PHE E 247 -35.84 8.60 36.50
N TRP E 248 -35.74 8.02 37.72
CA TRP E 248 -36.62 8.29 38.85
C TRP E 248 -36.44 9.71 39.39
N GLU E 249 -35.17 10.17 39.53
CA GLU E 249 -34.86 11.51 40.04
C GLU E 249 -35.06 12.65 39.02
N ILE E 250 -34.96 12.35 37.70
CA ILE E 250 -35.15 13.33 36.62
C ILE E 250 -36.62 13.78 36.58
N ALA E 251 -37.56 12.79 36.55
CA ALA E 251 -39.00 13.02 36.51
C ALA E 251 -39.55 13.58 37.84
N ARG E 252 -38.80 13.38 38.95
CA ARG E 252 -39.14 13.87 40.29
C ARG E 252 -39.11 15.41 40.34
N ARG E 253 -38.07 16.03 39.74
CA ARG E 253 -37.90 17.49 39.70
C ARG E 253 -38.71 18.18 38.59
N CYS E 254 -39.45 17.40 37.76
CA CYS E 254 -40.28 17.93 36.68
C CYS E 254 -41.51 18.64 37.28
N SER E 255 -41.63 19.94 37.01
CA SER E 255 -42.72 20.78 37.52
C SER E 255 -43.77 21.09 36.46
N ILE E 256 -45.04 20.75 36.75
CA ILE E 256 -46.18 21.00 35.86
C ILE E 256 -47.16 21.94 36.59
N GLY E 257 -46.80 23.22 36.61
CA GLY E 257 -47.58 24.27 37.26
C GLY E 257 -47.31 24.43 38.74
N GLY E 258 -46.03 24.43 39.11
CA GLY E 258 -45.59 24.58 40.49
C GLY E 258 -45.33 23.31 41.26
N ILE E 259 -46.09 22.23 40.95
CA ILE E 259 -45.98 20.93 41.61
C ILE E 259 -44.70 20.14 41.26
N HIS E 260 -43.75 20.08 42.22
CA HIS E 260 -42.48 19.37 42.11
C HIS E 260 -41.95 18.96 43.49
N GLU E 261 -41.20 17.85 43.55
CA GLU E 261 -40.63 17.32 44.78
C GLU E 261 -39.15 17.69 44.95
N ASP E 262 -38.67 17.73 46.20
CA ASP E 262 -37.29 18.04 46.56
C ASP E 262 -36.34 16.94 46.09
N TYR E 263 -35.17 17.33 45.53
CA TYR E 263 -34.17 16.41 45.00
C TYR E 263 -33.52 15.53 46.08
N GLN E 264 -33.66 14.20 45.91
CA GLN E 264 -33.13 13.17 46.80
C GLN E 264 -32.61 11.99 45.99
N LEU E 265 -31.53 11.35 46.46
CA LEU E 265 -30.91 10.18 45.82
C LEU E 265 -31.78 8.91 46.06
N PRO E 266 -31.69 7.85 45.23
CA PRO E 266 -32.53 6.65 45.47
C PRO E 266 -32.22 5.98 46.81
N TYR E 267 -33.28 5.52 47.52
CA TYR E 267 -33.25 4.87 48.84
C TYR E 267 -32.67 5.81 49.92
N TYR E 268 -33.03 7.11 49.86
CA TYR E 268 -32.58 8.17 50.77
C TYR E 268 -33.04 7.99 52.22
N ASP E 269 -34.28 7.52 52.42
CA ASP E 269 -34.87 7.30 53.75
C ASP E 269 -34.61 5.89 54.28
N LEU E 270 -34.62 4.88 53.38
CA LEU E 270 -34.38 3.48 53.72
C LEU E 270 -32.91 3.19 54.04
N VAL E 271 -31.98 3.85 53.30
CA VAL E 271 -30.54 3.69 53.47
C VAL E 271 -29.84 5.05 53.76
N PRO E 272 -28.85 5.12 54.69
CA PRO E 272 -28.21 6.42 54.96
C PRO E 272 -27.05 6.75 54.01
N SER E 273 -26.36 7.88 54.25
CA SER E 273 -25.21 8.35 53.46
C SER E 273 -24.04 7.36 53.58
N ASP E 274 -23.45 7.00 52.42
CA ASP E 274 -22.34 6.03 52.26
C ASP E 274 -22.76 4.65 52.83
N PRO E 275 -23.60 3.87 52.09
CA PRO E 275 -24.06 2.58 52.62
C PRO E 275 -23.15 1.39 52.36
N SER E 276 -23.25 0.37 53.22
CA SER E 276 -22.49 -0.88 53.11
C SER E 276 -23.23 -1.89 52.20
N VAL E 277 -22.55 -2.99 51.82
CA VAL E 277 -23.09 -4.05 50.96
C VAL E 277 -24.25 -4.78 51.65
N GLU E 278 -24.10 -5.08 52.96
CA GLU E 278 -25.11 -5.77 53.78
C GLU E 278 -26.38 -4.94 53.99
N GLU E 279 -26.24 -3.61 54.16
CA GLU E 279 -27.37 -2.69 54.38
C GLU E 279 -28.24 -2.52 53.13
N MET E 280 -27.61 -2.44 51.94
CA MET E 280 -28.31 -2.30 50.66
C MET E 280 -28.99 -3.61 50.23
N ARG E 281 -28.44 -4.77 50.68
CA ARG E 281 -28.95 -6.10 50.37
C ARG E 281 -30.30 -6.36 51.08
N LYS E 282 -30.48 -5.82 52.29
CA LYS E 282 -31.69 -5.95 53.11
C LYS E 282 -32.90 -5.23 52.51
N VAL E 283 -32.67 -4.14 51.75
CA VAL E 283 -33.72 -3.32 51.13
C VAL E 283 -34.09 -3.83 49.72
N VAL E 284 -33.09 -4.04 48.85
CA VAL E 284 -33.28 -4.47 47.45
C VAL E 284 -33.56 -5.97 47.29
N CYS E 285 -32.73 -6.84 47.93
CA CYS E 285 -32.85 -8.29 47.80
C CYS E 285 -33.82 -8.96 48.78
N GLU E 286 -33.68 -8.67 50.09
CA GLU E 286 -34.50 -9.28 51.15
C GLU E 286 -35.95 -8.79 51.16
N GLN E 287 -36.17 -7.48 51.33
CA GLN E 287 -37.50 -6.87 51.41
C GLN E 287 -38.14 -6.56 50.05
N LYS E 288 -37.33 -6.58 48.95
CA LYS E 288 -37.73 -6.29 47.57
C LYS E 288 -38.31 -4.87 47.37
N LEU E 289 -37.82 -3.91 48.17
CA LEU E 289 -38.25 -2.51 48.13
C LEU E 289 -37.58 -1.74 47.00
N ARG E 290 -38.34 -0.88 46.31
CA ARG E 290 -37.89 -0.05 45.20
C ARG E 290 -38.28 1.43 45.41
N PRO E 291 -37.63 2.42 44.73
CA PRO E 291 -38.00 3.83 44.96
C PRO E 291 -39.47 4.13 44.70
N ASN E 292 -40.08 4.90 45.62
CA ASN E 292 -41.49 5.29 45.61
C ASN E 292 -41.88 6.18 44.42
N ILE E 293 -42.96 5.79 43.73
CA ILE E 293 -43.50 6.53 42.59
C ILE E 293 -44.77 7.29 43.06
N PRO E 294 -44.68 8.63 43.24
CA PRO E 294 -45.84 9.40 43.74
C PRO E 294 -47.08 9.39 42.84
N ASN E 295 -48.25 9.65 43.46
CA ASN E 295 -49.57 9.67 42.83
C ASN E 295 -49.78 10.78 41.80
N ARG E 296 -49.06 11.91 41.92
CA ARG E 296 -49.16 13.06 41.01
C ARG E 296 -48.62 12.78 39.59
N TRP E 297 -47.82 11.71 39.44
CA TRP E 297 -47.21 11.27 38.19
C TRP E 297 -48.24 10.70 37.19
N GLN E 298 -49.44 10.35 37.66
CA GLN E 298 -50.53 9.79 36.85
C GLN E 298 -51.34 10.88 36.12
N SER E 299 -51.02 12.17 36.35
CA SER E 299 -51.71 13.32 35.75
C SER E 299 -51.44 13.50 34.25
N CYS E 300 -50.17 13.61 33.84
CA CYS E 300 -49.78 13.81 32.45
C CYS E 300 -49.16 12.56 31.80
N GLU E 301 -49.14 12.53 30.45
CA GLU E 301 -48.62 11.44 29.62
C GLU E 301 -47.11 11.17 29.82
N ALA E 302 -46.28 12.24 29.80
CA ALA E 302 -44.83 12.18 29.95
C ALA E 302 -44.36 11.54 31.27
N LEU E 303 -45.00 11.92 32.40
CA LEU E 303 -44.69 11.39 33.73
C LEU E 303 -45.17 9.95 33.91
N ARG E 304 -46.27 9.57 33.21
CA ARG E 304 -46.88 8.24 33.26
C ARG E 304 -46.05 7.20 32.49
N VAL E 305 -45.52 7.59 31.30
CA VAL E 305 -44.70 6.75 30.43
C VAL E 305 -43.34 6.43 31.12
N MET E 306 -42.72 7.47 31.74
CA MET E 306 -41.46 7.35 32.48
C MET E 306 -41.57 6.37 33.66
N ALA E 307 -42.72 6.40 34.36
CA ALA E 307 -43.03 5.52 35.50
C ALA E 307 -43.22 4.07 35.05
N LYS E 308 -43.74 3.85 33.83
CA LYS E 308 -43.97 2.53 33.23
C LYS E 308 -42.62 1.87 32.88
N ILE E 309 -41.66 2.67 32.37
CA ILE E 309 -40.30 2.22 32.01
C ILE E 309 -39.53 1.86 33.28
N MET E 310 -39.61 2.72 34.33
CA MET E 310 -38.96 2.56 35.64
C MET E 310 -39.27 1.21 36.30
N ARG E 311 -40.56 0.81 36.32
CA ARG E 311 -41.01 -0.47 36.89
C ARG E 311 -40.58 -1.65 36.02
N GLU E 312 -40.40 -1.42 34.70
CA GLU E 312 -39.95 -2.41 33.73
C GLU E 312 -38.41 -2.54 33.70
N CYS E 313 -37.71 -1.70 34.48
CA CYS E 313 -36.25 -1.69 34.62
C CYS E 313 -35.83 -2.17 36.01
N TRP E 314 -36.75 -2.12 37.00
CA TRP E 314 -36.51 -2.52 38.38
C TRP E 314 -36.91 -3.97 38.70
N TYR E 315 -36.91 -4.86 37.68
CA TYR E 315 -37.26 -6.28 37.84
C TYR E 315 -36.21 -7.04 38.66
N ALA E 316 -36.66 -8.08 39.38
CA ALA E 316 -35.79 -8.96 40.19
C ALA E 316 -34.94 -9.83 39.26
N ASN E 317 -35.52 -10.23 38.11
CA ASN E 317 -34.87 -11.03 37.07
C ASN E 317 -34.26 -10.10 36.02
N GLY E 318 -33.04 -10.42 35.60
CA GLY E 318 -32.28 -9.64 34.62
C GLY E 318 -32.85 -9.64 33.22
N ALA E 319 -33.15 -10.85 32.68
CA ALA E 319 -33.69 -11.06 31.32
C ALA E 319 -35.03 -10.37 31.04
N ALA E 320 -35.87 -10.21 32.07
CA ALA E 320 -37.19 -9.56 31.96
C ALA E 320 -37.13 -8.05 31.68
N ARG E 321 -36.01 -7.40 32.07
CA ARG E 321 -35.78 -5.95 31.89
C ARG E 321 -35.72 -5.52 30.44
N LEU E 322 -36.00 -4.22 30.19
CA LEU E 322 -35.98 -3.60 28.85
C LEU E 322 -34.55 -3.47 28.33
N THR E 323 -34.40 -3.29 27.00
CA THR E 323 -33.09 -3.10 26.36
C THR E 323 -32.83 -1.61 26.16
N ALA E 324 -31.54 -1.21 26.05
CA ALA E 324 -31.10 0.17 25.85
C ALA E 324 -31.70 0.84 24.61
N LEU E 325 -31.91 0.06 23.53
CA LEU E 325 -32.50 0.54 22.28
C LEU E 325 -34.02 0.70 22.38
N ARG E 326 -34.68 -0.12 23.24
CA ARG E 326 -36.12 -0.09 23.47
C ARG E 326 -36.54 1.20 24.20
N ILE E 327 -35.76 1.60 25.23
CA ILE E 327 -35.98 2.82 26.02
C ILE E 327 -35.75 4.05 25.13
N LYS E 328 -34.77 3.97 24.21
CA LYS E 328 -34.41 5.01 23.24
C LYS E 328 -35.54 5.23 22.22
N LYS E 329 -36.15 4.13 21.72
CA LYS E 329 -37.23 4.16 20.73
C LYS E 329 -38.55 4.68 21.31
N THR E 330 -38.89 4.29 22.56
CA THR E 330 -40.12 4.72 23.24
C THR E 330 -40.10 6.21 23.59
N LEU E 331 -38.92 6.73 24.01
CA LEU E 331 -38.71 8.13 24.36
C LEU E 331 -38.74 9.03 23.12
N SER E 332 -38.28 8.51 21.96
CA SER E 332 -38.25 9.20 20.68
C SER E 332 -39.67 9.45 20.15
N GLN E 333 -40.59 8.50 20.43
CA GLN E 333 -42.00 8.58 20.04
C GLN E 333 -42.73 9.59 20.94
N LEU E 334 -42.35 9.64 22.23
CA LEU E 334 -42.91 10.55 23.23
C LEU E 334 -42.49 12.00 22.98
N SER E 335 -41.26 12.21 22.48
CA SER E 335 -40.72 13.55 22.16
C SER E 335 -41.42 14.17 20.95
N GLN E 336 -41.85 13.33 19.99
CA GLN E 336 -42.55 13.74 18.77
C GLN E 336 -43.96 14.28 19.03
N GLN E 337 -44.55 13.95 20.20
CA GLN E 337 -45.89 14.38 20.63
C GLN E 337 -45.94 15.89 20.91
N GLU E 338 -44.82 16.45 21.44
CA GLU E 338 -44.71 17.88 21.76
C GLU E 338 -43.60 18.60 20.96
N GLY E 339 -43.10 17.95 19.91
CA GLY E 339 -42.07 18.49 19.03
C GLY E 339 -40.66 18.06 19.42
#